data_3P2J
# 
_entry.id   3P2J 
# 
_audit_conform.dict_name       mmcif_pdbx.dic 
_audit_conform.dict_version    5.380 
_audit_conform.dict_location   http://mmcif.pdb.org/dictionaries/ascii/mmcif_pdbx.dic 
# 
loop_
_database_2.database_id 
_database_2.database_code 
_database_2.pdbx_database_accession 
_database_2.pdbx_DOI 
PDB   3P2J         pdb_00003p2j 10.2210/pdb3p2j/pdb 
RCSB  RCSB061875   ?            ?                   
WWPDB D_1000061875 ?            ?                   
# 
_pdbx_database_related.db_name        PDB 
_pdbx_database_related.db_id          3KJZ 
_pdbx_database_related.details        'Model PDB' 
_pdbx_database_related.content_type   unspecified 
# 
_pdbx_database_status.status_code                     REL 
_pdbx_database_status.entry_id                        3P2J 
_pdbx_database_status.recvd_initial_deposition_date   2010-10-02 
_pdbx_database_status.deposit_site                    RCSB 
_pdbx_database_status.process_site                    PDBJ 
_pdbx_database_status.status_code_sf                  REL 
_pdbx_database_status.status_code_mr                  ? 
_pdbx_database_status.SG_entry                        ? 
_pdbx_database_status.status_code_cs                  ? 
_pdbx_database_status.pdb_format_compatible           Y 
_pdbx_database_status.status_code_nmr_data            ? 
_pdbx_database_status.methods_development_category    ? 
# 
loop_
_audit_author.name 
_audit_author.pdbx_ordinal 
'Kumar, A.'   1 
'Singh, A.'   2 
'Yadav, R.'   3 
'Sinha, M.'   4 
'Arora, A.'   5 
'Sharma, S.'  6 
'Singh, T.P.' 7 
# 
_citation.id                        primary 
_citation.title                     'Crystal Structure of peptidyl-tRNA hydrolase from Mycobacterium smegmatis at 2.2 A resolution' 
_citation.journal_abbrev            'To be Published' 
_citation.journal_volume            ? 
_citation.page_first                ? 
_citation.page_last                 ? 
_citation.year                      ? 
_citation.journal_id_ASTM           ? 
_citation.country                   ? 
_citation.journal_id_ISSN           ? 
_citation.journal_id_CSD            0353 
_citation.book_publisher            ? 
_citation.pdbx_database_id_PubMed   ? 
_citation.pdbx_database_id_DOI      ? 
# 
loop_
_citation_author.citation_id 
_citation_author.name 
_citation_author.ordinal 
_citation_author.identifier_ORCID 
primary 'Kumar, A.'   1 ? 
primary 'Singh, A.'   2 ? 
primary 'Yadav, R.'   3 ? 
primary 'Sinha, M.'   4 ? 
primary 'Arora, A.'   5 ? 
primary 'Sharma, S.'  6 ? 
primary 'Singh, T.P.' 7 ? 
# 
_cell.entry_id           3P2J 
_cell.length_a           44.909 
_cell.length_b           58.943 
_cell.length_c           61.854 
_cell.angle_alpha        90.00 
_cell.angle_beta         90.00 
_cell.angle_gamma        90.00 
_cell.Z_PDB              4 
_cell.pdbx_unique_axis   ? 
_cell.length_a_esd       ? 
_cell.length_b_esd       ? 
_cell.length_c_esd       ? 
_cell.angle_alpha_esd    ? 
_cell.angle_beta_esd     ? 
_cell.angle_gamma_esd    ? 
# 
_symmetry.entry_id                         3P2J 
_symmetry.space_group_name_H-M             'P 21 21 21' 
_symmetry.pdbx_full_space_group_name_H-M   ? 
_symmetry.cell_setting                     ? 
_symmetry.Int_Tables_number                19 
_symmetry.space_group_name_Hall            ? 
# 
loop_
_entity.id 
_entity.type 
_entity.src_method 
_entity.pdbx_description 
_entity.formula_weight 
_entity.pdbx_number_of_molecules 
_entity.pdbx_ec 
_entity.pdbx_mutation 
_entity.pdbx_fragment 
_entity.details 
1 polymer man 'Peptidyl-tRNA hydrolase' 20270.268 1   3.1.1.29 ? ? ? 
2 water   nat water                     18.015    155 ?        ? ? ? 
# 
_entity_name_com.entity_id   1 
_entity_name_com.name        PTH 
# 
_entity_poly.entity_id                      1 
_entity_poly.type                           'polypeptide(L)' 
_entity_poly.nstd_linkage                   no 
_entity_poly.nstd_monomer                   no 
_entity_poly.pdbx_seq_one_letter_code       
;MAEPLLVVGLGNPGPTYAKTRHNLGFMVADVLAGRIGSAFKVHKKSGAEVVTGRLAGTTVVLAKPRISMNESGRQVGPLA
KFYSVPPQQIVVIHDELDIDFGRIRLKLGGGEGGHNGLRSVASALGTKNFHRVRIGVGRPPGRKDPAAFVLENFTSAERA
EVPTIVEQAADATELLIAQGLEPAQNTVHAW
;
_entity_poly.pdbx_seq_one_letter_code_can   
;MAEPLLVVGLGNPGPTYAKTRHNLGFMVADVLAGRIGSAFKVHKKSGAEVVTGRLAGTTVVLAKPRISMNESGRQVGPLA
KFYSVPPQQIVVIHDELDIDFGRIRLKLGGGEGGHNGLRSVASALGTKNFHRVRIGVGRPPGRKDPAAFVLENFTSAERA
EVPTIVEQAADATELLIAQGLEPAQNTVHAW
;
_entity_poly.pdbx_strand_id                 A 
_entity_poly.pdbx_target_identifier         ? 
# 
loop_
_entity_poly_seq.entity_id 
_entity_poly_seq.num 
_entity_poly_seq.mon_id 
_entity_poly_seq.hetero 
1 1   MET n 
1 2   ALA n 
1 3   GLU n 
1 4   PRO n 
1 5   LEU n 
1 6   LEU n 
1 7   VAL n 
1 8   VAL n 
1 9   GLY n 
1 10  LEU n 
1 11  GLY n 
1 12  ASN n 
1 13  PRO n 
1 14  GLY n 
1 15  PRO n 
1 16  THR n 
1 17  TYR n 
1 18  ALA n 
1 19  LYS n 
1 20  THR n 
1 21  ARG n 
1 22  HIS n 
1 23  ASN n 
1 24  LEU n 
1 25  GLY n 
1 26  PHE n 
1 27  MET n 
1 28  VAL n 
1 29  ALA n 
1 30  ASP n 
1 31  VAL n 
1 32  LEU n 
1 33  ALA n 
1 34  GLY n 
1 35  ARG n 
1 36  ILE n 
1 37  GLY n 
1 38  SER n 
1 39  ALA n 
1 40  PHE n 
1 41  LYS n 
1 42  VAL n 
1 43  HIS n 
1 44  LYS n 
1 45  LYS n 
1 46  SER n 
1 47  GLY n 
1 48  ALA n 
1 49  GLU n 
1 50  VAL n 
1 51  VAL n 
1 52  THR n 
1 53  GLY n 
1 54  ARG n 
1 55  LEU n 
1 56  ALA n 
1 57  GLY n 
1 58  THR n 
1 59  THR n 
1 60  VAL n 
1 61  VAL n 
1 62  LEU n 
1 63  ALA n 
1 64  LYS n 
1 65  PRO n 
1 66  ARG n 
1 67  ILE n 
1 68  SER n 
1 69  MET n 
1 70  ASN n 
1 71  GLU n 
1 72  SER n 
1 73  GLY n 
1 74  ARG n 
1 75  GLN n 
1 76  VAL n 
1 77  GLY n 
1 78  PRO n 
1 79  LEU n 
1 80  ALA n 
1 81  LYS n 
1 82  PHE n 
1 83  TYR n 
1 84  SER n 
1 85  VAL n 
1 86  PRO n 
1 87  PRO n 
1 88  GLN n 
1 89  GLN n 
1 90  ILE n 
1 91  VAL n 
1 92  VAL n 
1 93  ILE n 
1 94  HIS n 
1 95  ASP n 
1 96  GLU n 
1 97  LEU n 
1 98  ASP n 
1 99  ILE n 
1 100 ASP n 
1 101 PHE n 
1 102 GLY n 
1 103 ARG n 
1 104 ILE n 
1 105 ARG n 
1 106 LEU n 
1 107 LYS n 
1 108 LEU n 
1 109 GLY n 
1 110 GLY n 
1 111 GLY n 
1 112 GLU n 
1 113 GLY n 
1 114 GLY n 
1 115 HIS n 
1 116 ASN n 
1 117 GLY n 
1 118 LEU n 
1 119 ARG n 
1 120 SER n 
1 121 VAL n 
1 122 ALA n 
1 123 SER n 
1 124 ALA n 
1 125 LEU n 
1 126 GLY n 
1 127 THR n 
1 128 LYS n 
1 129 ASN n 
1 130 PHE n 
1 131 HIS n 
1 132 ARG n 
1 133 VAL n 
1 134 ARG n 
1 135 ILE n 
1 136 GLY n 
1 137 VAL n 
1 138 GLY n 
1 139 ARG n 
1 140 PRO n 
1 141 PRO n 
1 142 GLY n 
1 143 ARG n 
1 144 LYS n 
1 145 ASP n 
1 146 PRO n 
1 147 ALA n 
1 148 ALA n 
1 149 PHE n 
1 150 VAL n 
1 151 LEU n 
1 152 GLU n 
1 153 ASN n 
1 154 PHE n 
1 155 THR n 
1 156 SER n 
1 157 ALA n 
1 158 GLU n 
1 159 ARG n 
1 160 ALA n 
1 161 GLU n 
1 162 VAL n 
1 163 PRO n 
1 164 THR n 
1 165 ILE n 
1 166 VAL n 
1 167 GLU n 
1 168 GLN n 
1 169 ALA n 
1 170 ALA n 
1 171 ASP n 
1 172 ALA n 
1 173 THR n 
1 174 GLU n 
1 175 LEU n 
1 176 LEU n 
1 177 ILE n 
1 178 ALA n 
1 179 GLN n 
1 180 GLY n 
1 181 LEU n 
1 182 GLU n 
1 183 PRO n 
1 184 ALA n 
1 185 GLN n 
1 186 ASN n 
1 187 THR n 
1 188 VAL n 
1 189 HIS n 
1 190 ALA n 
1 191 TRP n 
# 
_entity_src_gen.entity_id                          1 
_entity_src_gen.pdbx_src_id                        1 
_entity_src_gen.pdbx_alt_source_flag               sample 
_entity_src_gen.pdbx_seq_type                      ? 
_entity_src_gen.pdbx_beg_seq_num                   ? 
_entity_src_gen.pdbx_end_seq_num                   ? 
_entity_src_gen.gene_src_common_name               ? 
_entity_src_gen.gene_src_genus                     ? 
_entity_src_gen.pdbx_gene_src_gene                 ? 
_entity_src_gen.gene_src_species                   ? 
_entity_src_gen.gene_src_strain                    'ATCC 700084 / MC(2)155' 
_entity_src_gen.gene_src_tissue                    ? 
_entity_src_gen.gene_src_tissue_fraction           ? 
_entity_src_gen.gene_src_details                   ? 
_entity_src_gen.pdbx_gene_src_fragment             ? 
_entity_src_gen.pdbx_gene_src_scientific_name      'Mycobacterium smegmatis' 
_entity_src_gen.pdbx_gene_src_ncbi_taxonomy_id     246196 
_entity_src_gen.pdbx_gene_src_variant              ? 
_entity_src_gen.pdbx_gene_src_cell_line            ? 
_entity_src_gen.pdbx_gene_src_atcc                 ? 
_entity_src_gen.pdbx_gene_src_organ                ? 
_entity_src_gen.pdbx_gene_src_organelle            ? 
_entity_src_gen.pdbx_gene_src_cell                 ? 
_entity_src_gen.pdbx_gene_src_cellular_location    ? 
_entity_src_gen.host_org_common_name               ? 
_entity_src_gen.pdbx_host_org_scientific_name      'Escherichia coli' 
_entity_src_gen.pdbx_host_org_ncbi_taxonomy_id     562 
_entity_src_gen.host_org_genus                     ? 
_entity_src_gen.pdbx_host_org_gene                 ? 
_entity_src_gen.pdbx_host_org_organ                ? 
_entity_src_gen.host_org_species                   ? 
_entity_src_gen.pdbx_host_org_tissue               ? 
_entity_src_gen.pdbx_host_org_tissue_fraction      ? 
_entity_src_gen.pdbx_host_org_strain               'Bl21 De3' 
_entity_src_gen.pdbx_host_org_variant              ? 
_entity_src_gen.pdbx_host_org_cell_line            ? 
_entity_src_gen.pdbx_host_org_atcc                 ? 
_entity_src_gen.pdbx_host_org_culture_collection   ? 
_entity_src_gen.pdbx_host_org_cell                 ? 
_entity_src_gen.pdbx_host_org_organelle            ? 
_entity_src_gen.pdbx_host_org_cellular_location    ? 
_entity_src_gen.pdbx_host_org_vector_type          Plasmid 
_entity_src_gen.pdbx_host_org_vector               ? 
_entity_src_gen.host_org_details                   ? 
_entity_src_gen.expression_system_id               ? 
_entity_src_gen.plasmid_name                       ? 
_entity_src_gen.plasmid_details                    ? 
_entity_src_gen.pdbx_description                   ? 
# 
_struct_ref.id                         1 
_struct_ref.db_name                    UNP 
_struct_ref.db_code                    PTH_MYCS2 
_struct_ref.pdbx_db_accession          A0R3D3 
_struct_ref.entity_id                  1 
_struct_ref.pdbx_seq_one_letter_code   
;MAEPLLVVGLGNPGPTYAKTRHNLGFMVADVLAGRIGSAFKVHKKSGAEVVTGRLAGTSVVLAKPRCYMNESGRQVGPLA
KFYSVPPQQIVVIHDELDIDFGRIRLKLGGGEGGHNGLRSVASALGTKNFHRVRIGVGRPPGRKDPAAFVLENFTAAERA
EVPTIVEQAADATELLIAQGLEPAQNTVHAW
;
_struct_ref.pdbx_align_begin           1 
_struct_ref.pdbx_db_isoform            ? 
# 
_struct_ref_seq.align_id                      1 
_struct_ref_seq.ref_id                        1 
_struct_ref_seq.pdbx_PDB_id_code              3P2J 
_struct_ref_seq.pdbx_strand_id                A 
_struct_ref_seq.seq_align_beg                 1 
_struct_ref_seq.pdbx_seq_align_beg_ins_code   ? 
_struct_ref_seq.seq_align_end                 191 
_struct_ref_seq.pdbx_seq_align_end_ins_code   ? 
_struct_ref_seq.pdbx_db_accession             A0R3D3 
_struct_ref_seq.db_align_beg                  1 
_struct_ref_seq.pdbx_db_align_beg_ins_code    ? 
_struct_ref_seq.db_align_end                  191 
_struct_ref_seq.pdbx_db_align_end_ins_code    ? 
_struct_ref_seq.pdbx_auth_seq_align_beg       1 
_struct_ref_seq.pdbx_auth_seq_align_end       191 
# 
loop_
_struct_ref_seq_dif.align_id 
_struct_ref_seq_dif.pdbx_pdb_id_code 
_struct_ref_seq_dif.mon_id 
_struct_ref_seq_dif.pdbx_pdb_strand_id 
_struct_ref_seq_dif.seq_num 
_struct_ref_seq_dif.pdbx_pdb_ins_code 
_struct_ref_seq_dif.pdbx_seq_db_name 
_struct_ref_seq_dif.pdbx_seq_db_accession_code 
_struct_ref_seq_dif.db_mon_id 
_struct_ref_seq_dif.pdbx_seq_db_seq_num 
_struct_ref_seq_dif.details 
_struct_ref_seq_dif.pdbx_auth_seq_num 
_struct_ref_seq_dif.pdbx_ordinal 
1 3P2J THR A 59  ? UNP A0R3D3 SER 59  'SEE REMARK 999' 59  1 
1 3P2J ILE A 67  ? UNP A0R3D3 CYS 67  'SEE REMARK 999' 67  2 
1 3P2J SER A 68  ? UNP A0R3D3 TYR 68  'SEE REMARK 999' 68  3 
1 3P2J SER A 156 ? UNP A0R3D3 ALA 156 'SEE REMARK 999' 156 4 
# 
loop_
_chem_comp.id 
_chem_comp.type 
_chem_comp.mon_nstd_flag 
_chem_comp.name 
_chem_comp.pdbx_synonyms 
_chem_comp.formula 
_chem_comp.formula_weight 
ALA 'L-peptide linking' y ALANINE         ? 'C3 H7 N O2'     89.093  
ARG 'L-peptide linking' y ARGININE        ? 'C6 H15 N4 O2 1' 175.209 
ASN 'L-peptide linking' y ASPARAGINE      ? 'C4 H8 N2 O3'    132.118 
ASP 'L-peptide linking' y 'ASPARTIC ACID' ? 'C4 H7 N O4'     133.103 
CYS 'L-peptide linking' y CYSTEINE        ? 'C3 H7 N O2 S'   121.158 
GLN 'L-peptide linking' y GLUTAMINE       ? 'C5 H10 N2 O3'   146.144 
GLU 'L-peptide linking' y 'GLUTAMIC ACID' ? 'C5 H9 N O4'     147.129 
GLY 'peptide linking'   y GLYCINE         ? 'C2 H5 N O2'     75.067  
HIS 'L-peptide linking' y HISTIDINE       ? 'C6 H10 N3 O2 1' 156.162 
HOH non-polymer         . WATER           ? 'H2 O'           18.015  
ILE 'L-peptide linking' y ISOLEUCINE      ? 'C6 H13 N O2'    131.173 
LEU 'L-peptide linking' y LEUCINE         ? 'C6 H13 N O2'    131.173 
LYS 'L-peptide linking' y LYSINE          ? 'C6 H15 N2 O2 1' 147.195 
MET 'L-peptide linking' y METHIONINE      ? 'C5 H11 N O2 S'  149.211 
PHE 'L-peptide linking' y PHENYLALANINE   ? 'C9 H11 N O2'    165.189 
PRO 'L-peptide linking' y PROLINE         ? 'C5 H9 N O2'     115.130 
SER 'L-peptide linking' y SERINE          ? 'C3 H7 N O3'     105.093 
THR 'L-peptide linking' y THREONINE       ? 'C4 H9 N O3'     119.119 
TRP 'L-peptide linking' y TRYPTOPHAN      ? 'C11 H12 N2 O2'  204.225 
TYR 'L-peptide linking' y TYROSINE        ? 'C9 H11 N O3'    181.189 
VAL 'L-peptide linking' y VALINE          ? 'C5 H11 N O2'    117.146 
# 
_exptl.entry_id          3P2J 
_exptl.method            'X-RAY DIFFRACTION' 
_exptl.crystals_number   1 
# 
_exptl_crystal.id                    1 
_exptl_crystal.density_meas          ? 
_exptl_crystal.density_Matthews      2.02 
_exptl_crystal.density_percent_sol   39.09 
_exptl_crystal.description           ? 
_exptl_crystal.F_000                 ? 
_exptl_crystal.preparation           ? 
# 
_exptl_crystal_grow.crystal_id      1 
_exptl_crystal_grow.method          'VAPOR DIFFUSION, HANGING DROP' 
_exptl_crystal_grow.temp            298 
_exptl_crystal_grow.temp_details    ? 
_exptl_crystal_grow.pH              7.5 
_exptl_crystal_grow.pdbx_details    
;20mM Tris-HCl, 1mM EDTA, 50mM NaCl, 10% isopropanol, 30% PEG 1500, 5mM 2-mercaptoethanol, pH 7.5, VAPOR DIFFUSION, HANGING DROP, temperature 298K
;
_exptl_crystal_grow.pdbx_pH_range   ? 
# 
_diffrn.id                     1 
_diffrn.ambient_temp           298 
_diffrn.ambient_temp_details   ? 
_diffrn.crystal_id             1 
# 
_diffrn_detector.diffrn_id              1 
_diffrn_detector.detector               'IMAGE PLATE' 
_diffrn_detector.type                   MARRESEARCH 
_diffrn_detector.pdbx_collection_date   2009-05-26 
_diffrn_detector.details                MIRROR 
# 
_diffrn_radiation.diffrn_id                        1 
_diffrn_radiation.wavelength_id                    1 
_diffrn_radiation.pdbx_monochromatic_or_laue_m_l   M 
_diffrn_radiation.monochromator                    GRAPHITE 
_diffrn_radiation.pdbx_diffrn_protocol             'SINGLE WAVELENGTH' 
_diffrn_radiation.pdbx_scattering_type             x-ray 
# 
_diffrn_radiation_wavelength.id           1 
_diffrn_radiation_wavelength.wavelength   1.514 
_diffrn_radiation_wavelength.wt           1.0 
# 
_diffrn_source.diffrn_id                   1 
_diffrn_source.source                      'ROTATING ANODE' 
_diffrn_source.type                        'RIGAKU RU300' 
_diffrn_source.pdbx_synchrotron_site       ? 
_diffrn_source.pdbx_synchrotron_beamline   ? 
_diffrn_source.pdbx_wavelength             ? 
_diffrn_source.pdbx_wavelength_list        1.514 
# 
_reflns.entry_id                     3P2J 
_reflns.observed_criterion_sigma_I   0.0 
_reflns.observed_criterion_sigma_F   0.0 
_reflns.d_resolution_low             42.67 
_reflns.d_resolution_high            2.22 
_reflns.number_obs                   8170 
_reflns.number_all                   8170 
_reflns.percent_possible_obs         95.6 
_reflns.pdbx_Rmerge_I_obs            ? 
_reflns.pdbx_Rsym_value              0.078 
_reflns.pdbx_netI_over_sigmaI        11.9 
_reflns.B_iso_Wilson_estimate        32.3 
_reflns.pdbx_redundancy              ? 
_reflns.R_free_details               ? 
_reflns.limit_h_max                  ? 
_reflns.limit_h_min                  ? 
_reflns.limit_k_max                  ? 
_reflns.limit_k_min                  ? 
_reflns.limit_l_max                  ? 
_reflns.limit_l_min                  ? 
_reflns.observed_criterion_F_max     ? 
_reflns.observed_criterion_F_min     ? 
_reflns.pdbx_chi_squared             ? 
_reflns.pdbx_scaling_rejects         ? 
_reflns.pdbx_ordinal                 1 
_reflns.pdbx_diffrn_id               1 
# 
_reflns_shell.d_res_high                  2.22 
_reflns_shell.d_res_low                   2.30 
_reflns_shell.percent_possible_all        89.4 
_reflns_shell.Rmerge_I_obs                ? 
_reflns_shell.pdbx_Rsym_value             0.641 
_reflns_shell.meanI_over_sigI_obs         2.0 
_reflns_shell.pdbx_redundancy             ? 
_reflns_shell.percent_possible_obs        ? 
_reflns_shell.number_unique_all           ? 
_reflns_shell.number_measured_all         ? 
_reflns_shell.number_measured_obs         ? 
_reflns_shell.number_unique_obs           ? 
_reflns_shell.pdbx_chi_squared            ? 
_reflns_shell.pdbx_rejects                ? 
_reflns_shell.pdbx_netI_over_sigmaI_obs   ? 
_reflns_shell.number_possible             ? 
_reflns_shell.Rmerge_F_all                ? 
_reflns_shell.Rmerge_F_obs                ? 
_reflns_shell.Rmerge_I_all                ? 
_reflns_shell.meanI_over_sigI_all         ? 
_reflns_shell.pdbx_Rrim_I_all             ? 
_reflns_shell.pdbx_Rpim_I_all             ? 
_reflns_shell.pdbx_ordinal                1 
_reflns_shell.pdbx_diffrn_id              1 
# 
_refine.entry_id                                 3P2J 
_refine.ls_number_reflns_obs                     7744 
_refine.ls_number_reflns_all                     8170 
_refine.pdbx_ls_sigma_I                          0.0 
_refine.pdbx_ls_sigma_F                          0.0 
_refine.pdbx_data_cutoff_high_absF               ? 
_refine.pdbx_data_cutoff_low_absF                ? 
_refine.pdbx_data_cutoff_high_rms_absF           ? 
_refine.ls_d_res_low                             14.96 
_refine.ls_d_res_high                            2.22 
_refine.ls_percent_reflns_obs                    95.53 
_refine.ls_R_factor_obs                          0.19293 
_refine.ls_R_factor_all                          0.193 
_refine.ls_R_factor_R_work                       0.19160 
_refine.ls_R_factor_R_free                       0.21818 
_refine.ls_R_factor_R_free_error                 ? 
_refine.ls_R_factor_R_free_error_details         ? 
_refine.ls_percent_reflns_R_free                 4.7 
_refine.ls_number_reflns_R_free                  379 
_refine.ls_number_parameters                     ? 
_refine.ls_number_restraints                     ? 
_refine.occupancy_min                            ? 
_refine.occupancy_max                            ? 
_refine.correlation_coeff_Fo_to_Fc               0.958 
_refine.correlation_coeff_Fo_to_Fc_free          0.940 
_refine.B_iso_mean                               36.270 
_refine.aniso_B[1][1]                            0.59 
_refine.aniso_B[2][2]                            -0.41 
_refine.aniso_B[3][3]                            -0.18 
_refine.aniso_B[1][2]                            0.00 
_refine.aniso_B[1][3]                            0.00 
_refine.aniso_B[2][3]                            0.00 
_refine.solvent_model_details                    MASK 
_refine.solvent_model_param_ksol                 ? 
_refine.solvent_model_param_bsol                 ? 
_refine.pdbx_solvent_vdw_probe_radii             1.40 
_refine.pdbx_solvent_ion_probe_radii             0.80 
_refine.pdbx_solvent_shrinkage_radii             0.80 
_refine.pdbx_ls_cross_valid_method               THROUGHOUT 
_refine.details                                  'HYDROGENS HAVE BEEN ADDED IN THE RIDING POSITIONS' 
_refine.pdbx_starting_model                      'PDB ENTRY 3KJZ' 
_refine.pdbx_method_to_determine_struct          'MOLECULAR REPLACEMENT' 
_refine.pdbx_isotropic_thermal_model             RESTRAINED 
_refine.pdbx_stereochemistry_target_values       'Engh & Huber' 
_refine.pdbx_stereochem_target_val_spec_case     ? 
_refine.pdbx_R_Free_selection_details            RANDOM 
_refine.pdbx_overall_ESU_R_Free                  0.226 
_refine.overall_SU_ML                            ? 
_refine.overall_SU_B                             ? 
_refine.overall_SU_R_Cruickshank_DPI             ? 
_refine.ls_redundancy_reflns_obs                 ? 
_refine.B_iso_min                                ? 
_refine.B_iso_max                                ? 
_refine.overall_SU_R_free                        ? 
_refine.ls_wR_factor_R_free                      ? 
_refine.ls_wR_factor_R_work                      ? 
_refine.overall_FOM_free_R_set                   ? 
_refine.overall_FOM_work_R_set                   ? 
_refine.pdbx_overall_phase_error                 ? 
_refine.pdbx_refine_id                           'X-RAY DIFFRACTION' 
_refine.pdbx_overall_ESU_R                       ? 
_refine.pdbx_diffrn_id                           1 
_refine.pdbx_TLS_residual_ADP_flag               ? 
_refine.pdbx_overall_SU_R_free_Cruickshank_DPI   ? 
_refine.pdbx_overall_SU_R_Blow_DPI               ? 
_refine.pdbx_overall_SU_R_free_Blow_DPI          ? 
# 
_refine_analyze.entry_id                        3P2J 
_refine_analyze.Luzzati_coordinate_error_obs    0.26 
_refine_analyze.Luzzati_sigma_a_obs             0.35 
_refine_analyze.Luzzati_d_res_low_obs           5.00 
_refine_analyze.Luzzati_coordinate_error_free   0.32 
_refine_analyze.Luzzati_sigma_a_free            0.35 
_refine_analyze.Luzzati_d_res_low_free          ? 
_refine_analyze.number_disordered_residues      ? 
_refine_analyze.occupancy_sum_hydrogen          ? 
_refine_analyze.occupancy_sum_non_hydrogen      ? 
_refine_analyze.pdbx_Luzzati_d_res_high_obs     ? 
_refine_analyze.pdbx_refine_id                  'X-RAY DIFFRACTION' 
# 
_refine_hist.pdbx_refine_id                   'X-RAY DIFFRACTION' 
_refine_hist.cycle_id                         LAST 
_refine_hist.pdbx_number_atoms_protein        1428 
_refine_hist.pdbx_number_atoms_nucleic_acid   0 
_refine_hist.pdbx_number_atoms_ligand         0 
_refine_hist.number_atoms_solvent             155 
_refine_hist.number_atoms_total               1583 
_refine_hist.d_res_high                       2.22 
_refine_hist.d_res_low                        14.96 
# 
loop_
_refine_ls_restr.type 
_refine_ls_restr.dev_ideal 
_refine_ls_restr.dev_ideal_target 
_refine_ls_restr.weight 
_refine_ls_restr.number 
_refine_ls_restr.pdbx_refine_id 
_refine_ls_restr.pdbx_restraint_function 
r_bond_refined_d       0.013  0.022  ? 1455 'X-RAY DIFFRACTION' ? 
r_angle_refined_deg    1.707  1.966  ? 1972 'X-RAY DIFFRACTION' ? 
r_dihedral_angle_1_deg 1.602  5.000  ? 190  'X-RAY DIFFRACTION' ? 
r_dihedral_angle_2_deg 37.979 22.881 ? 59   'X-RAY DIFFRACTION' ? 
r_dihedral_angle_3_deg 16.984 15.000 ? 237  'X-RAY DIFFRACTION' ? 
r_dihedral_angle_4_deg 17.788 15.000 ? 13   'X-RAY DIFFRACTION' ? 
r_chiral_restr         0.110  0.200  ? 224  'X-RAY DIFFRACTION' ? 
r_gen_planes_refined   0.005  0.021  ? 1104 'X-RAY DIFFRACTION' ? 
r_mcbond_it            1.296  1.500  ? 943  'X-RAY DIFFRACTION' ? 
r_mcangle_it           2.323  2.000  ? 1510 'X-RAY DIFFRACTION' ? 
r_scbond_it            1.973  3.000  ? 512  'X-RAY DIFFRACTION' ? 
r_scangle_it           3.164  4.500  ? 462  'X-RAY DIFFRACTION' ? 
# 
_refine_ls_shell.pdbx_refine_id                   'X-RAY DIFFRACTION' 
_refine_ls_shell.pdbx_total_number_of_bins_used   20 
_refine_ls_shell.d_res_high                       2.224 
_refine_ls_shell.d_res_low                        2.282 
_refine_ls_shell.number_reflns_R_work             514 
_refine_ls_shell.R_factor_R_work                  0.333 
_refine_ls_shell.percent_reflns_obs               86.83 
_refine_ls_shell.R_factor_R_free                  0.202 
_refine_ls_shell.R_factor_R_free_error            ? 
_refine_ls_shell.percent_reflns_R_free            ? 
_refine_ls_shell.number_reflns_R_free             20 
_refine_ls_shell.number_reflns_all                ? 
_refine_ls_shell.R_factor_all                     ? 
_refine_ls_shell.number_reflns_obs                ? 
_refine_ls_shell.redundancy_reflns_obs            ? 
# 
_struct.entry_id                  3P2J 
_struct.title                     'Crystal structure of peptidyl-tRNA hydrolase from Mycobacterium smegmatis at 2.2 A resolution' 
_struct.pdbx_model_details        ? 
_struct.pdbx_CASP_flag            ? 
_struct.pdbx_model_type_details   ? 
# 
_struct_keywords.entry_id        3P2J 
_struct_keywords.pdbx_keywords   HYDROLASE 
_struct_keywords.text            hydrolase 
# 
loop_
_struct_asym.id 
_struct_asym.pdbx_blank_PDB_chainid_flag 
_struct_asym.pdbx_modified 
_struct_asym.entity_id 
_struct_asym.details 
A N N 1 ? 
B N N 2 ? 
# 
_struct_biol.id        1 
_struct_biol.details   ? 
# 
loop_
_struct_conf.conf_type_id 
_struct_conf.id 
_struct_conf.pdbx_PDB_helix_id 
_struct_conf.beg_label_comp_id 
_struct_conf.beg_label_asym_id 
_struct_conf.beg_label_seq_id 
_struct_conf.pdbx_beg_PDB_ins_code 
_struct_conf.end_label_comp_id 
_struct_conf.end_label_asym_id 
_struct_conf.end_label_seq_id 
_struct_conf.pdbx_end_PDB_ins_code 
_struct_conf.beg_auth_comp_id 
_struct_conf.beg_auth_asym_id 
_struct_conf.beg_auth_seq_id 
_struct_conf.end_auth_comp_id 
_struct_conf.end_auth_asym_id 
_struct_conf.end_auth_seq_id 
_struct_conf.pdbx_PDB_helix_class 
_struct_conf.details 
_struct_conf.pdbx_PDB_helix_length 
HELX_P HELX_P1  1  THR A 20  ? HIS A 22  ? THR A 20  HIS A 22  5 ? 3  
HELX_P HELX_P2  2  ASN A 23  ? GLY A 37  ? ASN A 23  GLY A 37  1 ? 15 
HELX_P HELX_P3  3  SER A 68  ? GLU A 71  ? SER A 68  GLU A 71  5 ? 4  
HELX_P HELX_P4  4  SER A 72  ? TYR A 83  ? SER A 72  TYR A 83  1 ? 12 
HELX_P HELX_P5  5  PRO A 86  ? GLN A 88  ? PRO A 86  GLN A 88  5 ? 3  
HELX_P HELX_P6  6  HIS A 115 ? GLY A 126 ? HIS A 115 GLY A 126 1 ? 12 
HELX_P HELX_P7  7  ASP A 145 ? VAL A 150 ? ASP A 145 VAL A 150 1 ? 6  
HELX_P HELX_P8  8  THR A 155 ? ALA A 160 ? THR A 155 ALA A 160 1 ? 6  
HELX_P HELX_P9  9  GLU A 161 ? GLY A 180 ? GLU A 161 GLY A 180 1 ? 20 
HELX_P HELX_P10 10 GLY A 180 ? HIS A 189 ? GLY A 180 HIS A 189 1 ? 10 
# 
_struct_conf_type.id          HELX_P 
_struct_conf_type.criteria    ? 
_struct_conf_type.reference   ? 
# 
_struct_sheet.id               A 
_struct_sheet.type             ? 
_struct_sheet.number_strands   7 
_struct_sheet.details          ? 
# 
loop_
_struct_sheet_order.sheet_id 
_struct_sheet_order.range_id_1 
_struct_sheet_order.range_id_2 
_struct_sheet_order.offset 
_struct_sheet_order.sense 
A 1 2 ? anti-parallel 
A 2 3 ? anti-parallel 
A 3 4 ? parallel      
A 4 5 ? parallel      
A 5 6 ? parallel      
A 6 7 ? anti-parallel 
# 
loop_
_struct_sheet_range.sheet_id 
_struct_sheet_range.id 
_struct_sheet_range.beg_label_comp_id 
_struct_sheet_range.beg_label_asym_id 
_struct_sheet_range.beg_label_seq_id 
_struct_sheet_range.pdbx_beg_PDB_ins_code 
_struct_sheet_range.end_label_comp_id 
_struct_sheet_range.end_label_asym_id 
_struct_sheet_range.end_label_seq_id 
_struct_sheet_range.pdbx_end_PDB_ins_code 
_struct_sheet_range.beg_auth_comp_id 
_struct_sheet_range.beg_auth_asym_id 
_struct_sheet_range.beg_auth_seq_id 
_struct_sheet_range.end_auth_comp_id 
_struct_sheet_range.end_auth_asym_id 
_struct_sheet_range.end_auth_seq_id 
A 1 LYS A 41  ? VAL A 42  ? LYS A 41  VAL A 42  
A 2 GLU A 49  ? LEU A 55  ? GLU A 49  LEU A 55  
A 3 THR A 58  ? LYS A 64  ? THR A 58  LYS A 64  
A 4 LEU A 5   ? GLY A 9   ? LEU A 5   GLY A 9   
A 5 ILE A 90  ? GLU A 96  ? ILE A 90  GLU A 96  
A 6 HIS A 131 ? GLY A 136 ? HIS A 131 GLY A 136 
A 7 ILE A 104 ? LEU A 108 ? ILE A 104 LEU A 108 
# 
loop_
_pdbx_struct_sheet_hbond.sheet_id 
_pdbx_struct_sheet_hbond.range_id_1 
_pdbx_struct_sheet_hbond.range_id_2 
_pdbx_struct_sheet_hbond.range_1_label_atom_id 
_pdbx_struct_sheet_hbond.range_1_label_comp_id 
_pdbx_struct_sheet_hbond.range_1_label_asym_id 
_pdbx_struct_sheet_hbond.range_1_label_seq_id 
_pdbx_struct_sheet_hbond.range_1_PDB_ins_code 
_pdbx_struct_sheet_hbond.range_1_auth_atom_id 
_pdbx_struct_sheet_hbond.range_1_auth_comp_id 
_pdbx_struct_sheet_hbond.range_1_auth_asym_id 
_pdbx_struct_sheet_hbond.range_1_auth_seq_id 
_pdbx_struct_sheet_hbond.range_2_label_atom_id 
_pdbx_struct_sheet_hbond.range_2_label_comp_id 
_pdbx_struct_sheet_hbond.range_2_label_asym_id 
_pdbx_struct_sheet_hbond.range_2_label_seq_id 
_pdbx_struct_sheet_hbond.range_2_PDB_ins_code 
_pdbx_struct_sheet_hbond.range_2_auth_atom_id 
_pdbx_struct_sheet_hbond.range_2_auth_comp_id 
_pdbx_struct_sheet_hbond.range_2_auth_asym_id 
_pdbx_struct_sheet_hbond.range_2_auth_seq_id 
A 1 2 N LYS A 41  ? N LYS A 41  O VAL A 50  ? O VAL A 50  
A 2 3 N VAL A 51  ? N VAL A 51  O LEU A 62  ? O LEU A 62  
A 3 4 O ALA A 63  ? O ALA A 63  N VAL A 7   ? N VAL A 7   
A 4 5 N VAL A 8   ? N VAL A 8   O VAL A 91  ? O VAL A 91  
A 5 6 N VAL A 92  ? N VAL A 92  O HIS A 131 ? O HIS A 131 
A 6 7 O ARG A 134 ? O ARG A 134 N ARG A 105 ? N ARG A 105 
# 
_atom_sites.entry_id                    3P2J 
_atom_sites.fract_transf_matrix[1][1]   -0.00618657 
_atom_sites.fract_transf_matrix[1][2]   -0.00861027 
_atom_sites.fract_transf_matrix[1][3]   0.01958083 
_atom_sites.fract_transf_matrix[2][1]   -0.00600573 
_atom_sites.fract_transf_matrix[2][2]   -0.01373868 
_atom_sites.fract_transf_matrix[2][3]   -0.00793882 
_atom_sites.fract_transf_matrix[3][1]   0.01443760 
_atom_sites.fract_transf_matrix[3][2]   -0.00713433 
_atom_sites.fract_transf_matrix[3][3]   0.00142439 
_atom_sites.fract_transf_vector[1]      0.192086 
_atom_sites.fract_transf_vector[2]      -0.086453 
_atom_sites.fract_transf_vector[3]      -0.165793 
# 
loop_
_atom_type.symbol 
C 
N 
O 
S 
# 
loop_
_atom_site.group_PDB 
_atom_site.id 
_atom_site.type_symbol 
_atom_site.label_atom_id 
_atom_site.label_alt_id 
_atom_site.label_comp_id 
_atom_site.label_asym_id 
_atom_site.label_entity_id 
_atom_site.label_seq_id 
_atom_site.pdbx_PDB_ins_code 
_atom_site.Cartn_x 
_atom_site.Cartn_y 
_atom_site.Cartn_z 
_atom_site.occupancy 
_atom_site.B_iso_or_equiv 
_atom_site.pdbx_formal_charge 
_atom_site.auth_seq_id 
_atom_site.auth_comp_id 
_atom_site.auth_asym_id 
_atom_site.auth_atom_id 
_atom_site.pdbx_PDB_model_num 
ATOM   1    N N   . MET A 1 1   ? -13.254 2.970   22.712  1.00 75.53 ? 1   MET A N   1 
ATOM   2    C CA  . MET A 1 1   ? -14.268 2.237   21.889  1.00 74.91 ? 1   MET A CA  1 
ATOM   3    C C   . MET A 1 1   ? -14.019 2.332   20.388  1.00 73.52 ? 1   MET A C   1 
ATOM   4    O O   . MET A 1 1   ? -14.829 2.908   19.652  1.00 73.76 ? 1   MET A O   1 
ATOM   5    C CB  . MET A 1 1   ? -15.675 2.760   22.185  1.00 76.17 ? 1   MET A CB  1 
ATOM   6    C CG  . MET A 1 1   ? -16.311 2.112   23.389  1.00 77.62 ? 1   MET A CG  1 
ATOM   7    S SD  . MET A 1 1   ? -16.549 0.325   23.214  1.00 79.39 ? 1   MET A SD  1 
ATOM   8    C CE  . MET A 1 1   ? -18.362 0.285   23.227  1.00 78.63 ? 1   MET A CE  1 
ATOM   9    N N   . ALA A 1 2   ? -12.920 1.754   19.918  1.00 70.93 ? 2   ALA A N   1 
ATOM   10   C CA  . ALA A 1 2   ? -12.645 1.830   18.492  1.00 68.14 ? 2   ALA A CA  1 
ATOM   11   C C   . ALA A 1 2   ? -12.045 0.580   17.859  1.00 65.78 ? 2   ALA A C   1 
ATOM   12   O O   . ALA A 1 2   ? -12.773 -0.321  17.427  1.00 65.99 ? 2   ALA A O   1 
ATOM   13   C CB  . ALA A 1 2   ? -11.758 3.040   18.203  1.00 67.83 ? 2   ALA A CB  1 
ATOM   14   N N   . GLU A 1 3   ? -10.715 0.535   17.809  1.00 62.56 ? 3   GLU A N   1 
ATOM   15   C CA  . GLU A 1 3   ? -9.984  -0.568  17.191  1.00 57.88 ? 3   GLU A CA  1 
ATOM   16   C C   . GLU A 1 3   ? -10.161 -0.396  15.679  1.00 52.57 ? 3   GLU A C   1 
ATOM   17   O O   . GLU A 1 3   ? -10.940 -1.111  15.046  1.00 51.98 ? 3   GLU A O   1 
ATOM   18   C CB  . GLU A 1 3   ? -10.551 -1.923  17.638  1.00 59.76 ? 3   GLU A CB  1 
ATOM   19   C CG  . GLU A 1 3   ? -9.591  -3.093  17.425  1.00 62.13 ? 3   GLU A CG  1 
ATOM   20   C CD  . GLU A 1 3   ? -8.759  -3.416  18.664  1.00 63.22 ? 3   GLU A CD  1 
ATOM   21   O OE1 . GLU A 1 3   ? -8.492  -2.501  19.478  1.00 63.03 ? 3   GLU A OE1 1 
ATOM   22   O OE2 . GLU A 1 3   ? -8.364  -4.595  18.815  1.00 63.78 ? 3   GLU A OE2 1 
ATOM   23   N N   . PRO A 1 4   ? -9.446  0.575   15.086  1.00 47.70 ? 4   PRO A N   1 
ATOM   24   C CA  . PRO A 1 4   ? -9.530  0.846   13.649  1.00 44.46 ? 4   PRO A CA  1 
ATOM   25   C C   . PRO A 1 4   ? -8.664  -0.073  12.808  1.00 40.52 ? 4   PRO A C   1 
ATOM   26   O O   . PRO A 1 4   ? -8.005  -0.966  13.322  1.00 40.32 ? 4   PRO A O   1 
ATOM   27   C CB  . PRO A 1 4   ? -9.061  2.288   13.554  1.00 43.48 ? 4   PRO A CB  1 
ATOM   28   C CG  . PRO A 1 4   ? -7.968  2.304   14.557  1.00 44.94 ? 4   PRO A CG  1 
ATOM   29   C CD  . PRO A 1 4   ? -8.584  1.574   15.742  1.00 46.33 ? 4   PRO A CD  1 
ATOM   30   N N   . LEU A 1 5   ? -8.699  0.148   11.501  1.00 37.19 ? 5   LEU A N   1 
ATOM   31   C CA  . LEU A 1 5   ? -7.884  -0.611  10.576  1.00 33.17 ? 5   LEU A CA  1 
ATOM   32   C C   . LEU A 1 5   ? -6.776  0.347   10.215  1.00 31.04 ? 5   LEU A C   1 
ATOM   33   O O   . LEU A 1 5   ? -6.994  1.558   10.180  1.00 31.76 ? 5   LEU A O   1 
ATOM   34   C CB  . LEU A 1 5   ? -8.650  -0.937  9.300   1.00 34.00 ? 5   LEU A CB  1 
ATOM   35   C CG  . LEU A 1 5   ? -9.937  -1.751  9.358   1.00 35.08 ? 5   LEU A CG  1 
ATOM   36   C CD1 . LEU A 1 5   ? -10.496 -1.856  7.954   1.00 35.49 ? 5   LEU A CD1 1 
ATOM   37   C CD2 . LEU A 1 5   ? -9.671  -3.130  9.925   1.00 35.98 ? 5   LEU A CD2 1 
ATOM   38   N N   . LEU A 1 6   ? -5.590  -0.180  9.949   1.00 28.58 ? 6   LEU A N   1 
ATOM   39   C CA  . LEU A 1 6   ? -4.476  0.669   9.551   1.00 24.79 ? 6   LEU A CA  1 
ATOM   40   C C   . LEU A 1 6   ? -4.231  0.429   8.068   1.00 24.23 ? 6   LEU A C   1 
ATOM   41   O O   . LEU A 1 6   ? -3.955  -0.693  7.649   1.00 23.10 ? 6   LEU A O   1 
ATOM   42   C CB  . LEU A 1 6   ? -3.216  0.326   10.353  1.00 24.15 ? 6   LEU A CB  1 
ATOM   43   C CG  . LEU A 1 6   ? -1.929  1.095   10.015  1.00 22.92 ? 6   LEU A CG  1 
ATOM   44   C CD1 . LEU A 1 6   ? -2.099  2.579   10.305  1.00 23.57 ? 6   LEU A CD1 1 
ATOM   45   C CD2 . LEU A 1 6   ? -0.791  0.546   10.837  1.00 22.29 ? 6   LEU A CD2 1 
ATOM   46   N N   . VAL A 1 7   ? -4.373  1.467   7.260   1.00 22.52 ? 7   VAL A N   1 
ATOM   47   C CA  . VAL A 1 7   ? -4.124  1.299   5.844   1.00 21.74 ? 7   VAL A CA  1 
ATOM   48   C C   . VAL A 1 7   ? -2.808  1.992   5.560   1.00 22.59 ? 7   VAL A C   1 
ATOM   49   O O   . VAL A 1 7   ? -2.659  3.179   5.820   1.00 23.10 ? 7   VAL A O   1 
ATOM   50   C CB  . VAL A 1 7   ? -5.238  1.907   5.001   1.00 20.00 ? 7   VAL A CB  1 
ATOM   51   C CG1 . VAL A 1 7   ? -4.966  1.650   3.529   1.00 22.13 ? 7   VAL A CG1 1 
ATOM   52   C CG2 . VAL A 1 7   ? -6.556  1.288   5.390   1.00 19.63 ? 7   VAL A CG2 1 
ATOM   53   N N   . VAL A 1 8   ? -1.846  1.241   5.041   1.00 23.40 ? 8   VAL A N   1 
ATOM   54   C CA  . VAL A 1 8   ? -0.528  1.794   4.764   1.00 21.94 ? 8   VAL A CA  1 
ATOM   55   C C   . VAL A 1 8   ? -0.168  1.788   3.284   1.00 22.60 ? 8   VAL A C   1 
ATOM   56   O O   . VAL A 1 8   ? -0.259  0.755   2.622   1.00 23.46 ? 8   VAL A O   1 
ATOM   57   C CB  . VAL A 1 8   ? 0.555   0.998   5.519   1.00 22.60 ? 8   VAL A CB  1 
ATOM   58   C CG1 . VAL A 1 8   ? 1.939   1.477   5.110   1.00 19.71 ? 8   VAL A CG1 1 
ATOM   59   C CG2 . VAL A 1 8   ? 0.345   1.131   7.016   1.00 20.75 ? 8   VAL A CG2 1 
ATOM   60   N N   . GLY A 1 9   ? 0.234   2.948   2.772   1.00 21.93 ? 9   GLY A N   1 
ATOM   61   C CA  . GLY A 1 9   ? 0.650   3.040   1.387   1.00 21.77 ? 9   GLY A CA  1 
ATOM   62   C C   . GLY A 1 9   ? 2.168   3.045   1.406   1.00 22.71 ? 9   GLY A C   1 
ATOM   63   O O   . GLY A 1 9   ? 2.759   3.834   2.128   1.00 24.11 ? 9   GLY A O   1 
ATOM   64   N N   . LEU A 1 10  ? 2.812   2.169   0.645   1.00 24.01 ? 10  LEU A N   1 
ATOM   65   C CA  . LEU A 1 10  ? 4.275   2.134   0.628   1.00 23.96 ? 10  LEU A CA  1 
ATOM   66   C C   . LEU A 1 10  ? 4.878   2.899   -0.545  1.00 24.79 ? 10  LEU A C   1 
ATOM   67   O O   . LEU A 1 10  ? 4.360   2.862   -1.660  1.00 25.50 ? 10  LEU A O   1 
ATOM   68   C CB  . LEU A 1 10  ? 4.777   0.694   0.594   1.00 24.57 ? 10  LEU A CB  1 
ATOM   69   C CG  . LEU A 1 10  ? 4.468   -0.194  1.797   1.00 25.40 ? 10  LEU A CG  1 
ATOM   70   C CD1 . LEU A 1 10  ? 5.106   -1.549  1.580   1.00 25.56 ? 10  LEU A CD1 1 
ATOM   71   C CD2 . LEU A 1 10  ? 4.991   0.446   3.071   1.00 24.40 ? 10  LEU A CD2 1 
ATOM   72   N N   . GLY A 1 11  ? 5.985   3.584   -0.276  1.00 24.38 ? 11  GLY A N   1 
ATOM   73   C CA  . GLY A 1 11  ? 6.668   4.352   -1.295  1.00 25.38 ? 11  GLY A CA  1 
ATOM   74   C C   . GLY A 1 11  ? 7.823   5.111   -0.669  1.00 27.16 ? 11  GLY A C   1 
ATOM   75   O O   . GLY A 1 11  ? 8.032   5.043   0.542   1.00 27.42 ? 11  GLY A O   1 
ATOM   76   N N   . ASN A 1 12  ? 8.584   5.829   -1.492  1.00 27.97 ? 12  ASN A N   1 
ATOM   77   C CA  . ASN A 1 12  ? 9.713   6.613   -1.007  1.00 28.26 ? 12  ASN A CA  1 
ATOM   78   C C   . ASN A 1 12  ? 9.345   8.084   -1.044  1.00 29.81 ? 12  ASN A C   1 
ATOM   79   O O   . ASN A 1 12  ? 8.687   8.541   -1.980  1.00 31.28 ? 12  ASN A O   1 
ATOM   80   C CB  . ASN A 1 12  ? 10.946  6.368   -1.873  1.00 28.29 ? 12  ASN A CB  1 
ATOM   81   C CG  . ASN A 1 12  ? 11.558  5.013   -1.632  1.00 30.66 ? 12  ASN A CG  1 
ATOM   82   O OD1 . ASN A 1 12  ? 11.889  4.669   -0.496  1.00 33.08 ? 12  ASN A OD1 1 
ATOM   83   N ND2 . ASN A 1 12  ? 11.718  4.230   -2.693  1.00 30.69 ? 12  ASN A ND2 1 
ATOM   84   N N   . PRO A 1 13  ? 9.763   8.845   -0.020  1.00 29.90 ? 13  PRO A N   1 
ATOM   85   C CA  . PRO A 1 13  ? 9.520   10.283  0.151   1.00 29.92 ? 13  PRO A CA  1 
ATOM   86   C C   . PRO A 1 13  ? 10.279  11.184  -0.818  1.00 30.18 ? 13  PRO A C   1 
ATOM   87   O O   . PRO A 1 13  ? 11.358  10.839  -1.287  1.00 31.11 ? 13  PRO A O   1 
ATOM   88   C CB  . PRO A 1 13  ? 9.951   10.524  1.589   1.00 31.02 ? 13  PRO A CB  1 
ATOM   89   C CG  . PRO A 1 13  ? 11.102  9.589   1.731   1.00 31.41 ? 13  PRO A CG  1 
ATOM   90   C CD  . PRO A 1 13  ? 10.542  8.319   1.114   1.00 31.22 ? 13  PRO A CD  1 
ATOM   91   N N   . GLY A 1 14  ? 9.708   12.344  -1.113  1.00 30.13 ? 14  GLY A N   1 
ATOM   92   C CA  . GLY A 1 14  ? 10.378  13.277  -2.000  1.00 31.33 ? 14  GLY A CA  1 
ATOM   93   C C   . GLY A 1 14  ? 9.887   13.281  -3.434  1.00 31.94 ? 14  GLY A C   1 
ATOM   94   O O   . GLY A 1 14  ? 9.351   12.287  -3.922  1.00 32.72 ? 14  GLY A O   1 
ATOM   95   N N   . PRO A 1 15  ? 10.090  14.397  -4.146  1.00 31.83 ? 15  PRO A N   1 
ATOM   96   C CA  . PRO A 1 15  ? 9.670   14.561  -5.537  1.00 32.23 ? 15  PRO A CA  1 
ATOM   97   C C   . PRO A 1 15  ? 10.362  13.559  -6.440  1.00 31.93 ? 15  PRO A C   1 
ATOM   98   O O   . PRO A 1 15  ? 9.793   13.074  -7.412  1.00 31.93 ? 15  PRO A O   1 
ATOM   99   C CB  . PRO A 1 15  ? 10.104  15.994  -5.873  1.00 33.57 ? 15  PRO A CB  1 
ATOM   100  C CG  . PRO A 1 15  ? 10.354  16.645  -4.551  1.00 34.17 ? 15  PRO A CG  1 
ATOM   101  C CD  . PRO A 1 15  ? 10.925  15.536  -3.724  1.00 33.54 ? 15  PRO A CD  1 
ATOM   102  N N   . THR A 1 16  ? 11.610  13.271  -6.099  1.00 32.38 ? 16  THR A N   1 
ATOM   103  C CA  . THR A 1 16  ? 12.446  12.355  -6.852  1.00 31.80 ? 16  THR A CA  1 
ATOM   104  C C   . THR A 1 16  ? 11.785  11.013  -7.146  1.00 31.85 ? 16  THR A C   1 
ATOM   105  O O   . THR A 1 16  ? 11.974  10.457  -8.230  1.00 31.86 ? 16  THR A O   1 
ATOM   106  C CB  . THR A 1 16  ? 13.784  12.125  -6.101  1.00 33.28 ? 16  THR A CB  1 
ATOM   107  O OG1 . THR A 1 16  ? 14.497  13.368  -6.015  1.00 34.26 ? 16  THR A OG1 1 
ATOM   108  C CG2 . THR A 1 16  ? 14.649  11.100  -6.811  1.00 30.68 ? 16  THR A CG2 1 
ATOM   109  N N   . TYR A 1 17  ? 10.992  10.502  -6.205  1.00 31.13 ? 17  TYR A N   1 
ATOM   110  C CA  . TYR A 1 17  ? 10.360  9.198   -6.398  1.00 30.28 ? 17  TYR A CA  1 
ATOM   111  C C   . TYR A 1 17  ? 8.860   9.213   -6.646  1.00 29.51 ? 17  TYR A C   1 
ATOM   112  O O   . TYR A 1 17  ? 8.292   8.204   -7.056  1.00 28.31 ? 17  TYR A O   1 
ATOM   113  C CB  . TYR A 1 17  ? 10.629  8.296   -5.194  1.00 28.74 ? 17  TYR A CB  1 
ATOM   114  C CG  . TYR A 1 17  ? 12.081  8.174   -4.819  1.00 29.04 ? 17  TYR A CG  1 
ATOM   115  C CD1 . TYR A 1 17  ? 12.673  9.070   -3.920  1.00 28.77 ? 17  TYR A CD1 1 
ATOM   116  C CD2 . TYR A 1 17  ? 12.869  7.162   -5.358  1.00 27.73 ? 17  TYR A CD2 1 
ATOM   117  C CE1 . TYR A 1 17  ? 14.011  8.955   -3.569  1.00 28.15 ? 17  TYR A CE1 1 
ATOM   118  C CE2 . TYR A 1 17  ? 14.203  7.041   -5.015  1.00 27.75 ? 17  TYR A CE2 1 
ATOM   119  C CZ  . TYR A 1 17  ? 14.766  7.936   -4.126  1.00 27.47 ? 17  TYR A CZ  1 
ATOM   120  O OH  . TYR A 1 17  ? 16.082  7.802   -3.801  1.00 26.80 ? 17  TYR A OH  1 
ATOM   121  N N   . ALA A 1 18  ? 8.231   10.352  -6.385  1.00 30.21 ? 18  ALA A N   1 
ATOM   122  C CA  . ALA A 1 18  ? 6.792   10.524  -6.539  1.00 29.57 ? 18  ALA A CA  1 
ATOM   123  C C   . ALA A 1 18  ? 6.127   9.756   -7.678  1.00 29.83 ? 18  ALA A C   1 
ATOM   124  O O   . ALA A 1 18  ? 5.026   9.233   -7.518  1.00 29.42 ? 18  ALA A O   1 
ATOM   125  C CB  . ALA A 1 18  ? 6.479   11.991  -6.676  1.00 28.71 ? 18  ALA A CB  1 
ATOM   126  N N   . LYS A 1 19  ? 6.789   9.672   -8.822  1.00 30.34 ? 19  LYS A N   1 
ATOM   127  C CA  . LYS A 1 19  ? 6.190   9.000   -9.958  1.00 30.59 ? 19  LYS A CA  1 
ATOM   128  C C   . LYS A 1 19  ? 6.763   7.650   -10.337 1.00 28.96 ? 19  LYS A C   1 
ATOM   129  O O   . LYS A 1 19  ? 6.407   7.102   -11.379 1.00 27.73 ? 19  LYS A O   1 
ATOM   130  C CB  . LYS A 1 19  ? 6.227   9.927   -11.170 1.00 33.16 ? 19  LYS A CB  1 
ATOM   131  C CG  . LYS A 1 19  ? 5.329   11.138  -11.022 1.00 36.77 ? 19  LYS A CG  1 
ATOM   132  C CD  . LYS A 1 19  ? 5.319   11.973  -12.285 1.00 39.92 ? 19  LYS A CD  1 
ATOM   133  C CE  . LYS A 1 19  ? 5.832   13.378  -12.018 1.00 41.48 ? 19  LYS A CE  1 
ATOM   134  N NZ  . LYS A 1 19  ? 5.855   14.206  -13.266 1.00 43.75 ? 19  LYS A NZ  1 
ATOM   135  N N   . THR A 1 20  ? 7.641   7.102   -9.507  1.00 28.04 ? 20  THR A N   1 
ATOM   136  C CA  . THR A 1 20  ? 8.220   5.803   -9.834  1.00 29.83 ? 20  THR A CA  1 
ATOM   137  C C   . THR A 1 20  ? 7.219   4.687   -9.550  1.00 28.89 ? 20  THR A C   1 
ATOM   138  O O   . THR A 1 20  ? 6.195   4.903   -8.902  1.00 29.07 ? 20  THR A O   1 
ATOM   139  C CB  . THR A 1 20  ? 9.514   5.525   -9.043  1.00 30.14 ? 20  THR A CB  1 
ATOM   140  O OG1 . THR A 1 20  ? 9.208   5.418   -7.651  1.00 32.63 ? 20  THR A OG1 1 
ATOM   141  C CG2 . THR A 1 20  ? 10.526  6.656   -9.249  1.00 30.64 ? 20  THR A CG2 1 
ATOM   142  N N   . ARG A 1 21  ? 7.517   3.501   -10.058 1.00 27.85 ? 21  ARG A N   1 
ATOM   143  C CA  . ARG A 1 21  ? 6.650   2.352   -9.868  1.00 28.27 ? 21  ARG A CA  1 
ATOM   144  C C   . ARG A 1 21  ? 6.552   1.976   -8.403  1.00 28.21 ? 21  ARG A C   1 
ATOM   145  O O   . ARG A 1 21  ? 5.491   1.562   -7.932  1.00 28.82 ? 21  ARG A O   1 
ATOM   146  C CB  . ARG A 1 21  ? 7.182   1.156   -10.651 1.00 27.02 ? 21  ARG A CB  1 
ATOM   147  C CG  . ARG A 1 21  ? 7.258   1.377   -12.148 1.00 29.57 ? 21  ARG A CG  1 
ATOM   148  C CD  . ARG A 1 21  ? 7.574   0.076   -12.875 1.00 29.99 ? 21  ARG A CD  1 
ATOM   149  N NE  . ARG A 1 21  ? 7.397   0.233   -14.313 1.00 32.53 ? 21  ARG A NE  1 
ATOM   150  C CZ  . ARG A 1 21  ? 8.289   0.797   -15.120 1.00 34.24 ? 21  ARG A CZ  1 
ATOM   151  N NH1 . ARG A 1 21  ? 9.438   1.253   -14.634 1.00 33.74 ? 21  ARG A NH1 1 
ATOM   152  N NH2 . ARG A 1 21  ? 8.019   0.925   -16.413 1.00 34.48 ? 21  ARG A NH2 1 
ATOM   153  N N   . HIS A 1 22  ? 7.666   2.121   -7.691  1.00 27.21 ? 22  HIS A N   1 
ATOM   154  C CA  . HIS A 1 22  ? 7.737   1.777   -6.282  1.00 25.89 ? 22  HIS A CA  1 
ATOM   155  C C   . HIS A 1 22  ? 6.882   2.699   -5.424  1.00 25.73 ? 22  HIS A C   1 
ATOM   156  O O   . HIS A 1 22  ? 6.759   2.495   -4.218  1.00 24.65 ? 22  HIS A O   1 
ATOM   157  C CB  . HIS A 1 22  ? 9.196   1.820   -5.819  1.00 25.92 ? 22  HIS A CB  1 
ATOM   158  C CG  . HIS A 1 22  ? 9.599   0.661   -4.959  1.00 26.02 ? 22  HIS A CG  1 
ATOM   159  N ND1 . HIS A 1 22  ? 9.042   -0.594  -5.091  1.00 26.63 ? 22  HIS A ND1 1 
ATOM   160  C CD2 . HIS A 1 22  ? 10.530  0.557   -3.981  1.00 26.37 ? 22  HIS A CD2 1 
ATOM   161  C CE1 . HIS A 1 22  ? 9.607   -1.419  -4.230  1.00 27.03 ? 22  HIS A CE1 1 
ATOM   162  N NE2 . HIS A 1 22  ? 10.514  -0.745  -3.543  1.00 29.86 ? 22  HIS A NE2 1 
ATOM   163  N N   . ASN A 1 23  ? 6.286   3.714   -6.041  1.00 25.18 ? 23  ASN A N   1 
ATOM   164  C CA  . ASN A 1 23  ? 5.437   4.624   -5.280  1.00 25.33 ? 23  ASN A CA  1 
ATOM   165  C C   . ASN A 1 23  ? 3.931   4.463   -5.526  1.00 25.35 ? 23  ASN A C   1 
ATOM   166  O O   . ASN A 1 23  ? 3.144   5.338   -5.167  1.00 26.66 ? 23  ASN A O   1 
ATOM   167  C CB  . ASN A 1 23  ? 5.870   6.076   -5.509  1.00 24.11 ? 23  ASN A CB  1 
ATOM   168  C CG  . ASN A 1 23  ? 6.916   6.538   -4.492  1.00 25.13 ? 23  ASN A CG  1 
ATOM   169  O OD1 . ASN A 1 23  ? 7.950   5.889   -4.304  1.00 25.04 ? 23  ASN A OD1 1 
ATOM   170  N ND2 . ASN A 1 23  ? 6.643   7.658   -3.828  1.00 20.30 ? 23  ASN A ND2 1 
ATOM   171  N N   . LEU A 1 24  ? 3.520   3.343   -6.118  1.00 24.80 ? 24  LEU A N   1 
ATOM   172  C CA  . LEU A 1 24  ? 2.092   3.116   -6.350  1.00 24.66 ? 24  LEU A CA  1 
ATOM   173  C C   . LEU A 1 24  ? 1.339   3.196   -5.030  1.00 24.39 ? 24  LEU A C   1 
ATOM   174  O O   . LEU A 1 24  ? 0.251   3.765   -4.967  1.00 23.57 ? 24  LEU A O   1 
ATOM   175  C CB  . LEU A 1 24  ? 1.853   1.746   -7.002  1.00 23.81 ? 24  LEU A CB  1 
ATOM   176  C CG  . LEU A 1 24  ? 2.029   1.773   -8.526  1.00 25.13 ? 24  LEU A CG  1 
ATOM   177  C CD1 . LEU A 1 24  ? 1.928   0.371   -9.105  1.00 25.20 ? 24  LEU A CD1 1 
ATOM   178  C CD2 . LEU A 1 24  ? 0.979   2.695   -9.134  1.00 22.36 ? 24  LEU A CD2 1 
ATOM   179  N N   . GLY A 1 25  ? 1.933   2.623   -3.983  1.00 23.37 ? 25  GLY A N   1 
ATOM   180  C CA  . GLY A 1 25  ? 1.331   2.636   -2.662  1.00 23.49 ? 25  GLY A CA  1 
ATOM   181  C C   . GLY A 1 25  ? 0.968   4.029   -2.184  1.00 24.75 ? 25  GLY A C   1 
ATOM   182  O O   . GLY A 1 25  ? -0.102  4.222   -1.600  1.00 24.29 ? 25  GLY A O   1 
ATOM   183  N N   . PHE A 1 26  ? 1.862   4.992   -2.417  1.00 25.38 ? 26  PHE A N   1 
ATOM   184  C CA  . PHE A 1 26  ? 1.638   6.399   -2.044  1.00 27.16 ? 26  PHE A CA  1 
ATOM   185  C C   . PHE A 1 26  ? 0.498   7.028   -2.841  1.00 26.47 ? 26  PHE A C   1 
ATOM   186  O O   . PHE A 1 26  ? -0.329  7.760   -2.291  1.00 26.90 ? 26  PHE A O   1 
ATOM   187  C CB  . PHE A 1 26  ? 2.898   7.236   -2.297  1.00 26.75 ? 26  PHE A CB  1 
ATOM   188  C CG  . PHE A 1 26  ? 3.822   7.323   -1.127  1.00 26.82 ? 26  PHE A CG  1 
ATOM   189  C CD1 . PHE A 1 26  ? 3.744   6.408   -0.080  1.00 25.54 ? 26  PHE A CD1 1 
ATOM   190  C CD2 . PHE A 1 26  ? 4.799   8.305   -1.086  1.00 26.85 ? 26  PHE A CD2 1 
ATOM   191  C CE1 . PHE A 1 26  ? 4.625   6.473   0.982   1.00 27.01 ? 26  PHE A CE1 1 
ATOM   192  C CE2 . PHE A 1 26  ? 5.682   8.375   -0.026  1.00 26.99 ? 26  PHE A CE2 1 
ATOM   193  C CZ  . PHE A 1 26  ? 5.596   7.457   1.011   1.00 26.04 ? 26  PHE A CZ  1 
ATOM   194  N N   . MET A 1 27  ? 0.491   6.756   -4.144  1.00 26.13 ? 27  MET A N   1 
ATOM   195  C CA  . MET A 1 27  ? -0.520  7.277   -5.056  1.00 26.51 ? 27  MET A CA  1 
ATOM   196  C C   . MET A 1 27  ? -1.917  6.859   -4.627  1.00 25.65 ? 27  MET A C   1 
ATOM   197  O O   . MET A 1 27  ? -2.843  7.670   -4.616  1.00 26.12 ? 27  MET A O   1 
ATOM   198  C CB  . MET A 1 27  ? -0.239  6.797   -6.494  1.00 25.90 ? 27  MET A CB  1 
ATOM   199  C CG  . MET A 1 27  ? 0.983   7.447   -7.132  1.00 27.20 ? 27  MET A CG  1 
ATOM   200  S SD  . MET A 1 27  ? 1.271   7.031   -8.871  1.00 31.22 ? 27  MET A SD  1 
ATOM   201  C CE  . MET A 1 27  ? 3.056   6.677   -8.812  1.00 28.34 ? 27  MET A CE  1 
ATOM   202  N N   . VAL A 1 28  ? -2.060  5.588   -4.270  1.00 25.62 ? 28  VAL A N   1 
ATOM   203  C CA  . VAL A 1 28  ? -3.345  5.058   -3.829  1.00 24.28 ? 28  VAL A CA  1 
ATOM   204  C C   . VAL A 1 28  ? -3.744  5.703   -2.508  1.00 25.04 ? 28  VAL A C   1 
ATOM   205  O O   . VAL A 1 28  ? -4.895  6.096   -2.324  1.00 26.28 ? 28  VAL A O   1 
ATOM   206  C CB  . VAL A 1 28  ? -3.274  3.539   -3.647  1.00 23.85 ? 28  VAL A CB  1 
ATOM   207  C CG1 . VAL A 1 28  ? -4.603  3.012   -3.091  1.00 23.59 ? 28  VAL A CG1 1 
ATOM   208  C CG2 . VAL A 1 28  ? -2.941  2.889   -4.970  1.00 19.03 ? 28  VAL A CG2 1 
ATOM   209  N N   . ALA A 1 29  ? -2.780  5.813   -1.598  1.00 25.72 ? 29  ALA A N   1 
ATOM   210  C CA  . ALA A 1 29  ? -3.010  6.417   -0.295  1.00 25.95 ? 29  ALA A CA  1 
ATOM   211  C C   . ALA A 1 29  ? -3.447  7.869   -0.454  1.00 24.87 ? 29  ALA A C   1 
ATOM   212  O O   . ALA A 1 29  ? -4.295  8.346   0.294   1.00 24.99 ? 29  ALA A O   1 
ATOM   213  C CB  . ALA A 1 29  ? -1.737  6.335   0.560   1.00 24.82 ? 29  ALA A CB  1 
ATOM   214  N N   . ASP A 1 30  ? -2.866  8.578   -1.419  1.00 26.69 ? 30  ASP A N   1 
ATOM   215  C CA  . ASP A 1 30  ? -3.248  9.976   -1.638  1.00 28.62 ? 30  ASP A CA  1 
ATOM   216  C C   . ASP A 1 30  ? -4.690  10.060  -2.143  1.00 29.91 ? 30  ASP A C   1 
ATOM   217  O O   . ASP A 1 30  ? -5.400  11.023  -1.872  1.00 30.01 ? 30  ASP A O   1 
ATOM   218  C CB  . ASP A 1 30  ? -2.302  10.669  -2.629  1.00 29.55 ? 30  ASP A CB  1 
ATOM   219  C CG  . ASP A 1 30  ? -0.973  11.093  -1.987  1.00 31.14 ? 30  ASP A CG  1 
ATOM   220  O OD1 . ASP A 1 30  ? -0.946  11.408  -0.774  1.00 30.42 ? 30  ASP A OD1 1 
ATOM   221  O OD2 . ASP A 1 30  ? 0.045   11.134  -2.709  1.00 31.06 ? 30  ASP A OD2 1 
ATOM   222  N N   . VAL A 1 31  ? -5.124  9.043   -2.880  1.00 31.03 ? 31  VAL A N   1 
ATOM   223  C CA  . VAL A 1 31  ? -6.492  9.006   -3.383  1.00 32.23 ? 31  VAL A CA  1 
ATOM   224  C C   . VAL A 1 31  ? -7.460  8.729   -2.225  1.00 33.66 ? 31  VAL A C   1 
ATOM   225  O O   . VAL A 1 31  ? -8.511  9.363   -2.122  1.00 33.97 ? 31  VAL A O   1 
ATOM   226  C CB  . VAL A 1 31  ? -6.649  7.920   -4.478  1.00 32.61 ? 31  VAL A CB  1 
ATOM   227  C CG1 . VAL A 1 31  ? -8.118  7.579   -4.692  1.00 31.82 ? 31  VAL A CG1 1 
ATOM   228  C CG2 . VAL A 1 31  ? -6.031  8.416   -5.788  1.00 32.67 ? 31  VAL A CG2 1 
ATOM   229  N N   . LEU A 1 32  ? -7.101  7.788   -1.354  1.00 33.50 ? 32  LEU A N   1 
ATOM   230  C CA  . LEU A 1 32  ? -7.934  7.433   -0.209  1.00 33.45 ? 32  LEU A CA  1 
ATOM   231  C C   . LEU A 1 32  ? -8.104  8.605   0.728   1.00 34.01 ? 32  LEU A C   1 
ATOM   232  O O   . LEU A 1 32  ? -9.182  8.849   1.260   1.00 32.87 ? 32  LEU A O   1 
ATOM   233  C CB  . LEU A 1 32  ? -7.317  6.236   0.529   1.00 32.75 ? 32  LEU A CB  1 
ATOM   234  C CG  . LEU A 1 32  ? -7.378  4.931   -0.277  1.00 33.11 ? 32  LEU A CG  1 
ATOM   235  C CD1 . LEU A 1 32  ? -6.589  3.845   0.418   1.00 34.64 ? 32  LEU A CD1 1 
ATOM   236  C CD2 . LEU A 1 32  ? -8.834  4.522   -0.436  1.00 33.84 ? 32  LEU A CD2 1 
ATOM   237  N N   . ALA A 1 33  ? -7.020  9.340   0.932   1.00 35.36 ? 33  ALA A N   1 
ATOM   238  C CA  . ALA A 1 33  ? -7.056  10.513  1.807   1.00 35.82 ? 33  ALA A CA  1 
ATOM   239  C C   . ALA A 1 33  ? -7.989  11.520  1.148   1.00 36.56 ? 33  ALA A C   1 
ATOM   240  O O   . ALA A 1 33  ? -8.680  12.244  1.855   1.00 35.21 ? 33  ALA A O   1 
ATOM   241  C CB  . ALA A 1 33  ? -5.661  11.124  1.966   1.00 33.41 ? 33  ALA A CB  1 
ATOM   242  N N   . GLY A 1 34  ? -7.999  11.564  -0.193  1.00 37.17 ? 34  GLY A N   1 
ATOM   243  C CA  . GLY A 1 34  ? -8.875  12.489  -0.910  1.00 38.62 ? 34  GLY A CA  1 
ATOM   244  C C   . GLY A 1 34  ? -10.340 12.090  -0.802  1.00 38.45 ? 34  GLY A C   1 
ATOM   245  O O   . GLY A 1 34  ? -11.227 12.913  -1.020  1.00 39.04 ? 34  GLY A O   1 
ATOM   246  N N   . ARG A 1 35  ? -10.591 10.824  -0.474  1.00 39.24 ? 35  ARG A N   1 
ATOM   247  C CA  . ARG A 1 35  ? -11.956 10.320  -0.313  1.00 38.62 ? 35  ARG A CA  1 
ATOM   248  C C   . ARG A 1 35  ? -12.449 10.618  1.090   1.00 38.17 ? 35  ARG A C   1 
ATOM   249  O O   . ARG A 1 35  ? -13.641 10.833  1.305   1.00 39.86 ? 35  ARG A O   1 
ATOM   250  C CB  . ARG A 1 35  ? -12.016 8.811   -0.583  1.00 36.85 ? 35  ARG A CB  1 
ATOM   251  C CG  . ARG A 1 35  ? -11.682 8.468   -2.018  1.00 34.07 ? 35  ARG A CG  1 
ATOM   252  C CD  . ARG A 1 35  ? -11.967 7.024   -2.370  1.00 32.68 ? 35  ARG A CD  1 
ATOM   253  N NE  . ARG A 1 35  ? -11.732 6.834   -3.797  1.00 31.59 ? 35  ARG A NE  1 
ATOM   254  C CZ  . ARG A 1 35  ? -11.847 5.684   -4.447  1.00 31.43 ? 35  ARG A CZ  1 
ATOM   255  N NH1 . ARG A 1 35  ? -12.200 4.575   -3.806  1.00 31.12 ? 35  ARG A NH1 1 
ATOM   256  N NH2 . ARG A 1 35  ? -11.598 5.649   -5.750  1.00 31.63 ? 35  ARG A NH2 1 
ATOM   257  N N   . ILE A 1 36  ? -11.516 10.629  2.034   1.00 38.10 ? 36  ILE A N   1 
ATOM   258  C CA  . ILE A 1 36  ? -11.818 10.917  3.429   1.00 37.19 ? 36  ILE A CA  1 
ATOM   259  C C   . ILE A 1 36  ? -11.973 12.428  3.605   1.00 38.74 ? 36  ILE A C   1 
ATOM   260  O O   . ILE A 1 36  ? -12.686 12.881  4.497   1.00 39.41 ? 36  ILE A O   1 
ATOM   261  C CB  . ILE A 1 36  ? -10.694 10.404  4.350   1.00 36.75 ? 36  ILE A CB  1 
ATOM   262  C CG1 . ILE A 1 36  ? -10.702 8.870   4.368   1.00 34.19 ? 36  ILE A CG1 1 
ATOM   263  C CG2 . ILE A 1 36  ? -10.850 10.995  5.754   1.00 35.74 ? 36  ILE A CG2 1 
ATOM   264  C CD1 . ILE A 1 36  ? -9.504  8.245   5.053   1.00 30.53 ? 36  ILE A CD1 1 
ATOM   265  N N   . GLY A 1 37  ? -11.300 13.201  2.755   1.00 38.79 ? 37  GLY A N   1 
ATOM   266  C CA  . GLY A 1 37  ? -11.416 14.650  2.820   1.00 41.13 ? 37  GLY A CA  1 
ATOM   267  C C   . GLY A 1 37  ? -10.376 15.464  3.579   1.00 42.40 ? 37  GLY A C   1 
ATOM   268  O O   . GLY A 1 37  ? -10.494 16.693  3.656   1.00 43.02 ? 37  GLY A O   1 
ATOM   269  N N   . SER A 1 38  ? -9.363  14.814  4.143   1.00 42.07 ? 38  SER A N   1 
ATOM   270  C CA  . SER A 1 38  ? -8.342  15.550  4.877   1.00 42.59 ? 38  SER A CA  1 
ATOM   271  C C   . SER A 1 38  ? -6.960  15.276  4.321   1.00 42.40 ? 38  SER A C   1 
ATOM   272  O O   . SER A 1 38  ? -6.712  14.233  3.716   1.00 43.50 ? 38  SER A O   1 
ATOM   273  C CB  . SER A 1 38  ? -8.355  15.175  6.356   1.00 43.03 ? 38  SER A CB  1 
ATOM   274  O OG  . SER A 1 38  ? -7.678  13.950  6.554   1.00 44.95 ? 38  SER A OG  1 
ATOM   275  N N   . ALA A 1 39  ? -6.062  16.226  4.529   1.00 41.54 ? 39  ALA A N   1 
ATOM   276  C CA  . ALA A 1 39  ? -4.695  16.098  4.069   1.00 40.53 ? 39  ALA A CA  1 
ATOM   277  C C   . ALA A 1 39  ? -3.921  15.356  5.153   1.00 39.81 ? 39  ALA A C   1 
ATOM   278  O O   . ALA A 1 39  ? -4.374  15.263  6.294   1.00 39.23 ? 39  ALA A O   1 
ATOM   279  C CB  . ALA A 1 39  ? -4.091  17.484  3.848   1.00 40.07 ? 39  ALA A CB  1 
ATOM   280  N N   . PHE A 1 40  ? -2.764  14.813  4.791   1.00 39.17 ? 40  PHE A N   1 
ATOM   281  C CA  . PHE A 1 40  ? -1.948  14.106  5.761   1.00 38.70 ? 40  PHE A CA  1 
ATOM   282  C C   . PHE A 1 40  ? -1.231  15.103  6.670   1.00 38.91 ? 40  PHE A C   1 
ATOM   283  O O   . PHE A 1 40  ? -0.815  16.178  6.233   1.00 38.04 ? 40  PHE A O   1 
ATOM   284  C CB  . PHE A 1 40  ? -0.884  13.230  5.073   1.00 37.37 ? 40  PHE A CB  1 
ATOM   285  C CG  . PHE A 1 40  ? -1.432  12.010  4.372   1.00 34.91 ? 40  PHE A CG  1 
ATOM   286  C CD1 . PHE A 1 40  ? -1.904  12.089  3.066   1.00 32.87 ? 40  PHE A CD1 1 
ATOM   287  C CD2 . PHE A 1 40  ? -1.426  10.767  5.008   1.00 33.11 ? 40  PHE A CD2 1 
ATOM   288  C CE1 . PHE A 1 40  ? -2.353  10.949  2.400   1.00 32.20 ? 40  PHE A CE1 1 
ATOM   289  C CE2 . PHE A 1 40  ? -1.876  9.623   4.353   1.00 32.20 ? 40  PHE A CE2 1 
ATOM   290  C CZ  . PHE A 1 40  ? -2.338  9.715   3.044   1.00 31.74 ? 40  PHE A CZ  1 
ATOM   291  N N   . LYS A 1 41  ? -1.106  14.725  7.937   1.00 38.33 ? 41  LYS A N   1 
ATOM   292  C CA  . LYS A 1 41  ? -0.401  15.507  8.940   1.00 38.47 ? 41  LYS A CA  1 
ATOM   293  C C   . LYS A 1 41  ? 0.605   14.524  9.511   1.00 37.59 ? 41  LYS A C   1 
ATOM   294  O O   . LYS A 1 41  ? 0.377   13.318  9.473   1.00 38.73 ? 41  LYS A O   1 
ATOM   295  C CB  . LYS A 1 41  ? -1.347  15.963  10.056  1.00 39.57 ? 41  LYS A CB  1 
ATOM   296  C CG  . LYS A 1 41  ? -2.307  17.070  9.671   1.00 41.21 ? 41  LYS A CG  1 
ATOM   297  C CD  . LYS A 1 41  ? -1.569  18.302  9.163   1.00 43.54 ? 41  LYS A CD  1 
ATOM   298  C CE  . LYS A 1 41  ? -2.457  19.532  9.214   1.00 44.70 ? 41  LYS A CE  1 
ATOM   299  N NZ  . LYS A 1 41  ? -3.902  19.162  9.304   1.00 46.94 ? 41  LYS A NZ  1 
ATOM   300  N N   . VAL A 1 42  ? 1.715   15.019  10.034  1.00 35.67 ? 42  VAL A N   1 
ATOM   301  C CA  . VAL A 1 42  ? 2.700   14.121  10.601  1.00 34.57 ? 42  VAL A CA  1 
ATOM   302  C C   . VAL A 1 42  ? 2.277   13.665  11.993  1.00 33.36 ? 42  VAL A C   1 
ATOM   303  O O   . VAL A 1 42  ? 1.930   14.484  12.847  1.00 32.12 ? 42  VAL A O   1 
ATOM   304  C CB  . VAL A 1 42  ? 4.087   14.784  10.669  1.00 34.81 ? 42  VAL A CB  1 
ATOM   305  C CG1 . VAL A 1 42  ? 5.067   13.866  11.382  1.00 33.57 ? 42  VAL A CG1 1 
ATOM   306  C CG2 . VAL A 1 42  ? 4.581   15.073  9.255   1.00 34.72 ? 42  VAL A CG2 1 
ATOM   307  N N   . HIS A 1 43  ? 2.284   12.348  12.197  1.00 31.62 ? 43  HIS A N   1 
ATOM   308  C CA  . HIS A 1 43  ? 1.923   11.730  13.474  1.00 29.72 ? 43  HIS A CA  1 
ATOM   309  C C   . HIS A 1 43  ? 3.205   11.849  14.292  1.00 30.04 ? 43  HIS A C   1 
ATOM   310  O O   . HIS A 1 43  ? 4.152   11.089  14.105  1.00 29.24 ? 43  HIS A O   1 
ATOM   311  C CB  . HIS A 1 43  ? 1.536   10.274  13.214  1.00 28.17 ? 43  HIS A CB  1 
ATOM   312  C CG  . HIS A 1 43  ? 1.078   9.535   14.429  1.00 27.77 ? 43  HIS A CG  1 
ATOM   313  N ND1 . HIS A 1 43  ? 1.919   8.744   15.181  1.00 27.59 ? 43  HIS A ND1 1 
ATOM   314  C CD2 . HIS A 1 43  ? -0.140  9.453   15.013  1.00 25.63 ? 43  HIS A CD2 1 
ATOM   315  C CE1 . HIS A 1 43  ? 1.239   8.203   16.176  1.00 26.74 ? 43  HIS A CE1 1 
ATOM   316  N NE2 . HIS A 1 43  ? -0.013  8.617   16.096  1.00 27.78 ? 43  HIS A NE2 1 
ATOM   317  N N   . LYS A 1 44  ? 3.243   12.799  15.214  1.00 31.43 ? 44  LYS A N   1 
ATOM   318  C CA  . LYS A 1 44  ? 4.490   13.025  15.925  1.00 33.74 ? 44  LYS A CA  1 
ATOM   319  C C   . LYS A 1 44  ? 5.099   11.918  16.779  1.00 33.63 ? 44  LYS A C   1 
ATOM   320  O O   . LYS A 1 44  ? 6.316   11.885  16.942  1.00 35.27 ? 44  LYS A O   1 
ATOM   321  C CB  . LYS A 1 44  ? 4.412   14.346  16.705  1.00 35.23 ? 44  LYS A CB  1 
ATOM   322  C CG  . LYS A 1 44  ? 3.639   14.332  18.004  1.00 38.31 ? 44  LYS A CG  1 
ATOM   323  C CD  . LYS A 1 44  ? 3.478   15.773  18.497  1.00 41.63 ? 44  LYS A CD  1 
ATOM   324  C CE  . LYS A 1 44  ? 3.462   15.883  20.024  1.00 44.76 ? 44  LYS A CE  1 
ATOM   325  N NZ  . LYS A 1 44  ? 2.418   15.037  20.685  1.00 45.69 ? 44  LYS A NZ  1 
ATOM   326  N N   . LYS A 1 45  ? 4.292   10.996  17.293  1.00 33.05 ? 45  LYS A N   1 
ATOM   327  C CA  . LYS A 1 45  ? 4.825   9.920   18.125  1.00 32.13 ? 45  LYS A CA  1 
ATOM   328  C C   . LYS A 1 45  ? 5.422   8.779   17.312  1.00 32.67 ? 45  LYS A C   1 
ATOM   329  O O   . LYS A 1 45  ? 6.059   7.885   17.867  1.00 33.33 ? 45  LYS A O   1 
ATOM   330  C CB  . LYS A 1 45  ? 3.740   9.384   19.060  1.00 32.39 ? 45  LYS A CB  1 
ATOM   331  C CG  . LYS A 1 45  ? 3.346   10.361  20.176  1.00 32.52 ? 45  LYS A CG  1 
ATOM   332  C CD  . LYS A 1 45  ? 4.509   10.621  21.120  1.00 33.47 ? 45  LYS A CD  1 
ATOM   333  C CE  . LYS A 1 45  ? 4.119   11.558  22.260  1.00 33.84 ? 45  LYS A CE  1 
ATOM   334  N NZ  . LYS A 1 45  ? 5.271   11.792  23.189  1.00 34.69 ? 45  LYS A NZ  1 
ATOM   335  N N   . SER A 1 46  ? 5.223   8.808   15.998  1.00 31.96 ? 46  SER A N   1 
ATOM   336  C CA  . SER A 1 46  ? 5.764   7.765   15.131  1.00 29.94 ? 46  SER A CA  1 
ATOM   337  C C   . SER A 1 46  ? 6.557   8.344   13.962  1.00 29.29 ? 46  SER A C   1 
ATOM   338  O O   . SER A 1 46  ? 7.401   7.669   13.378  1.00 29.95 ? 46  SER A O   1 
ATOM   339  C CB  . SER A 1 46  ? 4.634   6.886   14.594  1.00 30.26 ? 46  SER A CB  1 
ATOM   340  O OG  . SER A 1 46  ? 3.768   7.636   13.767  1.00 28.86 ? 46  SER A OG  1 
ATOM   341  N N   . GLY A 1 47  ? 6.278   9.598   13.618  1.00 29.22 ? 47  GLY A N   1 
ATOM   342  C CA  . GLY A 1 47  ? 6.979   10.233  12.515  1.00 26.70 ? 47  GLY A CA  1 
ATOM   343  C C   . GLY A 1 47  ? 6.363   9.938   11.159  1.00 26.74 ? 47  GLY A C   1 
ATOM   344  O O   . GLY A 1 47  ? 6.867   10.396  10.134  1.00 26.72 ? 47  GLY A O   1 
ATOM   345  N N   . ALA A 1 48  ? 5.270   9.182   11.146  1.00 25.43 ? 48  ALA A N   1 
ATOM   346  C CA  . ALA A 1 48  ? 4.601   8.824   9.895   1.00 26.93 ? 48  ALA A CA  1 
ATOM   347  C C   . ALA A 1 48  ? 3.567   9.872   9.508   1.00 26.55 ? 48  ALA A C   1 
ATOM   348  O O   . ALA A 1 48  ? 3.109   10.636  10.354  1.00 27.10 ? 48  ALA A O   1 
ATOM   349  C CB  . ALA A 1 48  ? 3.916   7.450   10.036  1.00 26.56 ? 48  ALA A CB  1 
ATOM   350  N N   . GLU A 1 49  ? 3.222   9.931   8.225   1.00 26.83 ? 49  GLU A N   1 
ATOM   351  C CA  . GLU A 1 49  ? 2.190   10.868  7.803   1.00 27.09 ? 49  GLU A CA  1 
ATOM   352  C C   . GLU A 1 49  ? 0.898   10.102  7.959   1.00 25.99 ? 49  GLU A C   1 
ATOM   353  O O   . GLU A 1 49  ? 0.776   8.960   7.521   1.00 25.58 ? 49  GLU A O   1 
ATOM   354  C CB  . GLU A 1 49  ? 2.387   11.332  6.366   1.00 27.99 ? 49  GLU A CB  1 
ATOM   355  C CG  . GLU A 1 49  ? 3.464   12.387  6.252   1.00 32.36 ? 49  GLU A CG  1 
ATOM   356  C CD  . GLU A 1 49  ? 3.367   13.183  4.982   1.00 36.23 ? 49  GLU A CD  1 
ATOM   357  O OE1 . GLU A 1 49  ? 2.923   14.353  5.048   1.00 40.92 ? 49  GLU A OE1 1 
ATOM   358  O OE2 . GLU A 1 49  ? 3.728   12.636  3.914   1.00 38.62 ? 49  GLU A OE2 1 
ATOM   359  N N   . VAL A 1 50  ? -0.071  10.734  8.596   1.00 26.07 ? 50  VAL A N   1 
ATOM   360  C CA  . VAL A 1 50  ? -1.319  10.066  8.880   1.00 26.34 ? 50  VAL A CA  1 
ATOM   361  C C   . VAL A 1 50  ? -2.574  10.871  8.611   1.00 26.68 ? 50  VAL A C   1 
ATOM   362  O O   . VAL A 1 50  ? -2.572  12.098  8.652   1.00 27.37 ? 50  VAL A O   1 
ATOM   363  C CB  . VAL A 1 50  ? -1.321  9.620   10.362  1.00 24.63 ? 50  VAL A CB  1 
ATOM   364  C CG1 . VAL A 1 50  ? -2.731  9.325   10.837  1.00 27.57 ? 50  VAL A CG1 1 
ATOM   365  C CG2 . VAL A 1 50  ? -0.446  8.402   10.520  1.00 23.88 ? 50  VAL A CG2 1 
ATOM   366  N N   . VAL A 1 51  ? -3.641  10.137  8.321   1.00 28.36 ? 51  VAL A N   1 
ATOM   367  C CA  . VAL A 1 51  ? -4.967  10.688  8.099   1.00 29.61 ? 51  VAL A CA  1 
ATOM   368  C C   . VAL A 1 51  ? -5.893  9.740   8.856   1.00 30.68 ? 51  VAL A C   1 
ATOM   369  O O   . VAL A 1 51  ? -5.738  8.518   8.774   1.00 29.39 ? 51  VAL A O   1 
ATOM   370  C CB  . VAL A 1 51  ? -5.367  10.695  6.601   1.00 30.41 ? 51  VAL A CB  1 
ATOM   371  C CG1 . VAL A 1 51  ? -6.861  10.870  6.469   1.00 31.99 ? 51  VAL A CG1 1 
ATOM   372  C CG2 . VAL A 1 51  ? -4.664  11.830  5.872   1.00 29.01 ? 51  VAL A CG2 1 
ATOM   373  N N   . THR A 1 52  ? -6.821  10.293  9.631   1.00 30.35 ? 52  THR A N   1 
ATOM   374  C CA  . THR A 1 52  ? -7.767  9.455   10.350  1.00 32.28 ? 52  THR A CA  1 
ATOM   375  C C   . THR A 1 52  ? -9.175  9.834   9.910   1.00 32.31 ? 52  THR A C   1 
ATOM   376  O O   . THR A 1 52  ? -9.423  10.979  9.550   1.00 32.81 ? 52  THR A O   1 
ATOM   377  C CB  . THR A 1 52  ? -7.640  9.614   11.884  1.00 32.33 ? 52  THR A CB  1 
ATOM   378  O OG1 . THR A 1 52  ? -7.812  10.987  12.249  1.00 34.83 ? 52  THR A OG1 1 
ATOM   379  C CG2 . THR A 1 52  ? -6.273  9.138   12.352  1.00 32.78 ? 52  THR A CG2 1 
ATOM   380  N N   . GLY A 1 53  ? -10.087 8.865   9.921   1.00 32.35 ? 53  GLY A N   1 
ATOM   381  C CA  . GLY A 1 53  ? -11.450 9.149   9.524   1.00 32.46 ? 53  GLY A CA  1 
ATOM   382  C C   . GLY A 1 53  ? -12.310 7.950   9.166   1.00 33.43 ? 53  GLY A C   1 
ATOM   383  O O   . GLY A 1 53  ? -12.015 6.800   9.516   1.00 32.62 ? 53  GLY A O   1 
ATOM   384  N N   . ARG A 1 54  ? -13.392 8.243   8.455   1.00 33.21 ? 54  ARG A N   1 
ATOM   385  C CA  . ARG A 1 54  ? -14.347 7.244   8.029   1.00 34.13 ? 54  ARG A CA  1 
ATOM   386  C C   . ARG A 1 54  ? -14.074 6.834   6.609   1.00 33.97 ? 54  ARG A C   1 
ATOM   387  O O   . ARG A 1 54  ? -13.989 7.673   5.716   1.00 33.85 ? 54  ARG A O   1 
ATOM   388  C CB  . ARG A 1 54  ? -15.761 7.807   8.130   1.00 36.45 ? 54  ARG A CB  1 
ATOM   389  C CG  . ARG A 1 54  ? -16.340 7.761   9.534   1.00 41.20 ? 54  ARG A CG  1 
ATOM   390  C CD  . ARG A 1 54  ? -17.116 6.465   9.728   1.00 46.22 ? 54  ARG A CD  1 
ATOM   391  N NE  . ARG A 1 54  ? -16.958 5.909   11.069  1.00 49.93 ? 54  ARG A NE  1 
ATOM   392  C CZ  . ARG A 1 54  ? -17.544 4.789   11.478  1.00 51.36 ? 54  ARG A CZ  1 
ATOM   393  N NH1 . ARG A 1 54  ? -18.329 4.110   10.648  1.00 51.18 ? 54  ARG A NH1 1 
ATOM   394  N NH2 . ARG A 1 54  ? -17.335 4.341   12.710  1.00 52.52 ? 54  ARG A NH2 1 
ATOM   395  N N   . LEU A 1 55  ? -13.930 5.535   6.396   1.00 33.23 ? 55  LEU A N   1 
ATOM   396  C CA  . LEU A 1 55  ? -13.683 5.039   5.060   1.00 32.98 ? 55  LEU A CA  1 
ATOM   397  C C   . LEU A 1 55  ? -14.314 3.675   4.896   1.00 33.15 ? 55  LEU A C   1 
ATOM   398  O O   . LEU A 1 55  ? -14.018 2.752   5.662   1.00 32.99 ? 55  LEU A O   1 
ATOM   399  C CB  . LEU A 1 55  ? -12.183 4.939   4.782   1.00 32.10 ? 55  LEU A CB  1 
ATOM   400  C CG  . LEU A 1 55  ? -11.848 4.653   3.314   1.00 32.65 ? 55  LEU A CG  1 
ATOM   401  C CD1 . LEU A 1 55  ? -12.131 5.902   2.479   1.00 30.57 ? 55  LEU A CD1 1 
ATOM   402  C CD2 . LEU A 1 55  ? -10.380 4.236   3.175   1.00 32.02 ? 55  LEU A CD2 1 
ATOM   403  N N   . ALA A 1 56  ? -15.193 3.565   3.902   1.00 32.20 ? 56  ALA A N   1 
ATOM   404  C CA  . ALA A 1 56  ? -15.871 2.315   3.595   1.00 30.50 ? 56  ALA A CA  1 
ATOM   405  C C   . ALA A 1 56  ? -16.747 1.802   4.732   1.00 29.63 ? 56  ALA A C   1 
ATOM   406  O O   . ALA A 1 56  ? -16.894 0.596   4.916   1.00 28.73 ? 56  ALA A O   1 
ATOM   407  C CB  . ALA A 1 56  ? -14.843 1.257   3.213   1.00 31.09 ? 56  ALA A CB  1 
ATOM   408  N N   . GLY A 1 57  ? -17.325 2.714   5.501   1.00 29.24 ? 57  GLY A N   1 
ATOM   409  C CA  . GLY A 1 57  ? -18.188 2.290   6.587   1.00 31.84 ? 57  GLY A CA  1 
ATOM   410  C C   . GLY A 1 57  ? -17.556 2.048   7.952   1.00 32.71 ? 57  GLY A C   1 
ATOM   411  O O   . GLY A 1 57  ? -18.274 1.709   8.897   1.00 34.63 ? 57  GLY A O   1 
ATOM   412  N N   . THR A 1 58  ? -16.239 2.215   8.076   1.00 32.13 ? 58  THR A N   1 
ATOM   413  C CA  . THR A 1 58  ? -15.571 1.993   9.360   1.00 33.02 ? 58  THR A CA  1 
ATOM   414  C C   . THR A 1 58  ? -14.448 2.993   9.634   1.00 31.77 ? 58  THR A C   1 
ATOM   415  O O   . THR A 1 58  ? -14.127 3.837   8.799   1.00 32.49 ? 58  THR A O   1 
ATOM   416  C CB  . THR A 1 58  ? -15.002 0.551   9.461   1.00 33.98 ? 58  THR A CB  1 
ATOM   417  O OG1 . THR A 1 58  ? -14.563 0.299   10.802  1.00 37.87 ? 58  THR A OG1 1 
ATOM   418  C CG2 . THR A 1 58  ? -13.834 0.366   8.512   1.00 31.81 ? 58  THR A CG2 1 
ATOM   419  N N   . THR A 1 59  ? -13.867 2.894   10.824  1.00 31.40 ? 59  THR A N   1 
ATOM   420  C CA  . THR A 1 59  ? -12.797 3.790   11.250  0.50 31.55 ? 59  THR A CA  1 
ATOM   421  C C   . THR A 1 59  ? -11.448 3.357   10.702  1.00 31.17 ? 59  THR A C   1 
ATOM   422  O O   . THR A 1 59  ? -11.022 2.222   10.878  1.00 32.10 ? 59  THR A O   1 
ATOM   423  C CB  . THR A 1 59  ? -12.754 3.868   12.765  0.50 32.19 ? 59  THR A CB  1 
ATOM   424  O OG1 . THR A 1 59  ? -13.919 4.560   13.222  1.00 36.64 ? 59  THR A OG1 1 
ATOM   425  C CG2 . THR A 1 59  ? -11.522 4.604   13.241  1.00 33.79 ? 59  THR A CG2 1 
ATOM   426  N N   . VAL A 1 60  ? -10.769 4.287   10.046  1.00 29.65 ? 60  VAL A N   1 
ATOM   427  C CA  . VAL A 1 60  ? -9.486  4.001   9.434   1.00 27.82 ? 60  VAL A CA  1 
ATOM   428  C C   . VAL A 1 60  ? -8.407  5.004   9.815   1.00 26.87 ? 60  VAL A C   1 
ATOM   429  O O   . VAL A 1 60  ? -8.678  6.163   10.125  1.00 25.95 ? 60  VAL A O   1 
ATOM   430  C CB  . VAL A 1 60  ? -9.618  3.982   7.870   1.00 29.11 ? 60  VAL A CB  1 
ATOM   431  C CG1 . VAL A 1 60  ? -8.249  4.101   7.224   1.00 29.05 ? 60  VAL A CG1 1 
ATOM   432  C CG2 . VAL A 1 60  ? -10.288 2.694   7.428   1.00 29.40 ? 60  VAL A CG2 1 
ATOM   433  N N   . VAL A 1 61  ? -7.173  4.520   9.811   1.00 26.34 ? 61  VAL A N   1 
ATOM   434  C CA  . VAL A 1 61  ? -6.000  5.346   10.054  1.00 25.07 ? 61  VAL A CA  1 
ATOM   435  C C   . VAL A 1 61  ? -5.213  5.046   8.783   1.00 24.00 ? 61  VAL A C   1 
ATOM   436  O O   . VAL A 1 61  ? -4.797  3.920   8.558   1.00 24.08 ? 61  VAL A O   1 
ATOM   437  C CB  . VAL A 1 61  ? -5.212  4.899   11.286  1.00 25.33 ? 61  VAL A CB  1 
ATOM   438  C CG1 . VAL A 1 61  ? -3.904  5.682   11.396  1.00 22.03 ? 61  VAL A CG1 1 
ATOM   439  C CG2 . VAL A 1 61  ? -6.049  5.123   12.521  1.00 26.39 ? 61  VAL A CG2 1 
ATOM   440  N N   . LEU A 1 62  ? -5.061  6.057   7.941   1.00 22.72 ? 62  LEU A N   1 
ATOM   441  C CA  . LEU A 1 62  ? -4.358  5.927   6.682   1.00 22.56 ? 62  LEU A CA  1 
ATOM   442  C C   . LEU A 1 62  ? -2.976  6.508   6.894   1.00 22.53 ? 62  LEU A C   1 
ATOM   443  O O   . LEU A 1 62  ? -2.836  7.610   7.426   1.00 21.56 ? 62  LEU A O   1 
ATOM   444  C CB  . LEU A 1 62  ? -5.121  6.693   5.600   1.00 23.05 ? 62  LEU A CB  1 
ATOM   445  C CG  . LEU A 1 62  ? -4.671  6.678   4.144   1.00 24.89 ? 62  LEU A CG  1 
ATOM   446  C CD1 . LEU A 1 62  ? -4.694  5.260   3.597   1.00 24.67 ? 62  LEU A CD1 1 
ATOM   447  C CD2 . LEU A 1 62  ? -5.612  7.576   3.340   1.00 26.55 ? 62  LEU A CD2 1 
ATOM   448  N N   . ALA A 1 63  ? -1.951  5.780   6.469   1.00 21.35 ? 63  ALA A N   1 
ATOM   449  C CA  . ALA A 1 63  ? -0.602  6.250   6.691   1.00 23.57 ? 63  ALA A CA  1 
ATOM   450  C C   . ALA A 1 63  ? 0.385   6.096   5.551   1.00 24.60 ? 63  ALA A C   1 
ATOM   451  O O   . ALA A 1 63  ? 0.262   5.219   4.700   1.00 25.35 ? 63  ALA A O   1 
ATOM   452  C CB  . ALA A 1 63  ? -0.039  5.566   7.941   1.00 23.51 ? 63  ALA A CB  1 
ATOM   453  N N   . LYS A 1 64  ? 1.377   6.978   5.556   1.00 26.23 ? 64  LYS A N   1 
ATOM   454  C CA  . LYS A 1 64  ? 2.459   6.952   4.586   1.00 27.75 ? 64  LYS A CA  1 
ATOM   455  C C   . LYS A 1 64  ? 3.724   7.214   5.363   1.00 28.21 ? 64  LYS A C   1 
ATOM   456  O O   . LYS A 1 64  ? 3.852   8.242   6.029   1.00 28.29 ? 64  LYS A O   1 
ATOM   457  C CB  . LYS A 1 64  ? 2.327   8.050   3.528   1.00 29.80 ? 64  LYS A CB  1 
ATOM   458  C CG  . LYS A 1 64  ? 1.295   7.812   2.451   1.00 30.44 ? 64  LYS A CG  1 
ATOM   459  C CD  . LYS A 1 64  ? 1.385   8.911   1.396   1.00 33.05 ? 64  LYS A CD  1 
ATOM   460  C CE  . LYS A 1 64  ? 1.275   10.297  2.014   1.00 33.40 ? 64  LYS A CE  1 
ATOM   461  N NZ  . LYS A 1 64  ? 1.383   11.343  0.963   1.00 35.79 ? 64  LYS A NZ  1 
ATOM   462  N N   . PRO A 1 65  ? 4.677   6.285   5.305   1.00 29.64 ? 65  PRO A N   1 
ATOM   463  C CA  . PRO A 1 65  ? 5.918   6.521   6.042   1.00 32.15 ? 65  PRO A CA  1 
ATOM   464  C C   . PRO A 1 65  ? 6.727   7.606   5.332   1.00 33.78 ? 65  PRO A C   1 
ATOM   465  O O   . PRO A 1 65  ? 6.785   7.631   4.104   1.00 34.11 ? 65  PRO A O   1 
ATOM   466  C CB  . PRO A 1 65  ? 6.627   5.166   5.974   1.00 32.03 ? 65  PRO A CB  1 
ATOM   467  C CG  . PRO A 1 65  ? 5.501   4.184   5.783   1.00 31.66 ? 65  PRO A CG  1 
ATOM   468  C CD  . PRO A 1 65  ? 4.607   4.898   4.815   1.00 29.81 ? 65  PRO A CD  1 
ATOM   469  N N   . ARG A 1 66  ? 7.329   8.521   6.080   1.00 36.55 ? 66  ARG A N   1 
ATOM   470  C CA  . ARG A 1 66  ? 8.149   9.522   5.423   1.00 40.10 ? 66  ARG A CA  1 
ATOM   471  C C   . ARG A 1 66  ? 9.602   9.250   5.767   1.00 42.16 ? 66  ARG A C   1 
ATOM   472  O O   . ARG A 1 66  ? 10.366  10.130  6.161   1.00 43.64 ? 66  ARG A O   1 
ATOM   473  C CB  . ARG A 1 66  ? 7.724   10.952  5.781   1.00 40.31 ? 66  ARG A CB  1 
ATOM   474  C CG  . ARG A 1 66  ? 7.512   11.261  7.228   1.00 43.61 ? 66  ARG A CG  1 
ATOM   475  C CD  . ARG A 1 66  ? 7.203   12.744  7.351   1.00 47.89 ? 66  ARG A CD  1 
ATOM   476  N NE  . ARG A 1 66  ? 8.188   13.547  6.623   1.00 51.40 ? 66  ARG A NE  1 
ATOM   477  C CZ  . ARG A 1 66  ? 8.299   14.870  6.711   1.00 52.69 ? 66  ARG A CZ  1 
ATOM   478  N NH1 . ARG A 1 66  ? 7.481   15.558  7.499   1.00 51.98 ? 66  ARG A NH1 1 
ATOM   479  N NH2 . ARG A 1 66  ? 9.240   15.506  6.020   1.00 53.02 ? 66  ARG A NH2 1 
ATOM   480  N N   . ILE A 1 67  ? 9.944   7.976   5.601   1.00 43.59 ? 67  ILE A N   1 
ATOM   481  C CA  . ILE A 1 67  ? 11.278  7.447   5.819   1.00 45.65 ? 67  ILE A CA  1 
ATOM   482  C C   . ILE A 1 67  ? 11.428  6.494   4.625   1.00 47.53 ? 67  ILE A C   1 
ATOM   483  O O   . ILE A 1 67  ? 10.425  6.016   4.092   1.00 48.46 ? 67  ILE A O   1 
ATOM   484  C CB  . ILE A 1 67  ? 11.361  6.702   7.195   1.00 45.79 ? 67  ILE A CB  1 
ATOM   485  C CG1 . ILE A 1 67  ? 12.823  6.532   7.612   1.00 44.59 ? 67  ILE A CG1 1 
ATOM   486  C CG2 . ILE A 1 67  ? 10.632  5.366   7.131   1.00 43.60 ? 67  ILE A CG2 1 
ATOM   487  C CD1 . ILE A 1 67  ? 13.005  6.446   9.106   1.00 42.97 ? 67  ILE A CD1 1 
ATOM   488  N N   . SER A 1 68  ? 12.654  6.243   4.182   1.00 49.11 ? 68  SER A N   1 
ATOM   489  C CA  . SER A 1 68  ? 12.890  5.370   3.025   1.00 50.91 ? 68  SER A CA  1 
ATOM   490  C C   . SER A 1 68  ? 12.384  3.925   3.141   1.00 51.81 ? 68  SER A C   1 
ATOM   491  O O   . SER A 1 68  ? 12.486  3.297   4.195   1.00 51.99 ? 68  SER A O   1 
ATOM   492  C CB  . SER A 1 68  ? 14.383  5.344   2.699   1.00 51.03 ? 68  SER A CB  1 
ATOM   493  O OG  . SER A 1 68  ? 14.912  6.658   2.659   1.00 53.42 ? 68  SER A OG  1 
ATOM   494  N N   . MET A 1 69  ? 11.854  3.414   2.027   1.00 52.60 ? 69  MET A N   1 
ATOM   495  C CA  . MET A 1 69  ? 11.316  2.053   1.896   1.00 52.68 ? 69  MET A CA  1 
ATOM   496  C C   . MET A 1 69  ? 11.981  1.045   2.845   1.00 53.08 ? 69  MET A C   1 
ATOM   497  O O   . MET A 1 69  ? 11.305  0.287   3.551   1.00 51.86 ? 69  MET A O   1 
ATOM   498  C CB  . MET A 1 69  ? 11.501  1.589   0.442   1.00 52.54 ? 69  MET A CB  1 
ATOM   499  C CG  . MET A 1 69  ? 10.565  0.481   -0.020  1.00 52.99 ? 69  MET A CG  1 
ATOM   500  S SD  . MET A 1 69  ? 8.824   0.970   0.055   1.00 51.53 ? 69  MET A SD  1 
ATOM   501  C CE  . MET A 1 69  ? 8.486   1.345   -1.670  1.00 49.81 ? 69  MET A CE  1 
ATOM   502  N N   . ASN A 1 70  ? 13.311  1.063   2.844   1.00 53.46 ? 70  ASN A N   1 
ATOM   503  C CA  . ASN A 1 70  ? 14.153  0.183   3.653   1.00 53.19 ? 70  ASN A CA  1 
ATOM   504  C C   . ASN A 1 70  ? 13.864  0.232   5.153   1.00 52.20 ? 70  ASN A C   1 
ATOM   505  O O   . ASN A 1 70  ? 13.985  -0.775  5.852   1.00 51.95 ? 70  ASN A O   1 
ATOM   506  C CB  . ASN A 1 70  ? 15.625  0.553   3.409   1.00 55.32 ? 70  ASN A CB  1 
ATOM   507  C CG  . ASN A 1 70  ? 16.501  -0.659  3.130   1.00 57.19 ? 70  ASN A CG  1 
ATOM   508  O OD1 . ASN A 1 70  ? 16.045  -1.650  2.553   1.00 57.99 ? 70  ASN A OD1 1 
ATOM   509  N ND2 . ASN A 1 70  ? 17.773  -0.573  3.518   1.00 58.04 ? 70  ASN A ND2 1 
ATOM   510  N N   . GLU A 1 71  ? 13.473  1.402   5.646   1.00 50.34 ? 71  GLU A N   1 
ATOM   511  C CA  . GLU A 1 71  ? 13.223  1.565   7.070   1.00 48.58 ? 71  GLU A CA  1 
ATOM   512  C C   . GLU A 1 71  ? 11.768  1.809   7.482   1.00 46.27 ? 71  GLU A C   1 
ATOM   513  O O   . GLU A 1 71  ? 11.490  2.117   8.643   1.00 45.60 ? 71  GLU A O   1 
ATOM   514  C CB  . GLU A 1 71  ? 14.137  2.678   7.596   1.00 50.16 ? 71  GLU A CB  1 
ATOM   515  C CG  . GLU A 1 71  ? 15.617  2.307   7.467   1.00 52.67 ? 71  GLU A CG  1 
ATOM   516  C CD  . GLU A 1 71  ? 16.461  3.360   6.762   1.00 54.63 ? 71  GLU A CD  1 
ATOM   517  O OE1 . GLU A 1 71  ? 16.010  3.904   5.729   1.00 55.13 ? 71  GLU A OE1 1 
ATOM   518  O OE2 . GLU A 1 71  ? 17.588  3.629   7.234   1.00 55.85 ? 71  GLU A OE2 1 
ATOM   519  N N   . SER A 1 72  ? 10.846  1.640   6.535   1.00 43.84 ? 72  SER A N   1 
ATOM   520  C CA  . SER A 1 72  ? 9.418   1.829   6.780   1.00 41.60 ? 72  SER A CA  1 
ATOM   521  C C   . SER A 1 72  ? 8.930   1.078   8.019   1.00 39.44 ? 72  SER A C   1 
ATOM   522  O O   . SER A 1 72  ? 8.105   1.586   8.774   1.00 38.86 ? 72  SER A O   1 
ATOM   523  C CB  . SER A 1 72  ? 8.617   1.371   5.561   1.00 42.61 ? 72  SER A CB  1 
ATOM   524  O OG  . SER A 1 72  ? 8.968   2.132   4.421   1.00 47.14 ? 72  SER A OG  1 
ATOM   525  N N   . GLY A 1 73  ? 9.436   -0.135  8.217   1.00 37.41 ? 73  GLY A N   1 
ATOM   526  C CA  . GLY A 1 73  ? 9.041   -0.911  9.377   1.00 36.23 ? 73  GLY A CA  1 
ATOM   527  C C   . GLY A 1 73  ? 9.134   -0.105  10.662  1.00 35.40 ? 73  GLY A C   1 
ATOM   528  O O   . GLY A 1 73  ? 8.282   -0.221  11.541  1.00 35.56 ? 73  GLY A O   1 
ATOM   529  N N   . ARG A 1 74  ? 10.160  0.736   10.744  1.00 35.09 ? 74  ARG A N   1 
ATOM   530  C CA  . ARG A 1 74  ? 10.398  1.557   11.923  1.00 34.71 ? 74  ARG A CA  1 
ATOM   531  C C   . ARG A 1 74  ? 9.220   2.461   12.287  1.00 32.95 ? 74  ARG A C   1 
ATOM   532  O O   . ARG A 1 74  ? 9.015   2.761   13.464  1.00 34.29 ? 74  ARG A O   1 
ATOM   533  C CB  . ARG A 1 74  ? 11.662  2.400   11.737  1.00 36.99 ? 74  ARG A CB  1 
ATOM   534  C CG  . ARG A 1 74  ? 12.953  1.600   11.785  1.00 40.58 ? 74  ARG A CG  1 
ATOM   535  C CD  . ARG A 1 74  ? 13.997  2.287   12.652  1.00 44.41 ? 74  ARG A CD  1 
ATOM   536  N NE  . ARG A 1 74  ? 15.356  1.986   12.213  1.00 49.39 ? 74  ARG A NE  1 
ATOM   537  C CZ  . ARG A 1 74  ? 16.020  2.689   11.301  1.00 52.15 ? 74  ARG A CZ  1 
ATOM   538  N NH1 . ARG A 1 74  ? 17.254  2.344   10.963  1.00 55.47 ? 74  ARG A NH1 1 
ATOM   539  N NH2 . ARG A 1 74  ? 15.448  3.739   10.726  1.00 53.75 ? 74  ARG A NH2 1 
ATOM   540  N N   . GLN A 1 75  ? 8.452   2.904   11.294  1.00 31.89 ? 75  GLN A N   1 
ATOM   541  C CA  . GLN A 1 75  ? 7.370   3.835   11.577  1.00 30.55 ? 75  GLN A CA  1 
ATOM   542  C C   . GLN A 1 75  ? 6.041   3.094   11.606  1.00 30.01 ? 75  GLN A C   1 
ATOM   543  O O   . GLN A 1 75  ? 5.177   3.395   12.432  1.00 30.70 ? 75  GLN A O   1 
ATOM   544  C CB  . GLN A 1 75  ? 7.333   4.964   10.542  1.00 28.98 ? 75  GLN A CB  1 
ATOM   545  C CG  . GLN A 1 75  ? 8.587   5.827   10.541  1.00 29.40 ? 75  GLN A CG  1 
ATOM   546  C CD  . GLN A 1 75  ? 8.472   7.025   9.625   1.00 29.04 ? 75  GLN A CD  1 
ATOM   547  O OE1 . GLN A 1 75  ? 7.779   6.978   8.609   1.00 30.03 ? 75  GLN A OE1 1 
ATOM   548  N NE2 . GLN A 1 75  ? 9.163   8.105   9.969   1.00 29.42 ? 75  GLN A NE2 1 
ATOM   549  N N   . VAL A 1 76  ? 5.889   2.111   10.722  1.00 28.57 ? 76  VAL A N   1 
ATOM   550  C CA  . VAL A 1 76  ? 4.656   1.338   10.652  1.00 28.69 ? 76  VAL A CA  1 
ATOM   551  C C   . VAL A 1 76  ? 4.459   0.542   11.938  1.00 28.09 ? 76  VAL A C   1 
ATOM   552  O O   . VAL A 1 76  ? 3.344   0.451   12.456  1.00 28.95 ? 76  VAL A O   1 
ATOM   553  C CB  . VAL A 1 76  ? 4.657   0.381   9.425   1.00 28.89 ? 76  VAL A CB  1 
ATOM   554  C CG1 . VAL A 1 76  ? 3.395   -0.467  9.413   1.00 28.14 ? 76  VAL A CG1 1 
ATOM   555  C CG2 . VAL A 1 76  ? 4.737   1.192   8.137   1.00 28.61 ? 76  VAL A CG2 1 
ATOM   556  N N   . GLY A 1 77  ? 5.544   -0.020  12.465  1.00 27.28 ? 77  GLY A N   1 
ATOM   557  C CA  . GLY A 1 77  ? 5.446   -0.793  13.693  1.00 25.12 ? 77  GLY A CA  1 
ATOM   558  C C   . GLY A 1 77  ? 4.906   0.082   14.806  1.00 25.39 ? 77  GLY A C   1 
ATOM   559  O O   . GLY A 1 77  ? 3.847   -0.197  15.363  1.00 24.05 ? 77  GLY A O   1 
ATOM   560  N N   . PRO A 1 78  ? 5.629   1.153   15.166  1.00 25.32 ? 78  PRO A N   1 
ATOM   561  C CA  . PRO A 1 78  ? 5.169   2.050   16.229  1.00 26.14 ? 78  PRO A CA  1 
ATOM   562  C C   . PRO A 1 78  ? 3.723   2.514   16.020  1.00 26.81 ? 78  PRO A C   1 
ATOM   563  O O   . PRO A 1 78  ? 2.942   2.600   16.966  1.00 29.26 ? 78  PRO A O   1 
ATOM   564  C CB  . PRO A 1 78  ? 6.162   3.206   16.156  1.00 25.08 ? 78  PRO A CB  1 
ATOM   565  C CG  . PRO A 1 78  ? 7.444   2.507   15.771  1.00 25.59 ? 78  PRO A CG  1 
ATOM   566  C CD  . PRO A 1 78  ? 6.990   1.508   14.717  1.00 25.08 ? 78  PRO A CD  1 
ATOM   567  N N   . LEU A 1 79  ? 3.360   2.793   14.777  1.00 26.87 ? 79  LEU A N   1 
ATOM   568  C CA  . LEU A 1 79  ? 2.021   3.274   14.476  1.00 25.55 ? 79  LEU A CA  1 
ATOM   569  C C   . LEU A 1 79  ? 0.966   2.234   14.802  1.00 25.63 ? 79  LEU A C   1 
ATOM   570  O O   . LEU A 1 79  ? -0.107  2.557   15.305  1.00 23.91 ? 79  LEU A O   1 
ATOM   571  C CB  . LEU A 1 79  ? 1.942   3.667   13.006  1.00 27.45 ? 79  LEU A CB  1 
ATOM   572  C CG  . LEU A 1 79  ? 0.789   4.567   12.578  1.00 27.65 ? 79  LEU A CG  1 
ATOM   573  C CD1 . LEU A 1 79  ? 0.766   5.860   13.392  1.00 28.02 ? 79  LEU A CD1 1 
ATOM   574  C CD2 . LEU A 1 79  ? 0.984   4.877   11.114  1.00 28.17 ? 79  LEU A CD2 1 
ATOM   575  N N   . ALA A 1 80  ? 1.282   0.978   14.517  1.00 25.95 ? 80  ALA A N   1 
ATOM   576  C CA  . ALA A 1 80  ? 0.366   -0.118  14.794  1.00 27.63 ? 80  ALA A CA  1 
ATOM   577  C C   . ALA A 1 80  ? 0.148   -0.268  16.310  1.00 29.39 ? 80  ALA A C   1 
ATOM   578  O O   . ALA A 1 80  ? -0.980  -0.458  16.770  1.00 29.63 ? 80  ALA A O   1 
ATOM   579  C CB  . ALA A 1 80  ? 0.916   -1.414  14.203  1.00 25.93 ? 80  ALA A CB  1 
ATOM   580  N N   . LYS A 1 81  ? 1.227   -0.184  17.084  1.00 30.25 ? 81  LYS A N   1 
ATOM   581  C CA  . LYS A 1 81  ? 1.116   -0.300  18.534  1.00 31.65 ? 81  LYS A CA  1 
ATOM   582  C C   . LYS A 1 81  ? 0.438   0.919   19.126  1.00 29.67 ? 81  LYS A C   1 
ATOM   583  O O   . LYS A 1 81  ? -0.266  0.823   20.129  1.00 29.47 ? 81  LYS A O   1 
ATOM   584  C CB  . LYS A 1 81  ? 2.495   -0.464  19.172  1.00 35.77 ? 81  LYS A CB  1 
ATOM   585  C CG  . LYS A 1 81  ? 3.000   -1.896  19.203  1.00 39.48 ? 81  LYS A CG  1 
ATOM   586  C CD  . LYS A 1 81  ? 4.446   -1.954  19.684  1.00 44.43 ? 81  LYS A CD  1 
ATOM   587  C CE  . LYS A 1 81  ? 4.646   -1.241  21.022  1.00 45.70 ? 81  LYS A CE  1 
ATOM   588  N NZ  . LYS A 1 81  ? 6.101   -1.113  21.354  1.00 47.62 ? 81  LYS A NZ  1 
ATOM   589  N N   . PHE A 1 82  ? 0.644   2.068   18.499  1.00 28.40 ? 82  PHE A N   1 
ATOM   590  C CA  . PHE A 1 82  ? 0.041   3.288   18.997  1.00 27.72 ? 82  PHE A CA  1 
ATOM   591  C C   . PHE A 1 82  ? -1.475  3.154   19.031  1.00 27.53 ? 82  PHE A C   1 
ATOM   592  O O   . PHE A 1 82  ? -2.130  3.633   19.956  1.00 28.41 ? 82  PHE A O   1 
ATOM   593  C CB  . PHE A 1 82  ? 0.430   4.470   18.117  1.00 26.40 ? 82  PHE A CB  1 
ATOM   594  C CG  . PHE A 1 82  ? -0.020  5.800   18.651  1.00 27.53 ? 82  PHE A CG  1 
ATOM   595  C CD1 . PHE A 1 82  ? 0.776   6.516   19.542  1.00 28.48 ? 82  PHE A CD1 1 
ATOM   596  C CD2 . PHE A 1 82  ? -1.232  6.349   18.249  1.00 29.93 ? 82  PHE A CD2 1 
ATOM   597  C CE1 . PHE A 1 82  ? 0.373   7.765   20.023  1.00 28.32 ? 82  PHE A CE1 1 
ATOM   598  C CE2 . PHE A 1 82  ? -1.647  7.601   18.724  1.00 30.61 ? 82  PHE A CE2 1 
ATOM   599  C CZ  . PHE A 1 82  ? -0.839  8.308   19.612  1.00 30.62 ? 82  PHE A CZ  1 
ATOM   600  N N   . TYR A 1 83  ? -2.039  2.505   18.022  1.00 27.33 ? 83  TYR A N   1 
ATOM   601  C CA  . TYR A 1 83  ? -3.485  2.341   17.973  1.00 27.21 ? 83  TYR A CA  1 
ATOM   602  C C   . TYR A 1 83  ? -3.942  0.942   18.364  1.00 28.21 ? 83  TYR A C   1 
ATOM   603  O O   . TYR A 1 83  ? -5.123  0.622   18.240  1.00 29.75 ? 83  TYR A O   1 
ATOM   604  C CB  . TYR A 1 83  ? -4.014  2.680   16.577  1.00 26.10 ? 83  TYR A CB  1 
ATOM   605  C CG  . TYR A 1 83  ? -3.902  4.143   16.199  1.00 26.77 ? 83  TYR A CG  1 
ATOM   606  C CD1 . TYR A 1 83  ? -2.818  4.615   15.461  1.00 27.26 ? 83  TYR A CD1 1 
ATOM   607  C CD2 . TYR A 1 83  ? -4.881  5.058   16.587  1.00 26.23 ? 83  TYR A CD2 1 
ATOM   608  C CE1 . TYR A 1 83  ? -2.708  5.958   15.115  1.00 26.34 ? 83  TYR A CE1 1 
ATOM   609  C CE2 . TYR A 1 83  ? -4.781  6.402   16.252  1.00 27.08 ? 83  TYR A CE2 1 
ATOM   610  C CZ  . TYR A 1 83  ? -3.694  6.850   15.513  1.00 27.27 ? 83  TYR A CZ  1 
ATOM   611  O OH  . TYR A 1 83  ? -3.599  8.184   15.163  1.00 26.06 ? 83  TYR A OH  1 
ATOM   612  N N   . SER A 1 84  ? -3.012  0.113   18.842  1.00 29.58 ? 84  SER A N   1 
ATOM   613  C CA  . SER A 1 84  ? -3.331  -1.262  19.248  1.00 30.17 ? 84  SER A CA  1 
ATOM   614  C C   . SER A 1 84  ? -3.973  -2.029  18.097  1.00 29.73 ? 84  SER A C   1 
ATOM   615  O O   . SER A 1 84  ? -5.000  -2.689  18.258  1.00 29.60 ? 84  SER A O   1 
ATOM   616  C CB  . SER A 1 84  ? -4.275  -1.254  20.452  1.00 30.09 ? 84  SER A CB  1 
ATOM   617  O OG  . SER A 1 84  ? -3.583  -0.820  21.608  1.00 35.64 ? 84  SER A OG  1 
ATOM   618  N N   . VAL A 1 85  ? -3.356  -1.942  16.928  1.00 29.25 ? 85  VAL A N   1 
ATOM   619  C CA  . VAL A 1 85  ? -3.896  -2.609  15.759  1.00 28.13 ? 85  VAL A CA  1 
ATOM   620  C C   . VAL A 1 85  ? -3.326  -3.999  15.528  1.00 29.51 ? 85  VAL A C   1 
ATOM   621  O O   . VAL A 1 85  ? -2.110  -4.183  15.430  1.00 29.19 ? 85  VAL A O   1 
ATOM   622  C CB  . VAL A 1 85  ? -3.665  -1.765  14.504  1.00 26.82 ? 85  VAL A CB  1 
ATOM   623  C CG1 . VAL A 1 85  ? -4.175  -2.503  13.287  1.00 25.25 ? 85  VAL A CG1 1 
ATOM   624  C CG2 . VAL A 1 85  ? -4.380  -0.423  14.651  1.00 27.95 ? 85  VAL A CG2 1 
ATOM   625  N N   . PRO A 1 86  ? -4.203  -5.007  15.454  1.00 29.02 ? 86  PRO A N   1 
ATOM   626  C CA  . PRO A 1 86  ? -3.707  -6.361  15.224  1.00 29.90 ? 86  PRO A CA  1 
ATOM   627  C C   . PRO A 1 86  ? -3.328  -6.503  13.748  1.00 29.84 ? 86  PRO A C   1 
ATOM   628  O O   . PRO A 1 86  ? -3.922  -5.846  12.887  1.00 29.66 ? 86  PRO A O   1 
ATOM   629  C CB  . PRO A 1 86  ? -4.894  -7.227  15.624  1.00 28.49 ? 86  PRO A CB  1 
ATOM   630  C CG  . PRO A 1 86  ? -6.060  -6.390  15.228  1.00 28.12 ? 86  PRO A CG  1 
ATOM   631  C CD  . PRO A 1 86  ? -5.653  -5.016  15.716  1.00 28.66 ? 86  PRO A CD  1 
ATOM   632  N N   . PRO A 1 87  ? -2.334  -7.357  13.441  1.00 30.07 ? 87  PRO A N   1 
ATOM   633  C CA  . PRO A 1 87  ? -1.855  -7.595  12.073  1.00 30.80 ? 87  PRO A CA  1 
ATOM   634  C C   . PRO A 1 87  ? -2.928  -7.898  11.040  1.00 30.87 ? 87  PRO A C   1 
ATOM   635  O O   . PRO A 1 87  ? -2.789  -7.525  9.878   1.00 31.49 ? 87  PRO A O   1 
ATOM   636  C CB  . PRO A 1 87  ? -0.879  -8.758  12.248  1.00 32.20 ? 87  PRO A CB  1 
ATOM   637  C CG  . PRO A 1 87  ? -0.302  -8.493  13.619  1.00 31.75 ? 87  PRO A CG  1 
ATOM   638  C CD  . PRO A 1 87  ? -1.552  -8.145  14.412  1.00 30.71 ? 87  PRO A CD  1 
ATOM   639  N N   . GLN A 1 88  ? -3.988  -8.584  11.454  1.00 31.61 ? 88  GLN A N   1 
ATOM   640  C CA  . GLN A 1 88  ? -5.070  -8.925  10.538  1.00 32.68 ? 88  GLN A CA  1 
ATOM   641  C C   . GLN A 1 88  ? -5.838  -7.682  10.119  1.00 31.53 ? 88  GLN A C   1 
ATOM   642  O O   . GLN A 1 88  ? -6.515  -7.686  9.096   1.00 31.90 ? 88  GLN A O   1 
ATOM   643  C CB  . GLN A 1 88  ? -6.048  -9.917  11.179  1.00 34.96 ? 88  GLN A CB  1 
ATOM   644  C CG  . GLN A 1 88  ? -5.528  -11.342 11.325  1.00 38.68 ? 88  GLN A CG  1 
ATOM   645  C CD  . GLN A 1 88  ? -4.448  -11.484 12.389  1.00 40.23 ? 88  GLN A CD  1 
ATOM   646  O OE1 . GLN A 1 88  ? -4.531  -10.881 13.465  1.00 39.01 ? 88  GLN A OE1 1 
ATOM   647  N NE2 . GLN A 1 88  ? -3.436  -12.302 12.099  1.00 43.24 ? 88  GLN A NE2 1 
ATOM   648  N N   . GLN A 1 89  ? -5.743  -6.626  10.916  1.00 29.01 ? 89  GLN A N   1 
ATOM   649  C CA  . GLN A 1 89  ? -6.433  -5.388  10.606  1.00 27.92 ? 89  GLN A CA  1 
ATOM   650  C C   . GLN A 1 89  ? -5.499  -4.384  9.958   1.00 26.62 ? 89  GLN A C   1 
ATOM   651  O O   . GLN A 1 89  ? -5.768  -3.188  9.961   1.00 25.86 ? 89  GLN A O   1 
ATOM   652  C CB  . GLN A 1 89  ? -7.034  -4.779  11.872  1.00 30.86 ? 89  GLN A CB  1 
ATOM   653  C CG  . GLN A 1 89  ? -8.252  -5.511  12.421  1.00 36.43 ? 89  GLN A CG  1 
ATOM   654  C CD  . GLN A 1 89  ? -9.025  -4.668  13.429  1.00 41.05 ? 89  GLN A CD  1 
ATOM   655  O OE1 . GLN A 1 89  ? -9.996  -5.129  14.037  1.00 44.62 ? 89  GLN A OE1 1 
ATOM   656  N NE2 . GLN A 1 89  ? -8.599  -3.419  13.607  1.00 42.38 ? 89  GLN A NE2 1 
ATOM   657  N N   . ILE A 1 90  ? -4.393  -4.865  9.401   1.00 24.02 ? 90  ILE A N   1 
ATOM   658  C CA  . ILE A 1 90  ? -3.449  -3.978  8.742   1.00 22.38 ? 90  ILE A CA  1 
ATOM   659  C C   . ILE A 1 90  ? -3.459  -4.273  7.249   1.00 22.48 ? 90  ILE A C   1 
ATOM   660  O O   . ILE A 1 90  ? -3.312  -5.425  6.842   1.00 21.00 ? 90  ILE A O   1 
ATOM   661  C CB  . ILE A 1 90  ? -2.017  -4.155  9.307   1.00 21.72 ? 90  ILE A CB  1 
ATOM   662  C CG1 . ILE A 1 90  ? -1.992  -3.726  10.777  1.00 21.02 ? 90  ILE A CG1 1 
ATOM   663  C CG2 . ILE A 1 90  ? -1.032  -3.291  8.531   1.00 20.19 ? 90  ILE A CG2 1 
ATOM   664  C CD1 . ILE A 1 90  ? -0.733  -4.133  11.515  1.00 19.48 ? 90  ILE A CD1 1 
ATOM   665  N N   . VAL A 1 91  ? -3.640  -3.230  6.440   1.00 21.74 ? 91  VAL A N   1 
ATOM   666  C CA  . VAL A 1 91  ? -3.673  -3.384  4.993   1.00 21.01 ? 91  VAL A CA  1 
ATOM   667  C C   . VAL A 1 91  ? -2.547  -2.597  4.349   1.00 20.69 ? 91  VAL A C   1 
ATOM   668  O O   . VAL A 1 91  ? -2.457  -1.388  4.512   1.00 21.08 ? 91  VAL A O   1 
ATOM   669  C CB  . VAL A 1 91  ? -5.019  -2.902  4.415   1.00 21.91 ? 91  VAL A CB  1 
ATOM   670  C CG1 . VAL A 1 91  ? -5.043  -3.103  2.917   1.00 21.69 ? 91  VAL A CG1 1 
ATOM   671  C CG2 . VAL A 1 91  ? -6.160  -3.659  5.062   1.00 22.46 ? 91  VAL A CG2 1 
ATOM   672  N N   . VAL A 1 92  ? -1.684  -3.289  3.611   1.00 20.30 ? 92  VAL A N   1 
ATOM   673  C CA  . VAL A 1 92  ? -0.555  -2.632  2.971   1.00 20.71 ? 92  VAL A CA  1 
ATOM   674  C C   . VAL A 1 92  ? -0.651  -2.627  1.443   1.00 20.57 ? 92  VAL A C   1 
ATOM   675  O O   . VAL A 1 92  ? -0.721  -3.677  0.817   1.00 21.18 ? 92  VAL A O   1 
ATOM   676  C CB  . VAL A 1 92  ? 0.779   -3.291  3.421   1.00 17.91 ? 92  VAL A CB  1 
ATOM   677  C CG1 . VAL A 1 92  ? 1.945   -2.692  2.673   1.00 17.66 ? 92  VAL A CG1 1 
ATOM   678  C CG2 . VAL A 1 92  ? 0.981   -3.067  4.908   1.00 20.40 ? 92  VAL A CG2 1 
ATOM   679  N N   . ILE A 1 93  ? -0.661  -1.434  0.857   1.00 21.21 ? 93  ILE A N   1 
ATOM   680  C CA  . ILE A 1 93  ? -0.744  -1.285  -0.599  1.00 21.03 ? 93  ILE A CA  1 
ATOM   681  C C   . ILE A 1 93  ? 0.651   -1.141  -1.171  1.00 20.99 ? 93  ILE A C   1 
ATOM   682  O O   . ILE A 1 93  ? 1.441   -0.333  -0.690  1.00 21.65 ? 93  ILE A O   1 
ATOM   683  C CB  . ILE A 1 93  ? -1.558  -0.040  -0.995  1.00 19.27 ? 93  ILE A CB  1 
ATOM   684  C CG1 . ILE A 1 93  ? -2.926  -0.086  -0.326  1.00 20.17 ? 93  ILE A CG1 1 
ATOM   685  C CG2 . ILE A 1 93  ? -1.759  0.003   -2.506  1.00 19.41 ? 93  ILE A CG2 1 
ATOM   686  C CD1 . ILE A 1 93  ? -3.193  1.089   0.536   1.00 20.59 ? 93  ILE A CD1 1 
ATOM   687  N N   . HIS A 1 94  ? 0.936   -1.902  -2.225  1.00 21.97 ? 94  HIS A N   1 
ATOM   688  C CA  . HIS A 1 94  ? 2.255   -1.888  -2.832  1.00 22.38 ? 94  HIS A CA  1 
ATOM   689  C C   . HIS A 1 94  ? 2.282   -2.395  -4.282  1.00 24.53 ? 94  HIS A C   1 
ATOM   690  O O   . HIS A 1 94  ? 1.391   -3.126  -4.722  1.00 25.14 ? 94  HIS A O   1 
ATOM   691  C CB  . HIS A 1 94  ? 3.169   -2.767  -1.983  1.00 21.46 ? 94  HIS A CB  1 
ATOM   692  C CG  . HIS A 1 94  ? 2.772   -4.213  -1.984  1.00 21.18 ? 94  HIS A CG  1 
ATOM   693  N ND1 . HIS A 1 94  ? 3.250   -5.116  -2.912  1.00 20.80 ? 94  HIS A ND1 1 
ATOM   694  C CD2 . HIS A 1 94  ? 1.933   -4.910  -1.180  1.00 19.42 ? 94  HIS A CD2 1 
ATOM   695  C CE1 . HIS A 1 94  ? 2.728   -6.306  -2.675  1.00 20.33 ? 94  HIS A CE1 1 
ATOM   696  N NE2 . HIS A 1 94  ? 1.925   -6.210  -1.628  1.00 21.22 ? 94  HIS A NE2 1 
ATOM   697  N N   . ASP A 1 95  ? 3.329   -2.005  -5.006  1.00 25.92 ? 95  ASP A N   1 
ATOM   698  C CA  . ASP A 1 95  ? 3.540   -2.434  -6.379  1.00 27.21 ? 95  ASP A CA  1 
ATOM   699  C C   . ASP A 1 95  ? 3.947   -3.903  -6.315  1.00 27.36 ? 95  ASP A C   1 
ATOM   700  O O   . ASP A 1 95  ? 4.513   -4.348  -5.328  1.00 27.02 ? 95  ASP A O   1 
ATOM   701  C CB  . ASP A 1 95  ? 4.645   -1.597  -7.022  1.00 28.06 ? 95  ASP A CB  1 
ATOM   702  C CG  . ASP A 1 95  ? 5.841   -1.428  -6.114  1.00 30.91 ? 95  ASP A CG  1 
ATOM   703  O OD1 . ASP A 1 95  ? 5.659   -0.913  -4.988  1.00 31.48 ? 95  ASP A OD1 1 
ATOM   704  O OD2 . ASP A 1 95  ? 6.962   -1.812  -6.520  1.00 32.18 ? 95  ASP A OD2 1 
ATOM   705  N N   . GLU A 1 96  ? 3.665   -4.649  -7.376  1.00 28.64 ? 96  GLU A N   1 
ATOM   706  C CA  . GLU A 1 96  ? 3.966   -6.069  -7.398  1.00 29.90 ? 96  GLU A CA  1 
ATOM   707  C C   . GLU A 1 96  ? 4.532   -6.512  -8.747  1.00 30.72 ? 96  GLU A C   1 
ATOM   708  O O   . GLU A 1 96  ? 3.904   -6.304  -9.786  1.00 31.20 ? 96  GLU A O   1 
ATOM   709  C CB  . GLU A 1 96  ? 2.680   -6.836  -7.099  1.00 31.70 ? 96  GLU A CB  1 
ATOM   710  C CG  . GLU A 1 96  ? 2.797   -8.313  -7.278  1.00 32.92 ? 96  GLU A CG  1 
ATOM   711  C CD  . GLU A 1 96  ? 3.707   -8.922  -6.259  1.00 33.58 ? 96  GLU A CD  1 
ATOM   712  O OE1 . GLU A 1 96  ? 3.347   -8.909  -5.066  1.00 36.75 ? 96  GLU A OE1 1 
ATOM   713  O OE2 . GLU A 1 96  ? 4.783   -9.409  -6.646  1.00 36.03 ? 96  GLU A OE2 1 
ATOM   714  N N   . LEU A 1 97  ? 5.707   -7.137  -8.718  1.00 31.39 ? 97  LEU A N   1 
ATOM   715  C CA  . LEU A 1 97  ? 6.385   -7.613  -9.926  1.00 31.45 ? 97  LEU A CA  1 
ATOM   716  C C   . LEU A 1 97  ? 5.793   -8.906  -10.478 1.00 32.09 ? 97  LEU A C   1 
ATOM   717  O O   . LEU A 1 97  ? 5.721   -9.093  -11.690 1.00 30.69 ? 97  LEU A O   1 
ATOM   718  C CB  . LEU A 1 97  ? 7.864   -7.870  -9.637  1.00 30.30 ? 97  LEU A CB  1 
ATOM   719  C CG  . LEU A 1 97  ? 8.799   -6.719  -9.276  1.00 32.66 ? 97  LEU A CG  1 
ATOM   720  C CD1 . LEU A 1 97  ? 9.901   -7.240  -8.353  1.00 30.23 ? 97  LEU A CD1 1 
ATOM   721  C CD2 . LEU A 1 97  ? 9.382   -6.107  -10.537 1.00 32.05 ? 97  LEU A CD2 1 
ATOM   722  N N   . ASP A 1 98  ? 5.385   -9.797  -9.576  1.00 34.81 ? 98  ASP A N   1 
ATOM   723  C CA  . ASP A 1 98  ? 4.846   -11.101 -9.957  1.00 36.68 ? 98  ASP A CA  1 
ATOM   724  C C   . ASP A 1 98  ? 3.433   -11.089 -10.532 1.00 35.94 ? 98  ASP A C   1 
ATOM   725  O O   . ASP A 1 98  ? 2.798   -12.134 -10.636 1.00 36.91 ? 98  ASP A O   1 
ATOM   726  C CB  . ASP A 1 98  ? 4.878   -12.054 -8.759  1.00 38.55 ? 98  ASP A CB  1 
ATOM   727  C CG  . ASP A 1 98  ? 6.258   -12.176 -8.139  1.00 41.56 ? 98  ASP A CG  1 
ATOM   728  O OD1 . ASP A 1 98  ? 7.265   -12.140 -8.883  1.00 43.62 ? 98  ASP A OD1 1 
ATOM   729  O OD2 . ASP A 1 98  ? 6.331   -12.325 -6.900  1.00 43.18 ? 98  ASP A OD2 1 
ATOM   730  N N   . ILE A 1 99  ? 2.949   -9.916  -10.911 1.00 35.33 ? 99  ILE A N   1 
ATOM   731  C CA  . ILE A 1 99  ? 1.612   -9.782  -11.464 1.00 36.07 ? 99  ILE A CA  1 
ATOM   732  C C   . ILE A 1 99  ? 1.653   -8.774  -12.602 1.00 37.49 ? 99  ILE A C   1 
ATOM   733  O O   . ILE A 1 99  ? 2.297   -7.729  -12.489 1.00 36.66 ? 99  ILE A O   1 
ATOM   734  C CB  . ILE A 1 99  ? 0.631   -9.330  -10.368 1.00 36.04 ? 99  ILE A CB  1 
ATOM   735  C CG1 . ILE A 1 99  ? 0.199   -10.539 -9.540  1.00 38.04 ? 99  ILE A CG1 1 
ATOM   736  C CG2 . ILE A 1 99  ? -0.570  -8.652  -10.964 1.00 36.88 ? 99  ILE A CG2 1 
ATOM   737  C CD1 . ILE A 1 99  ? -0.449  -10.154 -8.229  1.00 38.13 ? 99  ILE A CD1 1 
ATOM   738  N N   . ASP A 1 100 ? 0.972   -9.099  -13.697 1.00 38.74 ? 100 ASP A N   1 
ATOM   739  C CA  . ASP A 1 100 ? 0.944   -8.242  -14.879 1.00 40.91 ? 100 ASP A CA  1 
ATOM   740  C C   . ASP A 1 100 ? 0.422   -6.838  -14.612 1.00 40.86 ? 100 ASP A C   1 
ATOM   741  O O   . ASP A 1 100 ? -0.444  -6.632  -13.763 1.00 41.17 ? 100 ASP A O   1 
ATOM   742  C CB  . ASP A 1 100 ? 0.120   -8.904  -15.994 1.00 43.69 ? 100 ASP A CB  1 
ATOM   743  C CG  . ASP A 1 100 ? 0.968   -9.765  -16.931 1.00 46.90 ? 100 ASP A CG  1 
ATOM   744  O OD1 . ASP A 1 100 ? 1.848   -10.518 -16.447 1.00 48.70 ? 100 ASP A OD1 1 
ATOM   745  O OD2 . ASP A 1 100 ? 0.744   -9.693  -18.160 1.00 48.86 ? 100 ASP A OD2 1 
ATOM   746  N N   . PHE A 1 101 ? 0.967   -5.878  -15.353 1.00 41.18 ? 101 PHE A N   1 
ATOM   747  C CA  . PHE A 1 101 ? 0.591   -4.479  -15.231 1.00 41.44 ? 101 PHE A CA  1 
ATOM   748  C C   . PHE A 1 101 ? -0.911  -4.316  -15.402 1.00 42.60 ? 101 PHE A C   1 
ATOM   749  O O   . PHE A 1 101 ? -1.498  -4.827  -16.361 1.00 43.39 ? 101 PHE A O   1 
ATOM   750  C CB  . PHE A 1 101 ? 1.315   -3.651  -16.293 1.00 41.56 ? 101 PHE A CB  1 
ATOM   751  C CG  . PHE A 1 101 ? 0.985   -2.184  -16.247 1.00 41.08 ? 101 PHE A CG  1 
ATOM   752  C CD1 . PHE A 1 101 ? 1.525   -1.363  -15.262 1.00 40.93 ? 101 PHE A CD1 1 
ATOM   753  C CD2 . PHE A 1 101 ? 0.123   -1.626  -17.184 1.00 40.03 ? 101 PHE A CD2 1 
ATOM   754  C CE1 . PHE A 1 101 ? 1.212   -0.005  -15.211 1.00 40.07 ? 101 PHE A CE1 1 
ATOM   755  C CE2 . PHE A 1 101 ? -0.197  -0.274  -17.140 1.00 40.59 ? 101 PHE A CE2 1 
ATOM   756  C CZ  . PHE A 1 101 ? 0.349   0.539   -16.148 1.00 40.35 ? 101 PHE A CZ  1 
ATOM   757  N N   . GLY A 1 102 ? -1.534  -3.601  -14.471 1.00 42.12 ? 102 GLY A N   1 
ATOM   758  C CA  . GLY A 1 102 ? -2.968  -3.385  -14.553 1.00 40.59 ? 102 GLY A CA  1 
ATOM   759  C C   . GLY A 1 102 ? -3.793  -4.368  -13.739 1.00 39.71 ? 102 GLY A C   1 
ATOM   760  O O   . GLY A 1 102 ? -5.003  -4.193  -13.594 1.00 38.31 ? 102 GLY A O   1 
ATOM   761  N N   . ARG A 1 103 ? -3.150  -5.411  -13.221 1.00 38.25 ? 103 ARG A N   1 
ATOM   762  C CA  . ARG A 1 103 ? -3.855  -6.399  -12.412 1.00 37.75 ? 103 ARG A CA  1 
ATOM   763  C C   . ARG A 1 103 ? -3.783  -6.014  -10.941 1.00 35.18 ? 103 ARG A C   1 
ATOM   764  O O   . ARG A 1 103 ? -2.810  -5.405  -10.500 1.00 33.55 ? 103 ARG A O   1 
ATOM   765  C CB  . ARG A 1 103 ? -3.231  -7.788  -12.590 1.00 41.18 ? 103 ARG A CB  1 
ATOM   766  C CG  . ARG A 1 103 ? -3.227  -8.303  -14.014 1.00 45.36 ? 103 ARG A CG  1 
ATOM   767  C CD  . ARG A 1 103 ? -4.584  -8.844  -14.428 1.00 48.71 ? 103 ARG A CD  1 
ATOM   768  N NE  . ARG A 1 103 ? -4.642  -9.090  -15.867 1.00 53.35 ? 103 ARG A NE  1 
ATOM   769  C CZ  . ARG A 1 103 ? -3.751  -9.810  -16.548 1.00 55.47 ? 103 ARG A CZ  1 
ATOM   770  N NH1 . ARG A 1 103 ? -2.717  -10.366 -15.927 1.00 56.18 ? 103 ARG A NH1 1 
ATOM   771  N NH2 . ARG A 1 103 ? -3.891  -9.972  -17.859 1.00 56.72 ? 103 ARG A NH2 1 
ATOM   772  N N   . ILE A 1 104 ? -4.819  -6.374  -10.190 1.00 32.12 ? 104 ILE A N   1 
ATOM   773  C CA  . ILE A 1 104 ? -4.864  -6.094  -8.766  1.00 30.13 ? 104 ILE A CA  1 
ATOM   774  C C   . ILE A 1 104 ? -5.250  -7.362  -8.045  1.00 29.79 ? 104 ILE A C   1 
ATOM   775  O O   . ILE A 1 104 ? -6.245  -7.999  -8.384  1.00 31.39 ? 104 ILE A O   1 
ATOM   776  C CB  . ILE A 1 104 ? -5.894  -5.010  -8.429  1.00 29.53 ? 104 ILE A CB  1 
ATOM   777  C CG1 . ILE A 1 104 ? -5.478  -3.696  -9.078  1.00 27.68 ? 104 ILE A CG1 1 
ATOM   778  C CG2 . ILE A 1 104 ? -6.024  -4.857  -6.911  1.00 29.10 ? 104 ILE A CG2 1 
ATOM   779  C CD1 . ILE A 1 104 ? -6.428  -2.567  -8.802  1.00 27.76 ? 104 ILE A CD1 1 
ATOM   780  N N   . ARG A 1 105 ? -4.453  -7.736  -7.056  1.00 29.37 ? 105 ARG A N   1 
ATOM   781  C CA  . ARG A 1 105 ? -4.726  -8.933  -6.281  1.00 28.44 ? 105 ARG A CA  1 
ATOM   782  C C   . ARG A 1 105 ? -4.708  -8.575  -4.811  1.00 28.09 ? 105 ARG A C   1 
ATOM   783  O O   . ARG A 1 105 ? -4.011  -7.652  -4.389  1.00 27.86 ? 105 ARG A O   1 
ATOM   784  C CB  . ARG A 1 105 ? -3.684  -10.015 -6.574  1.00 30.16 ? 105 ARG A CB  1 
ATOM   785  C CG  . ARG A 1 105 ? -3.771  -10.600 -7.982  1.00 33.41 ? 105 ARG A CG  1 
ATOM   786  C CD  . ARG A 1 105 ? -4.998  -11.488 -8.135  1.00 36.10 ? 105 ARG A CD  1 
ATOM   787  N NE  . ARG A 1 105 ? -5.043  -12.191 -9.415  1.00 39.20 ? 105 ARG A NE  1 
ATOM   788  C CZ  . ARG A 1 105 ? -5.551  -11.690 -10.541 1.00 41.28 ? 105 ARG A CZ  1 
ATOM   789  N NH1 . ARG A 1 105 ? -6.072  -10.468 -10.566 1.00 42.21 ? 105 ARG A NH1 1 
ATOM   790  N NH2 . ARG A 1 105 ? -5.549  -12.421 -11.649 1.00 42.14 ? 105 ARG A NH2 1 
ATOM   791  N N   . LEU A 1 106 ? -5.484  -9.314  -4.035  1.00 27.49 ? 106 LEU A N   1 
ATOM   792  C CA  . LEU A 1 106 ? -5.586  -9.088  -2.609  1.00 27.86 ? 106 LEU A CA  1 
ATOM   793  C C   . LEU A 1 106 ? -5.089  -10.349 -1.931  1.00 28.02 ? 106 LEU A C   1 
ATOM   794  O O   . LEU A 1 106 ? -5.375  -11.451 -2.382  1.00 28.79 ? 106 LEU A O   1 
ATOM   795  C CB  . LEU A 1 106 ? -7.040  -8.810  -2.246  1.00 28.49 ? 106 LEU A CB  1 
ATOM   796  C CG  . LEU A 1 106 ? -7.614  -7.619  -3.011  1.00 28.79 ? 106 LEU A CG  1 
ATOM   797  C CD1 . LEU A 1 106 ? -9.125  -7.684  -3.040  1.00 31.37 ? 106 LEU A CD1 1 
ATOM   798  C CD2 . LEU A 1 106 ? -7.148  -6.341  -2.354  1.00 28.76 ? 106 LEU A CD2 1 
ATOM   799  N N   . LYS A 1 107 ? -4.343  -10.197 -0.846  1.00 27.89 ? 107 LYS A N   1 
ATOM   800  C CA  . LYS A 1 107 ? -3.807  -11.367 -0.184  1.00 26.91 ? 107 LYS A CA  1 
ATOM   801  C C   . LYS A 1 107 ? -3.625  -11.140 1.311   1.00 26.58 ? 107 LYS A C   1 
ATOM   802  O O   . LYS A 1 107 ? -3.459  -10.010 1.757   1.00 25.33 ? 107 LYS A O   1 
ATOM   803  C CB  . LYS A 1 107 ? -2.458  -11.713 -0.830  1.00 28.29 ? 107 LYS A CB  1 
ATOM   804  C CG  . LYS A 1 107 ? -1.878  -13.056 -0.424  1.00 32.19 ? 107 LYS A CG  1 
ATOM   805  C CD  . LYS A 1 107 ? -0.529  -13.328 -1.104  1.00 35.42 ? 107 LYS A CD  1 
ATOM   806  C CE  . LYS A 1 107 ? 0.591   -12.452 -0.534  1.00 33.74 ? 107 LYS A CE  1 
ATOM   807  N NZ  . LYS A 1 107 ? 1.895   -12.706 -1.209  1.00 34.70 ? 107 LYS A NZ  1 
ATOM   808  N N   . LEU A 1 108 ? -3.687  -12.224 2.079   1.00 25.73 ? 108 LEU A N   1 
ATOM   809  C CA  . LEU A 1 108 ? -3.455  -12.169 3.514   1.00 27.04 ? 108 LEU A CA  1 
ATOM   810  C C   . LEU A 1 108 ? -2.204  -13.007 3.761   1.00 27.93 ? 108 LEU A C   1 
ATOM   811  O O   . LEU A 1 108 ? -2.179  -14.178 3.404   1.00 29.32 ? 108 LEU A O   1 
ATOM   812  C CB  . LEU A 1 108 ? -4.621  -12.784 4.294   1.00 27.37 ? 108 LEU A CB  1 
ATOM   813  C CG  . LEU A 1 108 ? -4.318  -12.883 5.791   1.00 25.28 ? 108 LEU A CG  1 
ATOM   814  C CD1 . LEU A 1 108 ? -4.147  -11.482 6.362   1.00 23.72 ? 108 LEU A CD1 1 
ATOM   815  C CD2 . LEU A 1 108 ? -5.430  -13.618 6.505   1.00 24.76 ? 108 LEU A CD2 1 
ATOM   816  N N   . GLY A 1 109 ? -1.167  -12.421 4.352   1.00 29.32 ? 109 GLY A N   1 
ATOM   817  C CA  . GLY A 1 109 ? 0.045   -13.184 4.616   1.00 31.22 ? 109 GLY A CA  1 
ATOM   818  C C   . GLY A 1 109 ? 0.782   -13.656 3.372   1.00 32.23 ? 109 GLY A C   1 
ATOM   819  O O   . GLY A 1 109 ? 0.643   -13.074 2.306   1.00 31.45 ? 109 GLY A O   1 
ATOM   820  N N   . GLY A 1 110 ? 1.577   -14.712 3.502   1.00 34.65 ? 110 GLY A N   1 
ATOM   821  C CA  . GLY A 1 110 ? 2.304   -15.215 2.349   1.00 36.65 ? 110 GLY A CA  1 
ATOM   822  C C   . GLY A 1 110 ? 3.635   -14.532 2.081   1.00 38.18 ? 110 GLY A C   1 
ATOM   823  O O   . GLY A 1 110 ? 4.135   -13.755 2.899   1.00 39.61 ? 110 GLY A O   1 
ATOM   824  N N   . GLY A 1 111 ? 4.200   -14.827 0.915   1.00 39.46 ? 111 GLY A N   1 
ATOM   825  C CA  . GLY A 1 111 ? 5.479   -14.270 0.525   1.00 39.84 ? 111 GLY A CA  1 
ATOM   826  C C   . GLY A 1 111 ? 5.445   -12.775 0.320   1.00 41.37 ? 111 GLY A C   1 
ATOM   827  O O   . GLY A 1 111 ? 4.381   -12.147 0.279   1.00 42.09 ? 111 GLY A O   1 
ATOM   828  N N   . GLU A 1 112 ? 6.626   -12.208 0.135   1.00 40.41 ? 112 GLU A N   1 
ATOM   829  C CA  . GLU A 1 112 ? 6.754   -10.774 -0.012  1.00 41.07 ? 112 GLU A CA  1 
ATOM   830  C C   . GLU A 1 112 ? 7.315   -10.353 -1.376  1.00 39.73 ? 112 GLU A C   1 
ATOM   831  O O   . GLU A 1 112 ? 7.516   -9.166  -1.637  1.00 38.54 ? 112 GLU A O   1 
ATOM   832  C CB  . GLU A 1 112 ? 7.627   -10.277 1.146   1.00 42.59 ? 112 GLU A CB  1 
ATOM   833  C CG  . GLU A 1 112 ? 7.312   -11.016 2.460   1.00 48.58 ? 112 GLU A CG  1 
ATOM   834  C CD  . GLU A 1 112 ? 8.277   -10.700 3.580   1.00 50.35 ? 112 GLU A CD  1 
ATOM   835  O OE1 . GLU A 1 112 ? 9.493   -10.649 3.314   1.00 53.63 ? 112 GLU A OE1 1 
ATOM   836  O OE2 . GLU A 1 112 ? 7.832   -10.521 4.731   1.00 52.92 ? 112 GLU A OE2 1 
ATOM   837  N N   . GLY A 1 113 ? 7.541   -11.326 -2.252  1.00 38.56 ? 113 GLY A N   1 
ATOM   838  C CA  . GLY A 1 113 ? 8.076   -11.018 -3.565  1.00 37.13 ? 113 GLY A CA  1 
ATOM   839  C C   . GLY A 1 113 ? 9.431   -10.363 -3.421  1.00 36.69 ? 113 GLY A C   1 
ATOM   840  O O   . GLY A 1 113 ? 10.230  -10.748 -2.561  1.00 36.89 ? 113 GLY A O   1 
ATOM   841  N N   . GLY A 1 114 ? 9.702   -9.371  -4.259  1.00 35.13 ? 114 GLY A N   1 
ATOM   842  C CA  . GLY A 1 114 ? 10.975  -8.684  -4.165  1.00 35.52 ? 114 GLY A CA  1 
ATOM   843  C C   . GLY A 1 114 ? 10.860  -7.342  -3.463  1.00 34.50 ? 114 GLY A C   1 
ATOM   844  O O   . GLY A 1 114 ? 11.812  -6.563  -3.455  1.00 36.08 ? 114 GLY A O   1 
ATOM   845  N N   . HIS A 1 115 ? 9.710   -7.076  -2.854  1.00 32.07 ? 115 HIS A N   1 
ATOM   846  C CA  . HIS A 1 115 ? 9.473   -5.795  -2.194  1.00 29.67 ? 115 HIS A CA  1 
ATOM   847  C C   . HIS A 1 115 ? 10.159  -5.612  -0.840  1.00 29.94 ? 115 HIS A C   1 
ATOM   848  O O   . HIS A 1 115 ? 9.807   -6.259  0.147   1.00 31.19 ? 115 HIS A O   1 
ATOM   849  C CB  . HIS A 1 115 ? 7.971   -5.567  -2.044  1.00 26.43 ? 115 HIS A CB  1 
ATOM   850  C CG  . HIS A 1 115 ? 7.574   -4.127  -2.099  1.00 22.46 ? 115 HIS A CG  1 
ATOM   851  N ND1 . HIS A 1 115 ? 7.875   -3.234  -1.095  1.00 20.18 ? 115 HIS A ND1 1 
ATOM   852  C CD2 . HIS A 1 115 ? 6.926   -3.418  -3.053  1.00 20.68 ? 115 HIS A CD2 1 
ATOM   853  C CE1 . HIS A 1 115 ? 7.428   -2.037  -1.429  1.00 21.61 ? 115 HIS A CE1 1 
ATOM   854  N NE2 . HIS A 1 115 ? 6.848   -2.120  -2.612  1.00 18.71 ? 115 HIS A NE2 1 
ATOM   855  N N   . ASN A 1 116 ? 11.130  -4.704  -0.814  1.00 29.70 ? 116 ASN A N   1 
ATOM   856  C CA  . ASN A 1 116 ? 11.909  -4.388  0.376   1.00 30.45 ? 116 ASN A CA  1 
ATOM   857  C C   . ASN A 1 116 ? 11.067  -3.669  1.434   1.00 28.79 ? 116 ASN A C   1 
ATOM   858  O O   . ASN A 1 116 ? 11.280  -3.837  2.636   1.00 27.05 ? 116 ASN A O   1 
ATOM   859  C CB  . ASN A 1 116 ? 13.129  -3.539  -0.023  1.00 34.45 ? 116 ASN A CB  1 
ATOM   860  C CG  . ASN A 1 116 ? 12.750  -2.277  -0.795  1.00 37.57 ? 116 ASN A CG  1 
ATOM   861  O OD1 . ASN A 1 116 ? 12.154  -2.340  -1.872  1.00 39.68 ? 116 ASN A OD1 1 
ATOM   862  N ND2 . ASN A 1 116 ? 13.106  -1.124  -0.245  1.00 41.05 ? 116 ASN A ND2 1 
ATOM   863  N N   . GLY A 1 117 ? 10.115  -2.864  0.978   1.00 28.32 ? 117 GLY A N   1 
ATOM   864  C CA  . GLY A 1 117 ? 9.237   -2.173  1.907   1.00 27.06 ? 117 GLY A CA  1 
ATOM   865  C C   . GLY A 1 117 ? 8.421   -3.187  2.694   1.00 25.97 ? 117 GLY A C   1 
ATOM   866  O O   . GLY A 1 117 ? 8.295   -3.068  3.908   1.00 24.20 ? 117 GLY A O   1 
ATOM   867  N N   . LEU A 1 118 ? 7.879   -4.192  2.004   1.00 26.41 ? 118 LEU A N   1 
ATOM   868  C CA  . LEU A 1 118 ? 7.069   -5.236  2.645   1.00 27.51 ? 118 LEU A CA  1 
ATOM   869  C C   . LEU A 1 118 ? 7.856   -6.011  3.688   1.00 28.78 ? 118 LEU A C   1 
ATOM   870  O O   . LEU A 1 118 ? 7.324   -6.388  4.737   1.00 30.22 ? 118 LEU A O   1 
ATOM   871  C CB  . LEU A 1 118 ? 6.546   -6.248  1.612   1.00 26.98 ? 118 LEU A CB  1 
ATOM   872  C CG  . LEU A 1 118 ? 5.169   -6.088  0.982   1.00 25.19 ? 118 LEU A CG  1 
ATOM   873  C CD1 . LEU A 1 118 ? 4.891   -7.277  0.089   1.00 27.10 ? 118 LEU A CD1 1 
ATOM   874  C CD2 . LEU A 1 118 ? 4.113   -5.995  2.068   1.00 29.72 ? 118 LEU A CD2 1 
ATOM   875  N N   . ARG A 1 119 ? 9.124   -6.255  3.379   1.00 28.41 ? 119 ARG A N   1 
ATOM   876  C CA  . ARG A 1 119 ? 10.001  -7.010  4.257   1.00 29.11 ? 119 ARG A CA  1 
ATOM   877  C C   . ARG A 1 119 ? 10.216  -6.232  5.538   1.00 28.17 ? 119 ARG A C   1 
ATOM   878  O O   . ARG A 1 119 ? 10.165  -6.794  6.631   1.00 30.03 ? 119 ARG A O   1 
ATOM   879  C CB  . ARG A 1 119 ? 11.333  -7.267  3.550   1.00 30.19 ? 119 ARG A CB  1 
ATOM   880  C CG  . ARG A 1 119 ? 11.959  -8.612  3.853   1.00 36.42 ? 119 ARG A CG  1 
ATOM   881  C CD  . ARG A 1 119 ? 12.591  -9.202  2.586   1.00 43.37 ? 119 ARG A CD  1 
ATOM   882  N NE  . ARG A 1 119 ? 11.780  -10.256 1.962   1.00 47.25 ? 119 ARG A NE  1 
ATOM   883  C CZ  . ARG A 1 119 ? 11.751  -10.501 0.652   1.00 48.29 ? 119 ARG A CZ  1 
ATOM   884  N NH1 . ARG A 1 119 ? 12.483  -9.764  -0.173  1.00 47.37 ? 119 ARG A NH1 1 
ATOM   885  N NH2 . ARG A 1 119 ? 10.991  -11.482 0.163   1.00 48.45 ? 119 ARG A NH2 1 
ATOM   886  N N   . SER A 1 120 ? 10.442  -4.932  5.396   1.00 26.72 ? 120 SER A N   1 
ATOM   887  C CA  . SER A 1 120 ? 10.658  -4.062  6.546   1.00 26.93 ? 120 SER A CA  1 
ATOM   888  C C   . SER A 1 120 ? 9.423   -4.014  7.448   1.00 27.14 ? 120 SER A C   1 
ATOM   889  O O   . SER A 1 120 ? 9.530   -3.924  8.673   1.00 27.23 ? 120 SER A O   1 
ATOM   890  C CB  . SER A 1 120 ? 11.007  -2.653  6.066   1.00 26.53 ? 120 SER A CB  1 
ATOM   891  O OG  . SER A 1 120 ? 11.253  -1.791  7.162   1.00 26.74 ? 120 SER A OG  1 
ATOM   892  N N   . VAL A 1 121 ? 8.249   -4.069  6.835   1.00 25.26 ? 121 VAL A N   1 
ATOM   893  C CA  . VAL A 1 121 ? 7.007   -4.039  7.590   1.00 25.53 ? 121 VAL A CA  1 
ATOM   894  C C   . VAL A 1 121 ? 6.819   -5.347  8.350   1.00 25.71 ? 121 VAL A C   1 
ATOM   895  O O   . VAL A 1 121 ? 6.651   -5.336  9.564   1.00 26.22 ? 121 VAL A O   1 
ATOM   896  C CB  . VAL A 1 121 ? 5.809   -3.778  6.652   1.00 24.96 ? 121 VAL A CB  1 
ATOM   897  C CG1 . VAL A 1 121 ? 4.493   -4.060  7.362   1.00 21.49 ? 121 VAL A CG1 1 
ATOM   898  C CG2 . VAL A 1 121 ? 5.865   -2.344  6.170   1.00 20.62 ? 121 VAL A CG2 1 
ATOM   899  N N   . ALA A 1 122 ? 6.866   -6.472  7.645   1.00 25.61 ? 122 ALA A N   1 
ATOM   900  C CA  . ALA A 1 122 ? 6.714   -7.772  8.292   1.00 26.19 ? 122 ALA A CA  1 
ATOM   901  C C   . ALA A 1 122 ? 7.808   -7.976  9.339   1.00 27.97 ? 122 ALA A C   1 
ATOM   902  O O   . ALA A 1 122 ? 7.619   -8.677  10.332  1.00 28.85 ? 122 ALA A O   1 
ATOM   903  C CB  . ALA A 1 122 ? 6.781   -8.878  7.257   1.00 26.70 ? 122 ALA A CB  1 
ATOM   904  N N   . SER A 1 123 ? 8.960   -7.360  9.116   1.00 27.41 ? 123 SER A N   1 
ATOM   905  C CA  . SER A 1 123 ? 10.059  -7.487  10.055  1.00 29.10 ? 123 SER A CA  1 
ATOM   906  C C   . SER A 1 123 ? 9.748   -6.766  11.370  1.00 28.88 ? 123 SER A C   1 
ATOM   907  O O   . SER A 1 123 ? 10.017  -7.294  12.452  1.00 28.92 ? 123 SER A O   1 
ATOM   908  C CB  . SER A 1 123 ? 11.341  -6.931  9.429   1.00 29.94 ? 123 SER A CB  1 
ATOM   909  O OG  . SER A 1 123 ? 12.459  -7.224  10.240  1.00 32.63 ? 123 SER A OG  1 
ATOM   910  N N   . ALA A 1 124 ? 9.174   -5.566  11.267  1.00 27.74 ? 124 ALA A N   1 
ATOM   911  C CA  . ALA A 1 124 ? 8.807   -4.768  12.434  1.00 28.00 ? 124 ALA A CA  1 
ATOM   912  C C   . ALA A 1 124 ? 7.618   -5.367  13.193  1.00 28.35 ? 124 ALA A C   1 
ATOM   913  O O   . ALA A 1 124 ? 7.610   -5.409  14.424  1.00 28.79 ? 124 ALA A O   1 
ATOM   914  C CB  . ALA A 1 124 ? 8.480   -3.335  12.002  1.00 25.78 ? 124 ALA A CB  1 
ATOM   915  N N   . LEU A 1 125 ? 6.613   -5.830  12.460  1.00 28.54 ? 125 LEU A N   1 
ATOM   916  C CA  . LEU A 1 125 ? 5.430   -6.409  13.080  1.00 29.56 ? 125 LEU A CA  1 
ATOM   917  C C   . LEU A 1 125 ? 5.672   -7.782  13.695  1.00 31.25 ? 125 LEU A C   1 
ATOM   918  O O   . LEU A 1 125 ? 4.896   -8.235  14.534  1.00 30.97 ? 125 LEU A O   1 
ATOM   919  C CB  . LEU A 1 125 ? 4.304   -6.511  12.055  1.00 27.82 ? 125 LEU A CB  1 
ATOM   920  C CG  . LEU A 1 125 ? 3.824   -5.159  11.538  1.00 29.11 ? 125 LEU A CG  1 
ATOM   921  C CD1 . LEU A 1 125 ? 2.808   -5.370  10.436  1.00 28.61 ? 125 LEU A CD1 1 
ATOM   922  C CD2 . LEU A 1 125 ? 3.230   -4.355  12.682  1.00 29.04 ? 125 LEU A CD2 1 
ATOM   923  N N   . GLY A 1 126 ? 6.745   -8.448  13.282  1.00 32.77 ? 126 GLY A N   1 
ATOM   924  C CA  . GLY A 1 126 ? 7.030   -9.772  13.811  1.00 32.10 ? 126 GLY A CA  1 
ATOM   925  C C   . GLY A 1 126 ? 6.163   -10.842 13.163  1.00 32.58 ? 126 GLY A C   1 
ATOM   926  O O   . GLY A 1 126 ? 6.133   -11.984 13.610  1.00 32.83 ? 126 GLY A O   1 
ATOM   927  N N   . THR A 1 127 ? 5.456   -10.473 12.102  1.00 32.46 ? 127 THR A N   1 
ATOM   928  C CA  . THR A 1 127 ? 4.587   -11.409 11.402  1.00 33.56 ? 127 THR A CA  1 
ATOM   929  C C   . THR A 1 127 ? 4.333   -10.972 9.962   1.00 33.13 ? 127 THR A C   1 
ATOM   930  O O   . THR A 1 127 ? 4.492   -9.801  9.625   1.00 33.58 ? 127 THR A O   1 
ATOM   931  C CB  . THR A 1 127 ? 3.221   -11.546 12.129  1.00 34.67 ? 127 THR A CB  1 
ATOM   932  O OG1 . THR A 1 127 ? 2.321   -12.313 11.319  1.00 36.71 ? 127 THR A OG1 1 
ATOM   933  C CG2 . THR A 1 127 ? 2.613   -10.175 12.408  1.00 32.85 ? 127 THR A CG2 1 
ATOM   934  N N   . LYS A 1 128 ? 3.937   -11.923 9.119   1.00 32.63 ? 128 LYS A N   1 
ATOM   935  C CA  . LYS A 1 128 ? 3.642   -11.632 7.718   1.00 31.94 ? 128 LYS A CA  1 
ATOM   936  C C   . LYS A 1 128 ? 2.137   -11.728 7.480   1.00 31.84 ? 128 LYS A C   1 
ATOM   937  O O   . LYS A 1 128 ? 1.666   -11.611 6.353   1.00 31.69 ? 128 LYS A O   1 
ATOM   938  C CB  . LYS A 1 128 ? 4.363   -12.627 6.811   1.00 30.55 ? 128 LYS A CB  1 
ATOM   939  C CG  . LYS A 1 128 ? 5.855   -12.647 7.010   1.00 30.15 ? 128 LYS A CG  1 
ATOM   940  C CD  . LYS A 1 128 ? 6.483   -13.724 6.169   1.00 33.05 ? 128 LYS A CD  1 
ATOM   941  C CE  . LYS A 1 128 ? 7.956   -13.864 6.497   1.00 33.95 ? 128 LYS A CE  1 
ATOM   942  N NZ  . LYS A 1 128 ? 8.573   -14.887 5.625   1.00 33.47 ? 128 LYS A NZ  1 
ATOM   943  N N   . ASN A 1 129 ? 1.392   -11.937 8.560   1.00 32.54 ? 129 ASN A N   1 
ATOM   944  C CA  . ASN A 1 129 ? -0.058  -12.071 8.495   1.00 31.65 ? 129 ASN A CA  1 
ATOM   945  C C   . ASN A 1 129 ? -0.860  -10.780 8.506   1.00 29.93 ? 129 ASN A C   1 
ATOM   946  O O   . ASN A 1 129 ? -1.681  -10.565 9.405   1.00 28.21 ? 129 ASN A O   1 
ATOM   947  C CB  . ASN A 1 129 ? -0.565  -12.949 9.636   1.00 35.65 ? 129 ASN A CB  1 
ATOM   948  C CG  . ASN A 1 129 ? -0.643  -14.406 9.258   1.00 39.78 ? 129 ASN A CG  1 
ATOM   949  O OD1 . ASN A 1 129 ? 0.379   -15.081 9.098   1.00 43.08 ? 129 ASN A OD1 1 
ATOM   950  N ND2 . ASN A 1 129 ? -1.864  -14.906 9.103   1.00 42.28 ? 129 ASN A ND2 1 
ATOM   951  N N   . PHE A 1 130 ? -0.614  -9.921  7.522   1.00 27.42 ? 130 PHE A N   1 
ATOM   952  C CA  . PHE A 1 130 ? -1.370  -8.681  7.367   1.00 24.80 ? 130 PHE A CA  1 
ATOM   953  C C   . PHE A 1 130 ? -1.864  -8.714  5.928   1.00 23.30 ? 130 PHE A C   1 
ATOM   954  O O   . PHE A 1 130 ? -1.380  -9.512  5.128   1.00 23.49 ? 130 PHE A O   1 
ATOM   955  C CB  . PHE A 1 130 ? -0.505  -7.439  7.657   1.00 23.49 ? 130 PHE A CB  1 
ATOM   956  C CG  . PHE A 1 130 ? 0.831   -7.422  6.954   1.00 23.44 ? 130 PHE A CG  1 
ATOM   957  C CD1 . PHE A 1 130 ? 0.949   -6.946  5.653   1.00 22.09 ? 130 PHE A CD1 1 
ATOM   958  C CD2 . PHE A 1 130 ? 1.982   -7.861  7.614   1.00 23.99 ? 130 PHE A CD2 1 
ATOM   959  C CE1 . PHE A 1 130 ? 2.195   -6.904  5.015   1.00 23.07 ? 130 PHE A CE1 1 
ATOM   960  C CE2 . PHE A 1 130 ? 3.236   -7.824  6.989   1.00 23.95 ? 130 PHE A CE2 1 
ATOM   961  C CZ  . PHE A 1 130 ? 3.347   -7.343  5.685   1.00 22.86 ? 130 PHE A CZ  1 
ATOM   962  N N   . HIS A 1 131 ? -2.846  -7.894  5.589   1.00 22.29 ? 131 HIS A N   1 
ATOM   963  C CA  . HIS A 1 131 ? -3.347  -7.924  4.221   1.00 23.32 ? 131 HIS A CA  1 
ATOM   964  C C   . HIS A 1 131 ? -2.537  -7.053  3.286   1.00 23.02 ? 131 HIS A C   1 
ATOM   965  O O   . HIS A 1 131 ? -1.912  -6.079  3.708   1.00 24.89 ? 131 HIS A O   1 
ATOM   966  C CB  . HIS A 1 131 ? -4.809  -7.480  4.156   1.00 24.11 ? 131 HIS A CB  1 
ATOM   967  C CG  . HIS A 1 131 ? -5.750  -8.382  4.888   1.00 24.71 ? 131 HIS A CG  1 
ATOM   968  N ND1 . HIS A 1 131 ? -6.065  -8.210  6.219   1.00 24.73 ? 131 HIS A ND1 1 
ATOM   969  C CD2 . HIS A 1 131 ? -6.442  -9.469  4.475   1.00 25.11 ? 131 HIS A CD2 1 
ATOM   970  C CE1 . HIS A 1 131 ? -6.912  -9.151  6.592   1.00 23.90 ? 131 HIS A CE1 1 
ATOM   971  N NE2 . HIS A 1 131 ? -7.158  -9.928  5.553   1.00 24.14 ? 131 HIS A NE2 1 
ATOM   972  N N   . ARG A 1 132 ? -2.549  -7.413  2.009   1.00 23.17 ? 132 ARG A N   1 
ATOM   973  C CA  . ARG A 1 132 ? -1.850  -6.647  0.997   1.00 21.24 ? 132 ARG A CA  1 
ATOM   974  C C   . ARG A 1 132 ? -2.787  -6.429  -0.181  1.00 23.50 ? 132 ARG A C   1 
ATOM   975  O O   . ARG A 1 132 ? -3.620  -7.289  -0.491  1.00 23.62 ? 132 ARG A O   1 
ATOM   976  C CB  . ARG A 1 132 ? -0.609  -7.391  0.491   1.00 21.26 ? 132 ARG A CB  1 
ATOM   977  C CG  . ARG A 1 132 ? 0.380   -7.837  1.564   1.00 22.75 ? 132 ARG A CG  1 
ATOM   978  C CD  . ARG A 1 132 ? 0.035   -9.217  2.077   1.00 23.74 ? 132 ARG A CD  1 
ATOM   979  N NE  . ARG A 1 132 ? 0.994   -9.714  3.062   1.00 24.86 ? 132 ARG A NE  1 
ATOM   980  C CZ  . ARG A 1 132 ? 2.177   -10.245 2.768   1.00 24.72 ? 132 ARG A CZ  1 
ATOM   981  N NH1 . ARG A 1 132 ? 2.567   -10.359 1.507   1.00 24.27 ? 132 ARG A NH1 1 
ATOM   982  N NH2 . ARG A 1 132 ? 2.970   -10.669 3.741   1.00 25.11 ? 132 ARG A NH2 1 
ATOM   983  N N   . VAL A 1 133 ? -2.677  -5.252  -0.792  1.00 22.12 ? 133 VAL A N   1 
ATOM   984  C CA  . VAL A 1 133 ? -3.421  -4.917  -1.997  1.00 22.91 ? 133 VAL A CA  1 
ATOM   985  C C   . VAL A 1 133 ? -2.245  -4.830  -2.960  1.00 22.02 ? 133 VAL A C   1 
ATOM   986  O O   . VAL A 1 133 ? -1.475  -3.879  -2.927  1.00 21.20 ? 133 VAL A O   1 
ATOM   987  C CB  . VAL A 1 133 ? -4.106  -3.537  -1.939  1.00 22.85 ? 133 VAL A CB  1 
ATOM   988  C CG1 . VAL A 1 133 ? -4.804  -3.258  -3.255  1.00 21.15 ? 133 VAL A CG1 1 
ATOM   989  C CG2 . VAL A 1 133 ? -5.114  -3.495  -0.816  1.00 24.25 ? 133 VAL A CG2 1 
ATOM   990  N N   . ARG A 1 134 ? -2.096  -5.848  -3.792  1.00 23.22 ? 134 ARG A N   1 
ATOM   991  C CA  . ARG A 1 134 ? -0.994  -5.909  -4.735  1.00 23.97 ? 134 ARG A CA  1 
ATOM   992  C C   . ARG A 1 134 ? -1.383  -5.340  -6.093  1.00 25.28 ? 134 ARG A C   1 
ATOM   993  O O   . ARG A 1 134 ? -2.277  -5.862  -6.761  1.00 26.19 ? 134 ARG A O   1 
ATOM   994  C CB  . ARG A 1 134 ? -0.551  -7.362  -4.873  1.00 24.09 ? 134 ARG A CB  1 
ATOM   995  C CG  . ARG A 1 134 ? -0.379  -8.050  -3.521  1.00 23.48 ? 134 ARG A CG  1 
ATOM   996  C CD  . ARG A 1 134 ? -0.568  -9.542  -3.645  1.00 24.02 ? 134 ARG A CD  1 
ATOM   997  N NE  . ARG A 1 134 ? 0.517   -10.186 -4.373  1.00 25.54 ? 134 ARG A NE  1 
ATOM   998  C CZ  . ARG A 1 134 ? 0.414   -11.369 -4.973  1.00 29.31 ? 134 ARG A CZ  1 
ATOM   999  N NH1 . ARG A 1 134 ? -0.729  -12.035 -4.936  1.00 28.86 ? 134 ARG A NH1 1 
ATOM   1000 N NH2 . ARG A 1 134 ? 1.462   -11.895 -5.599  1.00 31.65 ? 134 ARG A NH2 1 
ATOM   1001 N N   . ILE A 1 135 ? -0.704  -4.264  -6.484  1.00 25.52 ? 135 ILE A N   1 
ATOM   1002 C CA  . ILE A 1 135 ? -0.950  -3.595  -7.755  1.00 26.08 ? 135 ILE A CA  1 
ATOM   1003 C C   . ILE A 1 135 ? 0.153   -3.991  -8.729  1.00 26.48 ? 135 ILE A C   1 
ATOM   1004 O O   . ILE A 1 135 ? 1.307   -3.574  -8.586  1.00 26.34 ? 135 ILE A O   1 
ATOM   1005 C CB  . ILE A 1 135 ? -0.939  -2.064  -7.573  1.00 27.38 ? 135 ILE A CB  1 
ATOM   1006 C CG1 . ILE A 1 135 ? -1.905  -1.678  -6.451  1.00 27.79 ? 135 ILE A CG1 1 
ATOM   1007 C CG2 . ILE A 1 135 ? -1.341  -1.379  -8.877  1.00 26.52 ? 135 ILE A CG2 1 
ATOM   1008 C CD1 . ILE A 1 135 ? -1.710  -0.274  -5.932  1.00 29.97 ? 135 ILE A CD1 1 
ATOM   1009 N N   . GLY A 1 136 ? -0.208  -4.801  -9.717  1.00 25.89 ? 136 GLY A N   1 
ATOM   1010 C CA  . GLY A 1 136 ? 0.763   -5.263  -10.689 1.00 27.38 ? 136 GLY A CA  1 
ATOM   1011 C C   . GLY A 1 136 ? 1.493   -4.198  -11.492 1.00 27.75 ? 136 GLY A C   1 
ATOM   1012 O O   . GLY A 1 136 ? 0.921   -3.174  -11.872 1.00 27.35 ? 136 GLY A O   1 
ATOM   1013 N N   . VAL A 1 137 ? 2.773   -4.456  -11.736 1.00 29.26 ? 137 VAL A N   1 
ATOM   1014 C CA  . VAL A 1 137 ? 3.624   -3.580  -12.523 1.00 30.88 ? 137 VAL A CA  1 
ATOM   1015 C C   . VAL A 1 137 ? 4.301   -4.421  -13.605 1.00 32.51 ? 137 VAL A C   1 
ATOM   1016 O O   . VAL A 1 137 ? 4.927   -3.893  -14.515 1.00 32.96 ? 137 VAL A O   1 
ATOM   1017 C CB  . VAL A 1 137 ? 4.711   -2.909  -11.659 1.00 30.16 ? 137 VAL A CB  1 
ATOM   1018 C CG1 . VAL A 1 137 ? 4.062   -1.961  -10.656 1.00 30.34 ? 137 VAL A CG1 1 
ATOM   1019 C CG2 . VAL A 1 137 ? 5.544   -3.966  -10.942 1.00 27.99 ? 137 VAL A CG2 1 
ATOM   1020 N N   . GLY A 1 138 ? 4.167   -5.737  -13.503 1.00 34.27 ? 138 GLY A N   1 
ATOM   1021 C CA  . GLY A 1 138 ? 4.779   -6.608  -14.490 1.00 38.31 ? 138 GLY A CA  1 
ATOM   1022 C C   . GLY A 1 138 ? 6.227   -6.905  -14.151 1.00 40.39 ? 138 GLY A C   1 
ATOM   1023 O O   . GLY A 1 138 ? 6.731   -6.479  -13.113 1.00 39.96 ? 138 GLY A O   1 
ATOM   1024 N N   . ARG A 1 139 ? 6.901   -7.636  -15.026 1.00 42.44 ? 139 ARG A N   1 
ATOM   1025 C CA  . ARG A 1 139 ? 8.295   -7.981  -14.805 1.00 45.36 ? 139 ARG A CA  1 
ATOM   1026 C C   . ARG A 1 139 ? 9.171   -7.101  -15.669 1.00 45.52 ? 139 ARG A C   1 
ATOM   1027 O O   . ARG A 1 139 ? 8.761   -6.656  -16.728 1.00 45.92 ? 139 ARG A O   1 
ATOM   1028 C CB  . ARG A 1 139 ? 8.517   -9.459  -15.116 1.00 47.53 ? 139 ARG A CB  1 
ATOM   1029 C CG  . ARG A 1 139 ? 7.771   -10.342 -14.140 1.00 51.63 ? 139 ARG A CG  1 
ATOM   1030 C CD  . ARG A 1 139 ? 7.806   -11.807 -14.499 1.00 55.42 ? 139 ARG A CD  1 
ATOM   1031 N NE  . ARG A 1 139 ? 6.945   -12.562 -13.592 1.00 60.04 ? 139 ARG A NE  1 
ATOM   1032 C CZ  . ARG A 1 139 ? 6.691   -13.864 -13.694 1.00 62.29 ? 139 ARG A CZ  1 
ATOM   1033 N NH1 . ARG A 1 139 ? 7.237   -14.580 -14.676 1.00 63.07 ? 139 ARG A NH1 1 
ATOM   1034 N NH2 . ARG A 1 139 ? 5.882   -14.446 -12.815 1.00 62.55 ? 139 ARG A NH2 1 
ATOM   1035 N N   . PRO A 1 140 ? 10.393  -6.826  -15.215 1.00 46.85 ? 140 PRO A N   1 
ATOM   1036 C CA  . PRO A 1 140 ? 11.319  -5.980  -15.964 1.00 48.11 ? 140 PRO A CA  1 
ATOM   1037 C C   . PRO A 1 140 ? 11.721  -6.525  -17.330 1.00 49.27 ? 140 PRO A C   1 
ATOM   1038 O O   . PRO A 1 140 ? 11.809  -7.739  -17.538 1.00 47.97 ? 140 PRO A O   1 
ATOM   1039 C CB  . PRO A 1 140 ? 12.503  -5.840  -15.010 1.00 47.11 ? 140 PRO A CB  1 
ATOM   1040 C CG  . PRO A 1 140 ? 12.497  -7.135  -14.289 1.00 47.95 ? 140 PRO A CG  1 
ATOM   1041 C CD  . PRO A 1 140 ? 11.032  -7.359  -14.002 1.00 47.75 ? 140 PRO A CD  1 
ATOM   1042 N N   . PRO A 1 141 ? 11.965  -5.615  -18.283 1.00 50.88 ? 141 PRO A N   1 
ATOM   1043 C CA  . PRO A 1 141 ? 12.362  -5.969  -19.646 1.00 52.36 ? 141 PRO A CA  1 
ATOM   1044 C C   . PRO A 1 141 ? 13.737  -6.627  -19.695 1.00 52.95 ? 141 PRO A C   1 
ATOM   1045 O O   . PRO A 1 141 ? 14.739  -6.016  -19.333 1.00 53.41 ? 141 PRO A O   1 
ATOM   1046 C CB  . PRO A 1 141 ? 12.356  -4.623  -20.375 1.00 52.67 ? 141 PRO A CB  1 
ATOM   1047 C CG  . PRO A 1 141 ? 11.412  -3.768  -19.555 1.00 52.78 ? 141 PRO A CG  1 
ATOM   1048 C CD  . PRO A 1 141 ? 11.784  -4.159  -18.155 1.00 51.70 ? 141 PRO A CD  1 
ATOM   1049 N N   . GLY A 1 142 ? 13.764  -7.885  -20.123 1.00 53.58 ? 142 GLY A N   1 
ATOM   1050 C CA  . GLY A 1 142 ? 15.012  -8.609  -20.269 1.00 54.47 ? 142 GLY A CA  1 
ATOM   1051 C C   . GLY A 1 142 ? 15.874  -8.961  -19.068 1.00 54.69 ? 142 GLY A C   1 
ATOM   1052 O O   . GLY A 1 142 ? 15.530  -9.826  -18.261 1.00 54.92 ? 142 GLY A O   1 
ATOM   1053 N N   . ARG A 1 143 ? 17.010  -8.280  -18.965 1.00 54.63 ? 143 ARG A N   1 
ATOM   1054 C CA  . ARG A 1 143 ? 17.991  -8.535  -17.918 1.00 54.17 ? 143 ARG A CA  1 
ATOM   1055 C C   . ARG A 1 143 ? 18.060  -7.454  -16.836 1.00 52.19 ? 143 ARG A C   1 
ATOM   1056 O O   . ARG A 1 143 ? 18.906  -7.519  -15.941 1.00 51.14 ? 143 ARG A O   1 
ATOM   1057 C CB  . ARG A 1 143 ? 19.363  -8.718  -18.588 1.00 57.35 ? 143 ARG A CB  1 
ATOM   1058 C CG  . ARG A 1 143 ? 20.525  -9.066  -17.669 1.00 61.21 ? 143 ARG A CG  1 
ATOM   1059 C CD  . ARG A 1 143 ? 21.844  -9.068  -18.441 1.00 64.66 ? 143 ARG A CD  1 
ATOM   1060 N NE  . ARG A 1 143 ? 22.056  -10.296 -19.208 1.00 67.40 ? 143 ARG A NE  1 
ATOM   1061 C CZ  . ARG A 1 143 ? 22.800  -10.371 -20.310 1.00 68.14 ? 143 ARG A CZ  1 
ATOM   1062 N NH1 . ARG A 1 143 ? 23.399  -9.282  -20.783 1.00 68.71 ? 143 ARG A NH1 1 
ATOM   1063 N NH2 . ARG A 1 143 ? 22.953  -11.535 -20.933 1.00 68.51 ? 143 ARG A NH2 1 
ATOM   1064 N N   . LYS A 1 144 ? 17.174  -6.465  -16.921 1.00 50.12 ? 144 LYS A N   1 
ATOM   1065 C CA  . LYS A 1 144 ? 17.140  -5.382  -15.940 1.00 48.07 ? 144 LYS A CA  1 
ATOM   1066 C C   . LYS A 1 144 ? 16.704  -5.965  -14.599 1.00 46.51 ? 144 LYS A C   1 
ATOM   1067 O O   . LYS A 1 144 ? 15.759  -6.747  -14.535 1.00 47.77 ? 144 LYS A O   1 
ATOM   1068 C CB  . LYS A 1 144 ? 16.161  -4.296  -16.386 1.00 48.59 ? 144 LYS A CB  1 
ATOM   1069 C CG  . LYS A 1 144 ? 16.296  -2.981  -15.637 1.00 48.79 ? 144 LYS A CG  1 
ATOM   1070 C CD  . LYS A 1 144 ? 15.330  -1.937  -16.186 1.00 50.24 ? 144 LYS A CD  1 
ATOM   1071 C CE  . LYS A 1 144 ? 15.581  -1.654  -17.666 1.00 50.96 ? 144 LYS A CE  1 
ATOM   1072 N NZ  . LYS A 1 144 ? 14.569  -0.712  -18.238 1.00 51.63 ? 144 LYS A NZ  1 
ATOM   1073 N N   . ASP A 1 145 ? 17.400  -5.582  -13.534 1.00 43.60 ? 145 ASP A N   1 
ATOM   1074 C CA  . ASP A 1 145 ? 17.108  -6.075  -12.192 1.00 40.48 ? 145 ASP A CA  1 
ATOM   1075 C C   . ASP A 1 145 ? 15.833  -5.476  -11.597 1.00 39.59 ? 145 ASP A C   1 
ATOM   1076 O O   . ASP A 1 145 ? 15.570  -4.278  -11.733 1.00 38.25 ? 145 ASP A O   1 
ATOM   1077 C CB  . ASP A 1 145 ? 18.304  -5.782  -11.285 1.00 40.59 ? 145 ASP A CB  1 
ATOM   1078 C CG  . ASP A 1 145 ? 18.162  -6.394  -9.917  1.00 41.03 ? 145 ASP A CG  1 
ATOM   1079 O OD1 . ASP A 1 145 ? 17.279  -5.948  -9.153  1.00 41.21 ? 145 ASP A OD1 1 
ATOM   1080 O OD2 . ASP A 1 145 ? 18.935  -7.325  -9.605  1.00 42.74 ? 145 ASP A OD2 1 
ATOM   1081 N N   . PRO A 1 146 ? 15.021  -6.312  -10.922 1.00 39.27 ? 146 PRO A N   1 
ATOM   1082 C CA  . PRO A 1 146 ? 13.764  -5.882  -10.299 1.00 38.97 ? 146 PRO A CA  1 
ATOM   1083 C C   . PRO A 1 146 ? 13.882  -4.607  -9.457  1.00 37.93 ? 146 PRO A C   1 
ATOM   1084 O O   . PRO A 1 146 ? 13.093  -3.674  -9.618  1.00 37.38 ? 146 PRO A O   1 
ATOM   1085 C CB  . PRO A 1 146 ? 13.372  -7.091  -9.449  1.00 39.40 ? 146 PRO A CB  1 
ATOM   1086 C CG  . PRO A 1 146 ? 13.908  -8.236  -10.235 1.00 38.28 ? 146 PRO A CG  1 
ATOM   1087 C CD  . PRO A 1 146 ? 15.267  -7.743  -10.657 1.00 38.95 ? 146 PRO A CD  1 
ATOM   1088 N N   . ALA A 1 147 ? 14.868  -4.572  -8.561  1.00 37.90 ? 147 ALA A N   1 
ATOM   1089 C CA  . ALA A 1 147 ? 15.069  -3.417  -7.686  1.00 36.26 ? 147 ALA A CA  1 
ATOM   1090 C C   . ALA A 1 147 ? 15.256  -2.120  -8.465  1.00 35.29 ? 147 ALA A C   1 
ATOM   1091 O O   . ALA A 1 147 ? 14.779  -1.071  -8.038  1.00 36.49 ? 147 ALA A O   1 
ATOM   1092 C CB  . ALA A 1 147 ? 16.263  -3.650  -6.774  1.00 35.57 ? 147 ALA A CB  1 
ATOM   1093 N N   . ALA A 1 148 ? 15.941  -2.195  -9.605  1.00 33.99 ? 148 ALA A N   1 
ATOM   1094 C CA  . ALA A 1 148 ? 16.190  -1.013  -10.432 1.00 33.62 ? 148 ALA A CA  1 
ATOM   1095 C C   . ALA A 1 148 ? 14.944  -0.600  -11.203 1.00 34.14 ? 148 ALA A C   1 
ATOM   1096 O O   . ALA A 1 148 ? 14.610  0.582   -11.283 1.00 33.14 ? 148 ALA A O   1 
ATOM   1097 C CB  . ALA A 1 148 ? 17.340  -1.284  -11.411 1.00 32.71 ? 148 ALA A CB  1 
ATOM   1098 N N   . PHE A 1 149 ? 14.277  -1.595  -11.780 1.00 34.34 ? 149 PHE A N   1 
ATOM   1099 C CA  . PHE A 1 149 ? 13.063  -1.406  -12.559 1.00 35.68 ? 149 PHE A CA  1 
ATOM   1100 C C   . PHE A 1 149 ? 11.992  -0.588  -11.826 1.00 35.29 ? 149 PHE A C   1 
ATOM   1101 O O   . PHE A 1 149 ? 11.468  0.382   -12.378 1.00 34.84 ? 149 PHE A O   1 
ATOM   1102 C CB  . PHE A 1 149 ? 12.509  -2.784  -12.951 1.00 36.56 ? 149 PHE A CB  1 
ATOM   1103 C CG  . PHE A 1 149 ? 11.230  -2.735  -13.741 1.00 38.61 ? 149 PHE A CG  1 
ATOM   1104 C CD1 . PHE A 1 149 ? 11.159  -2.044  -14.949 1.00 39.56 ? 149 PHE A CD1 1 
ATOM   1105 C CD2 . PHE A 1 149 ? 10.093  -3.392  -13.280 1.00 38.66 ? 149 PHE A CD2 1 
ATOM   1106 C CE1 . PHE A 1 149 ? 9.969   -2.007  -15.686 1.00 39.16 ? 149 PHE A CE1 1 
ATOM   1107 C CE2 . PHE A 1 149 ? 8.902   -3.362  -14.009 1.00 38.40 ? 149 PHE A CE2 1 
ATOM   1108 C CZ  . PHE A 1 149 ? 8.842   -2.668  -15.213 1.00 38.19 ? 149 PHE A CZ  1 
ATOM   1109 N N   . VAL A 1 150 ? 11.683  -0.968  -10.587 1.00 35.11 ? 150 VAL A N   1 
ATOM   1110 C CA  . VAL A 1 150 ? 10.656  -0.275  -9.804  1.00 35.66 ? 150 VAL A CA  1 
ATOM   1111 C C   . VAL A 1 150 ? 11.008  1.150   -9.379  1.00 35.69 ? 150 VAL A C   1 
ATOM   1112 O O   . VAL A 1 150 ? 10.139  1.900   -8.920  1.00 34.06 ? 150 VAL A O   1 
ATOM   1113 C CB  . VAL A 1 150 ? 10.249  -1.088  -8.537  1.00 35.26 ? 150 VAL A CB  1 
ATOM   1114 C CG1 . VAL A 1 150 ? 9.785   -2.484  -8.944  1.00 34.22 ? 150 VAL A CG1 1 
ATOM   1115 C CG2 . VAL A 1 150 ? 11.403  -1.168  -7.557  1.00 34.44 ? 150 VAL A CG2 1 
ATOM   1116 N N   . LEU A 1 151 ? 12.277  1.523   -9.529  1.00 37.04 ? 151 LEU A N   1 
ATOM   1117 C CA  . LEU A 1 151 ? 12.716  2.875   -9.180  1.00 38.93 ? 151 LEU A CA  1 
ATOM   1118 C C   . LEU A 1 151 ? 12.691  3.812   -10.390 1.00 40.45 ? 151 LEU A C   1 
ATOM   1119 O O   . LEU A 1 151 ? 13.102  4.970   -10.308 1.00 40.86 ? 151 LEU A O   1 
ATOM   1120 C CB  . LEU A 1 151 ? 14.109  2.846   -8.539  1.00 38.17 ? 151 LEU A CB  1 
ATOM   1121 C CG  . LEU A 1 151 ? 14.052  2.393   -7.073  1.00 37.32 ? 151 LEU A CG  1 
ATOM   1122 C CD1 . LEU A 1 151 ? 15.436  2.277   -6.478  1.00 36.98 ? 151 LEU A CD1 1 
ATOM   1123 C CD2 . LEU A 1 151 ? 13.213  3.389   -6.290  1.00 38.48 ? 151 LEU A CD2 1 
ATOM   1124 N N   . GLU A 1 152 ? 12.183  3.300   -11.506 1.00 41.58 ? 152 GLU A N   1 
ATOM   1125 C CA  . GLU A 1 152 ? 12.061  4.085   -12.725 1.00 42.89 ? 152 GLU A CA  1 
ATOM   1126 C C   . GLU A 1 152 ? 10.619  4.574   -12.862 1.00 43.02 ? 152 GLU A C   1 
ATOM   1127 O O   . GLU A 1 152 ? 9.721   4.082   -12.176 1.00 43.81 ? 152 GLU A O   1 
ATOM   1128 C CB  . GLU A 1 152 ? 12.393  3.226   -13.945 1.00 44.44 ? 152 GLU A CB  1 
ATOM   1129 C CG  . GLU A 1 152 ? 13.716  2.503   -13.890 1.00 44.95 ? 152 GLU A CG  1 
ATOM   1130 C CD  . GLU A 1 152 ? 14.012  1.803   -15.194 1.00 45.21 ? 152 GLU A CD  1 
ATOM   1131 O OE1 . GLU A 1 152 ? 13.110  1.107   -15.705 1.00 45.50 ? 152 GLU A OE1 1 
ATOM   1132 O OE2 . GLU A 1 152 ? 15.140  1.948   -15.708 1.00 47.72 ? 152 GLU A OE2 1 
ATOM   1133 N N   . ASN A 1 153 ? 10.401  5.536   -13.752 1.00 42.45 ? 153 ASN A N   1 
ATOM   1134 C CA  . ASN A 1 153 ? 9.056   6.040   -13.995 1.00 42.44 ? 153 ASN A CA  1 
ATOM   1135 C C   . ASN A 1 153 ? 8.335   5.068   -14.914 1.00 41.91 ? 153 ASN A C   1 
ATOM   1136 O O   . ASN A 1 153 ? 8.957   4.177   -15.502 1.00 40.41 ? 153 ASN A O   1 
ATOM   1137 C CB  . ASN A 1 153 ? 9.091   7.414   -14.670 1.00 41.75 ? 153 ASN A CB  1 
ATOM   1138 C CG  . ASN A 1 153 ? 9.524   8.513   -13.730 1.00 43.40 ? 153 ASN A CG  1 
ATOM   1139 O OD1 . ASN A 1 153 ? 9.570   8.324   -12.508 1.00 43.29 ? 153 ASN A OD1 1 
ATOM   1140 N ND2 . ASN A 1 153 ? 9.832   9.681   -14.290 1.00 42.75 ? 153 ASN A ND2 1 
ATOM   1141 N N   . PHE A 1 154 ? 7.020   5.233   -15.019 1.00 42.30 ? 154 PHE A N   1 
ATOM   1142 C CA  . PHE A 1 154 ? 6.223   4.392   -15.905 1.00 42.96 ? 154 PHE A CA  1 
ATOM   1143 C C   . PHE A 1 154 ? 6.492   4.831   -17.340 1.00 43.66 ? 154 PHE A C   1 
ATOM   1144 O O   . PHE A 1 154 ? 6.754   6.008   -17.587 1.00 44.16 ? 154 PHE A O   1 
ATOM   1145 C CB  . PHE A 1 154 ? 4.726   4.563   -15.625 1.00 42.62 ? 154 PHE A CB  1 
ATOM   1146 C CG  . PHE A 1 154 ? 4.266   3.914   -14.355 1.00 42.35 ? 154 PHE A CG  1 
ATOM   1147 C CD1 . PHE A 1 154 ? 4.232   4.629   -13.159 1.00 42.73 ? 154 PHE A CD1 1 
ATOM   1148 C CD2 . PHE A 1 154 ? 3.888   2.577   -14.348 1.00 40.04 ? 154 PHE A CD2 1 
ATOM   1149 C CE1 . PHE A 1 154 ? 3.830   4.014   -11.972 1.00 41.15 ? 154 PHE A CE1 1 
ATOM   1150 C CE2 . PHE A 1 154 ? 3.487   1.958   -13.172 1.00 41.09 ? 154 PHE A CE2 1 
ATOM   1151 C CZ  . PHE A 1 154 ? 3.458   2.678   -11.981 1.00 40.19 ? 154 PHE A CZ  1 
ATOM   1152 N N   . THR A 1 155 ? 6.435   3.892   -18.281 1.00 42.99 ? 155 THR A N   1 
ATOM   1153 C CA  . THR A 1 155 ? 6.635   4.238   -19.678 1.00 42.05 ? 155 THR A CA  1 
ATOM   1154 C C   . THR A 1 155 ? 5.430   5.074   -20.075 1.00 42.94 ? 155 THR A C   1 
ATOM   1155 O O   . THR A 1 155 ? 4.365   4.966   -19.465 1.00 41.98 ? 155 THR A O   1 
ATOM   1156 C CB  . THR A 1 155 ? 6.685   2.994   -20.592 1.00 41.78 ? 155 THR A CB  1 
ATOM   1157 O OG1 . THR A 1 155 ? 5.468   2.249   -20.470 1.00 40.31 ? 155 THR A OG1 1 
ATOM   1158 C CG2 . THR A 1 155 ? 7.856   2.111   -20.216 1.00 40.96 ? 155 THR A CG2 1 
ATOM   1159 N N   . SER A 1 156 ? 5.602   5.916   -21.089 1.00 43.87 ? 156 SER A N   1 
ATOM   1160 C CA  . SER A 1 156 ? 4.531   6.778   -21.577 1.00 44.29 ? 156 SER A CA  1 
ATOM   1161 C C   . SER A 1 156 ? 3.212   6.029   -21.777 1.00 44.48 ? 156 SER A C   1 
ATOM   1162 O O   . SER A 1 156 ? 2.138   6.530   -21.423 1.00 45.23 ? 156 SER A O   1 
ATOM   1163 C CB  . SER A 1 156 ? 4.971   7.431   -22.888 1.00 45.38 ? 156 SER A CB  1 
ATOM   1164 O OG  . SER A 1 156 ? 5.336   6.440   -23.838 1.00 48.04 ? 156 SER A OG  1 
ATOM   1165 N N   . ALA A 1 157 ? 3.295   4.826   -22.333 1.00 44.98 ? 157 ALA A N   1 
ATOM   1166 C CA  . ALA A 1 157 ? 2.125   3.986   -22.590 1.00 44.63 ? 157 ALA A CA  1 
ATOM   1167 C C   . ALA A 1 157 ? 1.494   3.502   -21.287 1.00 44.84 ? 157 ALA A C   1 
ATOM   1168 O O   . ALA A 1 157 ? 0.296   3.242   -21.244 1.00 45.48 ? 157 ALA A O   1 
ATOM   1169 C CB  . ALA A 1 157 ? 2.535   2.767   -23.448 1.00 42.72 ? 157 ALA A CB  1 
ATOM   1170 N N   . GLU A 1 158 ? 2.305   3.359   -20.239 1.00 44.77 ? 158 GLU A N   1 
ATOM   1171 C CA  . GLU A 1 158 ? 1.816   2.903   -18.933 1.00 44.27 ? 158 GLU A CA  1 
ATOM   1172 C C   . GLU A 1 158 ? 1.227   4.089   -18.184 1.00 45.72 ? 158 GLU A C   1 
ATOM   1173 O O   . GLU A 1 158 ? 0.149   3.999   -17.610 1.00 46.53 ? 158 GLU A O   1 
ATOM   1174 C CB  . GLU A 1 158 ? 2.957   2.302   -18.096 1.00 43.36 ? 158 GLU A CB  1 
ATOM   1175 C CG  . GLU A 1 158 ? 3.517   1.000   -18.632 1.00 43.15 ? 158 GLU A CG  1 
ATOM   1176 C CD  . GLU A 1 158 ? 4.739   0.544   -17.869 1.00 43.62 ? 158 GLU A CD  1 
ATOM   1177 O OE1 . GLU A 1 158 ? 5.560   1.414   -17.524 1.00 44.58 ? 158 GLU A OE1 1 
ATOM   1178 O OE2 . GLU A 1 158 ? 4.896   -0.673  -17.621 1.00 43.54 ? 158 GLU A OE2 1 
ATOM   1179 N N   . ARG A 1 159 ? 1.953   5.202   -18.213 1.00 45.94 ? 159 ARG A N   1 
ATOM   1180 C CA  . ARG A 1 159 ? 1.516   6.407   -17.541 1.00 46.33 ? 159 ARG A CA  1 
ATOM   1181 C C   . ARG A 1 159 ? 0.093   6.790   -17.955 1.00 45.03 ? 159 ARG A C   1 
ATOM   1182 O O   . ARG A 1 159 ? -0.629  7.418   -17.169 1.00 43.00 ? 159 ARG A O   1 
ATOM   1183 C CB  . ARG A 1 159 ? 2.467   7.572   -17.838 1.00 48.46 ? 159 ARG A CB  1 
ATOM   1184 C CG  . ARG A 1 159 ? 3.635   7.658   -16.890 1.00 52.98 ? 159 ARG A CG  1 
ATOM   1185 C CD  . ARG A 1 159 ? 4.893   8.089   -17.591 1.00 55.91 ? 159 ARG A CD  1 
ATOM   1186 N NE  . ARG A 1 159 ? 4.906   9.467   -18.062 1.00 58.31 ? 159 ARG A NE  1 
ATOM   1187 C CZ  . ARG A 1 159 ? 6.002   10.032  -18.555 1.00 60.14 ? 159 ARG A CZ  1 
ATOM   1188 N NH1 . ARG A 1 159 ? 7.113   9.315   -18.619 1.00 59.32 ? 159 ARG A NH1 1 
ATOM   1189 N NH2 . ARG A 1 159 ? 6.009   11.289  -18.974 1.00 61.02 ? 159 ARG A NH2 1 
ATOM   1190 N N   . ALA A 1 160 ? -0.305  6.414   -19.170 1.00 44.14 ? 160 ALA A N   1 
ATOM   1191 C CA  . ALA A 1 160 ? -1.643  6.749   -19.629 1.00 43.90 ? 160 ALA A CA  1 
ATOM   1192 C C   . ALA A 1 160 ? -2.735  6.176   -18.740 1.00 42.70 ? 160 ALA A C   1 
ATOM   1193 O O   . ALA A 1 160 ? -3.777  6.797   -18.476 1.00 43.39 ? 160 ALA A O   1 
ATOM   1194 C CB  . ALA A 1 160 ? -1.841  6.273   -21.044 1.00 44.23 ? 160 ALA A CB  1 
ATOM   1195 N N   . GLU A 1 161 ? -2.481  4.985   -18.237 1.00 41.62 ? 161 GLU A N   1 
ATOM   1196 C CA  . GLU A 1 161 ? -3.489  4.359   -17.429 1.00 41.37 ? 161 GLU A CA  1 
ATOM   1197 C C   . GLU A 1 161 ? -3.194  4.058   -15.975 1.00 39.45 ? 161 GLU A C   1 
ATOM   1198 O O   . GLU A 1 161 ? -3.854  3.215   -15.370 1.00 38.46 ? 161 GLU A O   1 
ATOM   1199 C CB  . GLU A 1 161 ? -4.011  3.106   -18.130 1.00 43.32 ? 161 GLU A CB  1 
ATOM   1200 C CG  . GLU A 1 161 ? -2.993  2.054   -18.465 1.00 46.34 ? 161 GLU A CG  1 
ATOM   1201 C CD  . GLU A 1 161 ? -3.382  1.318   -19.732 1.00 49.16 ? 161 GLU A CD  1 
ATOM   1202 O OE1 . GLU A 1 161 ? -2.902  1.727   -20.815 1.00 49.92 ? 161 GLU A OE1 1 
ATOM   1203 O OE2 . GLU A 1 161 ? -4.187  0.358   -19.650 1.00 49.83 ? 161 GLU A OE2 1 
ATOM   1204 N N   . VAL A 1 162 ? -2.205  4.740   -15.409 1.00 38.20 ? 162 VAL A N   1 
ATOM   1205 C CA  . VAL A 1 162 ? -1.892  4.570   -14.000 1.00 36.39 ? 162 VAL A CA  1 
ATOM   1206 C C   . VAL A 1 162 ? -3.016  5.215   -13.187 1.00 36.14 ? 162 VAL A C   1 
ATOM   1207 O O   . VAL A 1 162 ? -3.411  4.692   -12.148 1.00 35.42 ? 162 VAL A O   1 
ATOM   1208 C CB  . VAL A 1 162 ? -0.538  5.232   -13.617 1.00 35.99 ? 162 VAL A CB  1 
ATOM   1209 C CG1 . VAL A 1 162 ? -0.460  5.425   -12.106 1.00 35.42 ? 162 VAL A CG1 1 
ATOM   1210 C CG2 . VAL A 1 162 ? 0.617   4.352   -14.065 1.00 35.59 ? 162 VAL A CG2 1 
ATOM   1211 N N   . PRO A 1 163 ? -3.552  6.364   -13.648 1.00 36.37 ? 163 PRO A N   1 
ATOM   1212 C CA  . PRO A 1 163 ? -4.633  7.014   -12.894 1.00 36.86 ? 163 PRO A CA  1 
ATOM   1213 C C   . PRO A 1 163 ? -5.879  6.134   -12.791 1.00 37.58 ? 163 PRO A C   1 
ATOM   1214 O O   . PRO A 1 163 ? -6.575  6.149   -11.774 1.00 37.58 ? 163 PRO A O   1 
ATOM   1215 C CB  . PRO A 1 163 ? -4.882  8.298   -13.680 1.00 36.73 ? 163 PRO A CB  1 
ATOM   1216 C CG  . PRO A 1 163 ? -3.529  8.603   -14.247 1.00 37.16 ? 163 PRO A CG  1 
ATOM   1217 C CD  . PRO A 1 163 ? -3.075  7.247   -14.726 1.00 35.81 ? 163 PRO A CD  1 
ATOM   1218 N N   . THR A 1 164 ? -6.158  5.374   -13.847 1.00 37.41 ? 164 THR A N   1 
ATOM   1219 C CA  . THR A 1 164 ? -7.301  4.471   -13.839 1.00 38.09 ? 164 THR A CA  1 
ATOM   1220 C C   . THR A 1 164 ? -7.000  3.363   -12.831 1.00 37.30 ? 164 THR A C   1 
ATOM   1221 O O   . THR A 1 164 ? -7.825  3.028   -11.980 1.00 37.53 ? 164 THR A O   1 
ATOM   1222 C CB  . THR A 1 164 ? -7.530  3.842   -15.231 1.00 39.49 ? 164 THR A CB  1 
ATOM   1223 O OG1 . THR A 1 164 ? -8.022  4.843   -16.129 1.00 42.26 ? 164 THR A OG1 1 
ATOM   1224 C CG2 . THR A 1 164 ? -8.537  2.698   -15.153 1.00 39.93 ? 164 THR A CG2 1 
ATOM   1225 N N   . ILE A 1 165 ? -5.800  2.809   -12.923 1.00 36.36 ? 165 ILE A N   1 
ATOM   1226 C CA  . ILE A 1 165 ? -5.389  1.748   -12.016 1.00 34.91 ? 165 ILE A CA  1 
ATOM   1227 C C   . ILE A 1 165 ? -5.393  2.154   -10.539 1.00 33.62 ? 165 ILE A C   1 
ATOM   1228 O O   . ILE A 1 165 ? -5.821  1.382   -9.688  1.00 33.67 ? 165 ILE A O   1 
ATOM   1229 C CB  . ILE A 1 165 ? -3.983  1.241   -12.374 1.00 34.87 ? 165 ILE A CB  1 
ATOM   1230 C CG1 . ILE A 1 165 ? -4.018  0.546   -13.737 1.00 32.52 ? 165 ILE A CG1 1 
ATOM   1231 C CG2 . ILE A 1 165 ? -3.468  0.318   -11.278 1.00 31.78 ? 165 ILE A CG2 1 
ATOM   1232 C CD1 . ILE A 1 165 ? -2.694  -0.070  -14.135 1.00 34.44 ? 165 ILE A CD1 1 
ATOM   1233 N N   . VAL A 1 166 ? -4.917  3.356   -10.233 1.00 33.10 ? 166 VAL A N   1 
ATOM   1234 C CA  . VAL A 1 166 ? -4.860  3.803   -8.843  1.00 32.56 ? 166 VAL A CA  1 
ATOM   1235 C C   . VAL A 1 166 ? -6.239  3.882   -8.210  1.00 33.62 ? 166 VAL A C   1 
ATOM   1236 O O   . VAL A 1 166 ? -6.405  3.560   -7.029  1.00 34.12 ? 166 VAL A O   1 
ATOM   1237 C CB  . VAL A 1 166 ? -4.158  5.180   -8.717  1.00 31.98 ? 166 VAL A CB  1 
ATOM   1238 C CG1 . VAL A 1 166 ? -4.215  5.675   -7.279  1.00 31.90 ? 166 VAL A CG1 1 
ATOM   1239 C CG2 . VAL A 1 166 ? -2.712  5.065   -9.154  1.00 31.64 ? 166 VAL A CG2 1 
ATOM   1240 N N   . GLU A 1 167 ? -7.220  4.308   -9.002  1.00 34.52 ? 167 GLU A N   1 
ATOM   1241 C CA  . GLU A 1 167 ? -8.605  4.436   -8.553  1.00 35.58 ? 167 GLU A CA  1 
ATOM   1242 C C   . GLU A 1 167 ? -9.222  3.060   -8.310  1.00 34.98 ? 167 GLU A C   1 
ATOM   1243 O O   . GLU A 1 167 ? -10.035 2.881   -7.400  1.00 35.12 ? 167 GLU A O   1 
ATOM   1244 C CB  . GLU A 1 167 ? -9.419  5.203   -9.601  1.00 38.40 ? 167 GLU A CB  1 
ATOM   1245 C CG  . GLU A 1 167 ? -9.060  6.690   -9.705  1.00 41.38 ? 167 GLU A CG  1 
ATOM   1246 C CD  . GLU A 1 167 ? -9.765  7.537   -8.656  1.00 44.27 ? 167 GLU A CD  1 
ATOM   1247 O OE1 . GLU A 1 167 ? -9.368  8.708   -8.449  1.00 46.02 ? 167 GLU A OE1 1 
ATOM   1248 O OE2 . GLU A 1 167 ? -10.732 7.033   -8.046  1.00 45.95 ? 167 GLU A OE2 1 
ATOM   1249 N N   . GLN A 1 168 ? -8.831  2.089   -9.125  1.00 33.85 ? 168 GLN A N   1 
ATOM   1250 C CA  . GLN A 1 168 ? -9.335  0.735   -8.972  1.00 34.36 ? 168 GLN A CA  1 
ATOM   1251 C C   . GLN A 1 168 ? -8.742  0.074   -7.732  1.00 32.80 ? 168 GLN A C   1 
ATOM   1252 O O   . GLN A 1 168 ? -9.405  -0.716  -7.057  1.00 31.11 ? 168 GLN A O   1 
ATOM   1253 C CB  . GLN A 1 168 ? -9.002  -0.088  -10.211 1.00 36.42 ? 168 GLN A CB  1 
ATOM   1254 C CG  . GLN A 1 168 ? -9.923  0.199   -11.380 1.00 40.25 ? 168 GLN A CG  1 
ATOM   1255 C CD  . GLN A 1 168 ? -9.513  -0.551  -12.622 1.00 41.59 ? 168 GLN A CD  1 
ATOM   1256 O OE1 . GLN A 1 168 ? -8.798  -1.554  -12.544 1.00 43.39 ? 168 GLN A OE1 1 
ATOM   1257 N NE2 . GLN A 1 168 ? -9.972  -0.082  -13.779 1.00 43.51 ? 168 GLN A NE2 1 
ATOM   1258 N N   . ALA A 1 169 ? -7.486  0.404   -7.445  1.00 31.63 ? 169 ALA A N   1 
ATOM   1259 C CA  . ALA A 1 169 ? -6.796  -0.130  -6.278  1.00 29.67 ? 169 ALA A CA  1 
ATOM   1260 C C   . ALA A 1 169 ? -7.484  0.417   -5.028  1.00 28.47 ? 169 ALA A C   1 
ATOM   1261 O O   . ALA A 1 169 ? -7.724  -0.307  -4.059  1.00 28.80 ? 169 ALA A O   1 
ATOM   1262 C CB  . ALA A 1 169 ? -5.332  0.294   -6.304  1.00 28.75 ? 169 ALA A CB  1 
ATOM   1263 N N   . ALA A 1 170 ? -7.806  1.702   -5.062  1.00 27.01 ? 170 ALA A N   1 
ATOM   1264 C CA  . ALA A 1 170 ? -8.468  2.342   -3.939  1.00 26.03 ? 170 ALA A CA  1 
ATOM   1265 C C   . ALA A 1 170 ? -9.842  1.709   -3.724  1.00 27.11 ? 170 ALA A C   1 
ATOM   1266 O O   . ALA A 1 170 ? -10.254 1.495   -2.582  1.00 28.61 ? 170 ALA A O   1 
ATOM   1267 C CB  . ALA A 1 170 ? -8.600  3.840   -4.192  1.00 25.70 ? 170 ALA A CB  1 
ATOM   1268 N N   . ASP A 1 171 ? -10.554 1.411   -4.809  1.00 26.81 ? 171 ASP A N   1 
ATOM   1269 C CA  . ASP A 1 171 ? -11.865 0.771   -4.685  1.00 28.23 ? 171 ASP A CA  1 
ATOM   1270 C C   . ASP A 1 171 ? -11.672 -0.630  -4.141  1.00 27.95 ? 171 ASP A C   1 
ATOM   1271 O O   . ASP A 1 171 ? -12.403 -1.075  -3.258  1.00 30.02 ? 171 ASP A O   1 
ATOM   1272 C CB  . ASP A 1 171 ? -12.584 0.679   -6.033  1.00 29.79 ? 171 ASP A CB  1 
ATOM   1273 C CG  . ASP A 1 171 ? -13.080 2.017   -6.517  1.00 31.11 ? 171 ASP A CG  1 
ATOM   1274 O OD1 . ASP A 1 171 ? -13.205 2.938   -5.685  1.00 30.87 ? 171 ASP A OD1 1 
ATOM   1275 O OD2 . ASP A 1 171 ? -13.355 2.143   -7.726  1.00 34.75 ? 171 ASP A OD2 1 
ATOM   1276 N N   . ALA A 1 172 ? -10.680 -1.329  -4.676  1.00 27.85 ? 172 ALA A N   1 
ATOM   1277 C CA  . ALA A 1 172 ? -10.389 -2.676  -4.223  1.00 26.74 ? 172 ALA A CA  1 
ATOM   1278 C C   . ALA A 1 172 ? -10.126 -2.618  -2.720  1.00 27.26 ? 172 ALA A C   1 
ATOM   1279 O O   . ALA A 1 172 ? -10.613 -3.456  -1.962  1.00 27.92 ? 172 ALA A O   1 
ATOM   1280 C CB  . ALA A 1 172 ? -9.179  -3.216  -4.958  1.00 25.84 ? 172 ALA A CB  1 
ATOM   1281 N N   . THR A 1 173 ? -9.370  -1.611  -2.293  1.00 26.63 ? 173 THR A N   1 
ATOM   1282 C CA  . THR A 1 173 ? -9.054  -1.452  -0.877  1.00 27.04 ? 173 THR A CA  1 
ATOM   1283 C C   . THR A 1 173 ? -10.310 -1.239  -0.039  1.00 26.40 ? 173 THR A C   1 
ATOM   1284 O O   . THR A 1 173 ? -10.475 -1.856  1.009   1.00 28.11 ? 173 THR A O   1 
ATOM   1285 C CB  . THR A 1 173 ? -8.091  -0.262  -0.651  1.00 26.48 ? 173 THR A CB  1 
ATOM   1286 O OG1 . THR A 1 173 ? -6.845  -0.529  -1.305  1.00 27.49 ? 173 THR A OG1 1 
ATOM   1287 C CG2 . THR A 1 173 ? -7.841  -0.051  0.828   1.00 24.95 ? 173 THR A CG2 1 
ATOM   1288 N N   . GLU A 1 174 ? -11.190 -0.362  -0.499  1.00 26.27 ? 174 GLU A N   1 
ATOM   1289 C CA  . GLU A 1 174 ? -12.424 -0.088  0.219   1.00 27.49 ? 174 GLU A CA  1 
ATOM   1290 C C   . GLU A 1 174 ? -13.312 -1.314  0.245   1.00 27.33 ? 174 GLU A C   1 
ATOM   1291 O O   . GLU A 1 174 ? -14.006 -1.578  1.225   1.00 27.53 ? 174 GLU A O   1 
ATOM   1292 C CB  . GLU A 1 174 ? -13.188 1.059   -0.439  1.00 29.19 ? 174 GLU A CB  1 
ATOM   1293 C CG  . GLU A 1 174 ? -12.534 2.413   -0.264  1.00 31.75 ? 174 GLU A CG  1 
ATOM   1294 C CD  . GLU A 1 174 ? -13.415 3.550   -0.733  1.00 33.10 ? 174 GLU A CD  1 
ATOM   1295 O OE1 . GLU A 1 174 ? -12.910 4.430   -1.458  1.00 34.96 ? 174 GLU A OE1 1 
ATOM   1296 O OE2 . GLU A 1 174 ? -14.608 3.572   -0.375  1.00 34.55 ? 174 GLU A OE2 1 
ATOM   1297 N N   . LEU A 1 175 ? -13.293 -2.063  -0.846  1.00 27.50 ? 175 LEU A N   1 
ATOM   1298 C CA  . LEU A 1 175 ? -14.101 -3.260  -0.939  1.00 27.18 ? 175 LEU A CA  1 
ATOM   1299 C C   . LEU A 1 175 ? -13.618 -4.270  0.100   1.00 27.29 ? 175 LEU A C   1 
ATOM   1300 O O   . LEU A 1 175 ? -14.427 -4.933  0.754   1.00 24.62 ? 175 LEU A O   1 
ATOM   1301 C CB  . LEU A 1 175 ? -13.997 -3.831  -2.350  1.00 27.91 ? 175 LEU A CB  1 
ATOM   1302 C CG  . LEU A 1 175 ? -14.924 -4.971  -2.762  1.00 29.73 ? 175 LEU A CG  1 
ATOM   1303 C CD1 . LEU A 1 175 ? -16.380 -4.639  -2.463  1.00 29.83 ? 175 LEU A CD1 1 
ATOM   1304 C CD2 . LEU A 1 175 ? -14.732 -5.194  -4.257  1.00 32.36 ? 175 LEU A CD2 1 
ATOM   1305 N N   . LEU A 1 176 ? -12.298 -4.363  0.273   1.00 26.88 ? 176 LEU A N   1 
ATOM   1306 C CA  . LEU A 1 176 ? -11.716 -5.303  1.235   1.00 28.22 ? 176 LEU A CA  1 
ATOM   1307 C C   . LEU A 1 176 ? -12.165 -4.986  2.662   1.00 29.85 ? 176 LEU A C   1 
ATOM   1308 O O   . LEU A 1 176 ? -12.589 -5.870  3.409   1.00 30.54 ? 176 LEU A O   1 
ATOM   1309 C CB  . LEU A 1 176 ? -10.183 -5.264  1.149   1.00 26.54 ? 176 LEU A CB  1 
ATOM   1310 C CG  . LEU A 1 176 ? -9.418  -6.009  2.249   1.00 27.38 ? 176 LEU A CG  1 
ATOM   1311 C CD1 . LEU A 1 176 ? -9.740  -7.499  2.175   1.00 27.81 ? 176 LEU A CD1 1 
ATOM   1312 C CD2 . LEU A 1 176 ? -7.926  -5.785  2.101   1.00 26.13 ? 176 LEU A CD2 1 
ATOM   1313 N N   . ILE A 1 177 ? -12.071 -3.715  3.030   1.00 30.83 ? 177 ILE A N   1 
ATOM   1314 C CA  . ILE A 1 177 ? -12.457 -3.250  4.354   1.00 32.12 ? 177 ILE A CA  1 
ATOM   1315 C C   . ILE A 1 177 ? -13.926 -3.537  4.649   1.00 31.61 ? 177 ILE A C   1 
ATOM   1316 O O   . ILE A 1 177 ? -14.276 -4.104  5.675   1.00 32.96 ? 177 ILE A O   1 
ATOM   1317 C CB  . ILE A 1 177 ? -12.246 -1.733  4.457   1.00 32.88 ? 177 ILE A CB  1 
ATOM   1318 C CG1 . ILE A 1 177 ? -10.762 -1.402  4.298   1.00 32.98 ? 177 ILE A CG1 1 
ATOM   1319 C CG2 . ILE A 1 177 ? -12.806 -1.209  5.765   1.00 31.98 ? 177 ILE A CG2 1 
ATOM   1320 C CD1 . ILE A 1 177 ? -10.485 0.094   4.257   1.00 33.70 ? 177 ILE A CD1 1 
ATOM   1321 N N   . ALA A 1 178 ? -14.783 -3.131  3.731   1.00 32.45 ? 178 ALA A N   1 
ATOM   1322 C CA  . ALA A 1 178 ? -16.214 -3.301  3.890   1.00 32.45 ? 178 ALA A CA  1 
ATOM   1323 C C   . ALA A 1 178 ? -16.709 -4.741  3.829   1.00 32.46 ? 178 ALA A C   1 
ATOM   1324 O O   . ALA A 1 178 ? -17.377 -5.202  4.744   1.00 34.13 ? 178 ALA A O   1 
ATOM   1325 C CB  . ALA A 1 178 ? -16.942 -2.463  2.841   1.00 31.50 ? 178 ALA A CB  1 
ATOM   1326 N N   . GLN A 1 179 ? -16.369 -5.442  2.750   1.00 32.30 ? 179 GLN A N   1 
ATOM   1327 C CA  . GLN A 1 179 ? -16.834 -6.810  2.524   1.00 30.44 ? 179 GLN A CA  1 
ATOM   1328 C C   . GLN A 1 179 ? -16.015 -7.971  3.045   1.00 28.86 ? 179 GLN A C   1 
ATOM   1329 O O   . GLN A 1 179 ? -16.566 -9.045  3.265   1.00 30.04 ? 179 GLN A O   1 
ATOM   1330 C CB  . GLN A 1 179 ? -17.068 -7.034  1.025   1.00 32.44 ? 179 GLN A CB  1 
ATOM   1331 C CG  . GLN A 1 179 ? -18.398 -6.504  0.508   1.00 37.09 ? 179 GLN A CG  1 
ATOM   1332 C CD  . GLN A 1 179 ? -18.684 -6.939  -0.926  1.00 38.91 ? 179 GLN A CD  1 
ATOM   1333 O OE1 . GLN A 1 179 ? -18.334 -8.051  -1.329  1.00 38.99 ? 179 GLN A OE1 1 
ATOM   1334 N NE2 . GLN A 1 179 ? -19.340 -6.072  -1.696  1.00 38.84 ? 179 GLN A NE2 1 
ATOM   1335 N N   . GLY A 1 180 ? -14.714 -7.780  3.233   1.00 27.24 ? 180 GLY A N   1 
ATOM   1336 C CA  . GLY A 1 180 ? -13.873 -8.863  3.716   1.00 25.74 ? 180 GLY A CA  1 
ATOM   1337 C C   . GLY A 1 180 ? -13.002 -9.393  2.592   1.00 25.07 ? 180 GLY A C   1 
ATOM   1338 O O   . GLY A 1 180 ? -13.249 -9.091  1.425   1.00 24.12 ? 180 GLY A O   1 
ATOM   1339 N N   . LEU A 1 181 ? -11.995 -10.193 2.923   1.00 24.36 ? 181 LEU A N   1 
ATOM   1340 C CA  . LEU A 1 181 ? -11.085 -10.716 1.912   1.00 25.02 ? 181 LEU A CA  1 
ATOM   1341 C C   . LEU A 1 181 ? -11.710 -11.559 0.805   1.00 26.66 ? 181 LEU A C   1 
ATOM   1342 O O   . LEU A 1 181 ? -11.640 -11.198 -0.377  1.00 28.51 ? 181 LEU A O   1 
ATOM   1343 C CB  . LEU A 1 181 ? -9.971  -11.527 2.564   1.00 24.43 ? 181 LEU A CB  1 
ATOM   1344 C CG  . LEU A 1 181 ? -8.901  -12.036 1.591   1.00 24.56 ? 181 LEU A CG  1 
ATOM   1345 C CD1 . LEU A 1 181 ? -8.180  -10.849 0.937   1.00 23.41 ? 181 LEU A CD1 1 
ATOM   1346 C CD2 . LEU A 1 181 ? -7.910  -12.893 2.339   1.00 20.92 ? 181 LEU A CD2 1 
ATOM   1347 N N   . GLU A 1 182 ? -12.309 -12.687 1.179   1.00 27.05 ? 182 GLU A N   1 
ATOM   1348 C CA  . GLU A 1 182 ? -12.911 -13.594 0.200   1.00 25.97 ? 182 GLU A CA  1 
ATOM   1349 C C   . GLU A 1 182 ? -13.870 -12.911 -0.774  1.00 26.22 ? 182 GLU A C   1 
ATOM   1350 O O   . GLU A 1 182 ? -13.735 -13.056 -1.979  1.00 24.70 ? 182 GLU A O   1 
ATOM   1351 C CB  . GLU A 1 182 ? -13.586 -14.764 0.925   1.00 27.46 ? 182 GLU A CB  1 
ATOM   1352 C CG  . GLU A 1 182 ? -12.586 -15.731 1.579   1.00 28.10 ? 182 GLU A CG  1 
ATOM   1353 C CD  . GLU A 1 182 ? -12.014 -15.214 2.895   1.00 29.66 ? 182 GLU A CD  1 
ATOM   1354 O OE1 . GLU A 1 182 ? -12.155 -14.008 3.194   1.00 31.95 ? 182 GLU A OE1 1 
ATOM   1355 O OE2 . GLU A 1 182 ? -11.410 -16.018 3.634   1.00 28.96 ? 182 GLU A OE2 1 
ATOM   1356 N N   . PRO A 1 183 ? -14.857 -12.159 -0.270  1.00 27.63 ? 183 PRO A N   1 
ATOM   1357 C CA  . PRO A 1 183 ? -15.775 -11.488 -1.200  1.00 28.90 ? 183 PRO A CA  1 
ATOM   1358 C C   . PRO A 1 183 ? -14.963 -10.568 -2.137  1.00 29.75 ? 183 PRO A C   1 
ATOM   1359 O O   . PRO A 1 183 ? -15.034 -10.671 -3.366  1.00 29.64 ? 183 PRO A O   1 
ATOM   1360 C CB  . PRO A 1 183 ? -16.688 -10.698 -0.264  1.00 28.03 ? 183 PRO A CB  1 
ATOM   1361 C CG  . PRO A 1 183 ? -16.733 -11.560 0.953   1.00 27.75 ? 183 PRO A CG  1 
ATOM   1362 C CD  . PRO A 1 183 ? -15.292 -11.974 1.126   1.00 26.52 ? 183 PRO A CD  1 
ATOM   1363 N N   . ALA A 1 184 ? -14.181 -9.681  -1.532  1.00 30.04 ? 184 ALA A N   1 
ATOM   1364 C CA  . ALA A 1 184 ? -13.336 -8.748  -2.262  1.00 30.83 ? 184 ALA A CA  1 
ATOM   1365 C C   . ALA A 1 184 ? -12.458 -9.386  -3.339  1.00 32.09 ? 184 ALA A C   1 
ATOM   1366 O O   . ALA A 1 184 ? -12.427 -8.914  -4.475  1.00 31.25 ? 184 ALA A O   1 
ATOM   1367 C CB  . ALA A 1 184 ? -12.455 -7.988  -1.285  1.00 30.81 ? 184 ALA A CB  1 
ATOM   1368 N N   . GLN A 1 185 ? -11.744 -10.453 -2.997  1.00 34.64 ? 185 GLN A N   1 
ATOM   1369 C CA  . GLN A 1 185 ? -10.855 -11.064 -3.978  1.00 36.69 ? 185 GLN A CA  1 
ATOM   1370 C C   . GLN A 1 185 ? -11.594 -11.881 -5.031  1.00 38.44 ? 185 GLN A C   1 
ATOM   1371 O O   . GLN A 1 185 ? -11.047 -12.192 -6.082  1.00 40.06 ? 185 GLN A O   1 
ATOM   1372 C CB  . GLN A 1 185 ? -9.750  -11.895 -3.281  1.00 35.73 ? 185 GLN A CB  1 
ATOM   1373 C CG  . GLN A 1 185 ? -10.177 -13.138 -2.542  1.00 35.05 ? 185 GLN A CG  1 
ATOM   1374 C CD  . GLN A 1 185 ? -9.012  -13.814 -1.821  1.00 34.24 ? 185 GLN A CD  1 
ATOM   1375 O OE1 . GLN A 1 185 ? -9.170  -14.878 -1.220  1.00 34.21 ? 185 GLN A OE1 1 
ATOM   1376 N NE2 . GLN A 1 185 ? -7.843  -13.197 -1.874  1.00 33.72 ? 185 GLN A NE2 1 
ATOM   1377 N N   . ASN A 1 186 ? -12.855 -12.189 -4.776  1.00 40.80 ? 186 ASN A N   1 
ATOM   1378 C CA  . ASN A 1 186 ? -13.630 -12.951 -5.741  1.00 42.99 ? 186 ASN A CA  1 
ATOM   1379 C C   . ASN A 1 186 ? -14.113 -11.958 -6.807  1.00 43.89 ? 186 ASN A C   1 
ATOM   1380 O O   . ASN A 1 186 ? -14.235 -12.287 -7.990  1.00 44.45 ? 186 ASN A O   1 
ATOM   1381 C CB  . ASN A 1 186 ? -14.820 -13.622 -5.055  1.00 43.87 ? 186 ASN A CB  1 
ATOM   1382 C CG  . ASN A 1 186 ? -15.567 -14.558 -5.984  1.00 46.92 ? 186 ASN A CG  1 
ATOM   1383 O OD1 . ASN A 1 186 ? -16.669 -14.247 -6.450  1.00 48.31 ? 186 ASN A OD1 1 
ATOM   1384 N ND2 . ASN A 1 186 ? -14.972 -15.719 -6.260  1.00 47.14 ? 186 ASN A ND2 1 
ATOM   1385 N N   . THR A 1 187 ? -14.364 -10.729 -6.375  1.00 44.95 ? 187 THR A N   1 
ATOM   1386 C CA  . THR A 1 187 ? -14.817 -9.689  -7.277  1.00 46.28 ? 187 THR A CA  1 
ATOM   1387 C C   . THR A 1 187 ? -13.668 -9.149  -8.119  1.00 48.27 ? 187 THR A C   1 
ATOM   1388 O O   . THR A 1 187 ? -13.779 -8.990  -9.341  1.00 49.11 ? 187 THR A O   1 
ATOM   1389 C CB  . THR A 1 187 ? -15.412 -8.485  -6.495  1.00 46.57 ? 187 THR A CB  1 
ATOM   1390 O OG1 . THR A 1 187 ? -16.586 -8.864  -5.767  1.00 47.12 ? 187 THR A OG1 1 
ATOM   1391 C CG2 . THR A 1 187 ? -15.721 -7.352  -7.468  1.00 46.54 ? 187 THR A CG2 1 
ATOM   1392 N N   . VAL A 1 188 ? -12.561 -8.869  -7.446  1.00 49.07 ? 188 VAL A N   1 
ATOM   1393 C CA  . VAL A 1 188 ? -11.397 -8.286  -8.094  1.00 50.85 ? 188 VAL A CA  1 
ATOM   1394 C C   . VAL A 1 188 ? -10.490 -9.214  -8.903  1.00 52.98 ? 188 VAL A C   1 
ATOM   1395 O O   . VAL A 1 188 ? -9.714  -8.738  -9.728  1.00 52.37 ? 188 VAL A O   1 
ATOM   1396 C CB  . VAL A 1 188 ? -10.530 -7.524  -7.067  1.00 50.23 ? 188 VAL A CB  1 
ATOM   1397 C CG1 . VAL A 1 188 ? -9.276  -6.981  -7.728  1.00 50.43 ? 188 VAL A CG1 1 
ATOM   1398 C CG2 . VAL A 1 188 ? -11.329 -6.387  -6.472  1.00 49.70 ? 188 VAL A CG2 1 
ATOM   1399 N N   . HIS A 1 189 ? -10.575 -10.523 -8.696  1.00 56.04 ? 189 HIS A N   1 
ATOM   1400 C CA  . HIS A 1 189 ? -9.723  -11.439 -9.451  1.00 59.87 ? 189 HIS A CA  1 
ATOM   1401 C C   . HIS A 1 189 ? -10.316 -11.951 -10.767 1.00 64.01 ? 189 HIS A C   1 
ATOM   1402 O O   . HIS A 1 189 ? -11.535 -11.982 -10.936 1.00 64.82 ? 189 HIS A O   1 
ATOM   1403 C CB  . HIS A 1 189 ? -9.339  -12.634 -8.582  1.00 56.76 ? 189 HIS A CB  1 
ATOM   1404 C CG  . HIS A 1 189 ? -8.510  -12.276 -7.385  1.00 54.33 ? 189 HIS A CG  1 
ATOM   1405 N ND1 . HIS A 1 189 ? -8.031  -13.220 -6.506  1.00 54.01 ? 189 HIS A ND1 1 
ATOM   1406 C CD2 . HIS A 1 189 ? -8.082  -11.077 -6.926  1.00 53.68 ? 189 HIS A CD2 1 
ATOM   1407 C CE1 . HIS A 1 189 ? -7.337  -12.617 -5.551  1.00 52.69 ? 189 HIS A CE1 1 
ATOM   1408 N NE2 . HIS A 1 189 ? -7.355  -11.319 -5.784  1.00 51.13 ? 189 HIS A NE2 1 
ATOM   1409 N N   . ALA A 1 190 ? -9.446  -12.350 -11.688 1.00 69.13 ? 190 ALA A N   1 
ATOM   1410 C CA  . ALA A 1 190 ? -9.880  -12.859 -12.984 1.00 74.37 ? 190 ALA A CA  1 
ATOM   1411 C C   . ALA A 1 190 ? -8.707  -13.428 -13.775 1.00 77.79 ? 190 ALA A C   1 
ATOM   1412 O O   . ALA A 1 190 ? -7.721  -12.736 -14.023 1.00 78.38 ? 190 ALA A O   1 
ATOM   1413 C CB  . ALA A 1 190 ? -10.577 -11.763 -13.778 1.00 74.93 ? 190 ALA A CB  1 
ATOM   1414 N N   . TRP A 1 191 ? -8.822  -14.692 -14.167 1.00 81.21 ? 191 TRP A N   1 
ATOM   1415 C CA  . TRP A 1 191 ? -7.772  -15.357 -14.929 1.00 83.94 ? 191 TRP A CA  1 
ATOM   1416 C C   . TRP A 1 191 ? -8.305  -16.599 -15.636 1.00 84.32 ? 191 TRP A C   1 
ATOM   1417 O O   . TRP A 1 191 ? -7.553  -17.529 -15.927 1.00 84.61 ? 191 TRP A O   1 
ATOM   1418 C CB  . TRP A 1 191 ? -6.603  -15.733 -14.015 1.00 86.51 ? 191 TRP A CB  1 
ATOM   1419 C CG  . TRP A 1 191 ? -7.020  -16.068 -12.616 1.00 89.14 ? 191 TRP A CG  1 
ATOM   1420 C CD1 . TRP A 1 191 ? -7.987  -15.449 -11.878 1.00 89.62 ? 191 TRP A CD1 1 
ATOM   1421 C CD2 . TRP A 1 191 ? -6.483  -17.103 -11.785 1.00 90.55 ? 191 TRP A CD2 1 
ATOM   1422 N NE1 . TRP A 1 191 ? -8.084  -16.035 -10.639 1.00 90.31 ? 191 TRP A NE1 1 
ATOM   1423 C CE2 . TRP A 1 191 ? -7.171  -17.053 -10.557 1.00 91.13 ? 191 TRP A CE2 1 
ATOM   1424 C CE3 . TRP A 1 191 ? -5.485  -18.068 -11.960 1.00 91.20 ? 191 TRP A CE3 1 
ATOM   1425 C CZ2 . TRP A 1 191 ? -6.896  -17.929 -9.510  1.00 91.58 ? 191 TRP A CZ2 1 
ATOM   1426 C CZ3 . TRP A 1 191 ? -5.212  -18.937 -10.918 1.00 91.85 ? 191 TRP A CZ3 1 
ATOM   1427 C CH2 . TRP A 1 191 ? -5.915  -18.862 -9.710  1.00 91.96 ? 191 TRP A CH2 1 
ATOM   1428 O OXT . TRP A 1 191 ? -8.886  -16.076 -16.829 1.00 36.49 ? 191 TRP A OXT 1 
HETATM 1429 O O   . HOH B 2 .   ? 2.042   -9.157  -1.136  1.00 27.33 ? 192 HOH A O   1 
HETATM 1430 O O   . HOH B 2 .   ? 4.195   0.928   -3.368  1.00 23.84 ? 193 HOH A O   1 
HETATM 1431 O O   . HOH B 2 .   ? 2.550   -14.463 13.772  1.00 46.12 ? 194 HOH A O   1 
HETATM 1432 O O   . HOH B 2 .   ? -17.609 5.297   5.525   1.00 34.60 ? 195 HOH A O   1 
HETATM 1433 O O   . HOH B 2 .   ? 17.697  6.715   4.769   1.00 54.60 ? 196 HOH A O   1 
HETATM 1434 O O   . HOH B 2 .   ? -4.967  -14.720 0.811   1.00 30.64 ? 197 HOH A O   1 
HETATM 1435 O O   . HOH B 2 .   ? 6.976   -6.974  -5.645  1.00 37.85 ? 198 HOH A O   1 
HETATM 1436 O O   . HOH B 2 .   ? 13.260  1.242   -2.668  1.00 25.93 ? 199 HOH A O   1 
HETATM 1437 O O   . HOH B 2 .   ? 5.448   7.582   -14.202 1.00 32.71 ? 200 HOH A O   1 
HETATM 1438 O O   . HOH B 2 .   ? -9.745  11.017  -4.513  1.00 34.70 ? 201 HOH A O   1 
HETATM 1439 O O   . HOH B 2 .   ? 12.019  -5.899  14.011  1.00 50.50 ? 202 HOH A O   1 
HETATM 1440 O O   . HOH B 2 .   ? 2.210   -15.725 -1.157  1.00 36.85 ? 203 HOH A O   1 
HETATM 1441 O O   . HOH B 2 .   ? 4.551   -14.447 9.732   1.00 39.89 ? 204 HOH A O   1 
HETATM 1442 O O   . HOH B 2 .   ? 6.716   -4.959  -16.542 1.00 33.75 ? 205 HOH A O   1 
HETATM 1443 O O   . HOH B 2 .   ? 2.235   -16.884 6.013   1.00 55.44 ? 206 HOH A O   1 
HETATM 1444 O O   . HOH B 2 .   ? 8.256   6.048   -22.851 1.00 47.81 ? 207 HOH A O   1 
HETATM 1445 O O   . HOH B 2 .   ? 12.979  6.088   -15.637 1.00 52.70 ? 208 HOH A O   1 
HETATM 1446 O O   . HOH B 2 .   ? -12.736 1.725   -10.328 1.00 47.28 ? 209 HOH A O   1 
HETATM 1447 O O   . HOH B 2 .   ? -11.900 -11.265 5.528   1.00 43.20 ? 210 HOH A O   1 
HETATM 1448 O O   . HOH B 2 .   ? 4.506   3.134   19.276  1.00 43.77 ? 211 HOH A O   1 
HETATM 1449 O O   . HOH B 2 .   ? -20.982 -6.906  2.903   1.00 38.04 ? 212 HOH A O   1 
HETATM 1450 O O   . HOH B 2 .   ? 12.890  5.775   12.008  1.00 48.86 ? 213 HOH A O   1 
HETATM 1451 O O   . HOH B 2 .   ? -14.853 10.977  8.319   1.00 51.17 ? 214 HOH A O   1 
HETATM 1452 O O   . HOH B 2 .   ? 0.684   -15.327 -3.901  1.00 55.23 ? 215 HOH A O   1 
HETATM 1453 O O   . HOH B 2 .   ? -13.067 6.408   -8.927  1.00 44.97 ? 216 HOH A O   1 
HETATM 1454 O O   . HOH B 2 .   ? 6.085   13.897  24.478  1.00 44.71 ? 217 HOH A O   1 
HETATM 1455 O O   . HOH B 2 .   ? 8.052   13.943  16.223  1.00 45.15 ? 218 HOH A O   1 
HETATM 1456 O O   . HOH B 2 .   ? -11.488 -8.553  -12.607 1.00 54.30 ? 219 HOH A O   1 
HETATM 1457 O O   . HOH B 2 .   ? 3.957   -10.442 -2.379  1.00 31.58 ? 220 HOH A O   1 
HETATM 1458 O O   . HOH B 2 .   ? 14.666  -5.073  -2.214  1.00 43.39 ? 221 HOH A O   1 
HETATM 1459 O O   . HOH B 2 .   ? 13.541  -6.546  -5.569  1.00 34.02 ? 222 HOH A O   1 
HETATM 1460 O O   . HOH B 2 .   ? 5.243   -1.351  -15.104 1.00 33.82 ? 223 HOH A O   1 
HETATM 1461 O O   . HOH B 2 .   ? 14.986  14.803  -8.931  1.00 25.49 ? 224 HOH A O   1 
HETATM 1462 O O   . HOH B 2 .   ? 5.685   -8.032  -3.771  1.00 33.50 ? 225 HOH A O   1 
HETATM 1463 O O   . HOH B 2 .   ? 15.135  -9.217  -15.452 1.00 49.00 ? 226 HOH A O   1 
HETATM 1464 O O   . HOH B 2 .   ? 10.668  2.731   -17.246 1.00 52.09 ? 227 HOH A O   1 
HETATM 1465 O O   . HOH B 2 .   ? -9.037  -12.281 6.132   1.00 28.66 ? 228 HOH A O   1 
HETATM 1466 O O   . HOH B 2 .   ? 5.784   10.746  3.017   1.00 57.87 ? 229 HOH A O   1 
HETATM 1467 O O   . HOH B 2 .   ? 7.692   -9.685  -6.213  1.00 42.12 ? 230 HOH A O   1 
HETATM 1468 O O   . HOH B 2 .   ? 8.809   12.902  -15.066 1.00 53.16 ? 231 HOH A O   1 
HETATM 1469 O O   . HOH B 2 .   ? 0.461   10.505  -5.620  1.00 41.04 ? 232 HOH A O   1 
HETATM 1470 O O   . HOH B 2 .   ? 3.417   -2.565  -18.982 1.00 47.98 ? 233 HOH A O   1 
HETATM 1471 O O   . HOH B 2 .   ? -14.623 -16.072 -2.984  1.00 54.03 ? 234 HOH A O   1 
HETATM 1472 O O   . HOH B 2 .   ? 9.721   -7.778  15.080  1.00 56.81 ? 235 HOH A O   1 
HETATM 1473 O O   . HOH B 2 .   ? 4.106   9.310   -5.166  1.00 45.87 ? 236 HOH A O   1 
HETATM 1474 O O   . HOH B 2 .   ? -11.461 -5.930  -11.417 1.00 62.03 ? 237 HOH A O   1 
HETATM 1475 O O   . HOH B 2 .   ? -5.263  9.875   16.828  1.00 41.08 ? 238 HOH A O   1 
HETATM 1476 O O   . HOH B 2 .   ? 0.035   16.914  2.831   1.00 49.62 ? 239 HOH A O   1 
HETATM 1477 O O   . HOH B 2 .   ? -12.956 8.211   12.499  1.00 45.79 ? 240 HOH A O   1 
HETATM 1478 O O   . HOH B 2 .   ? -6.476  -16.230 2.524   1.00 43.49 ? 241 HOH A O   1 
HETATM 1479 O O   . HOH B 2 .   ? 8.867   -9.881  -19.920 1.00 54.15 ? 242 HOH A O   1 
HETATM 1480 O O   . HOH B 2 .   ? -3.899  12.251  13.692  1.00 45.81 ? 243 HOH A O   1 
HETATM 1481 O O   . HOH B 2 .   ? -12.075 -6.908  6.659   1.00 41.22 ? 244 HOH A O   1 
HETATM 1482 O O   . HOH B 2 .   ? 8.862   3.158   -23.523 1.00 56.38 ? 245 HOH A O   1 
HETATM 1483 O O   . HOH B 2 .   ? -19.110 -9.474  2.959   1.00 29.89 ? 246 HOH A O   1 
HETATM 1484 O O   . HOH B 2 .   ? 10.150  4.937   -5.244  1.00 24.09 ? 247 HOH A O   1 
HETATM 1485 O O   . HOH B 2 .   ? 9.085   -11.308 10.416  1.00 41.20 ? 248 HOH A O   1 
HETATM 1486 O O   . HOH B 2 .   ? -0.479  -11.450 -14.035 1.00 46.61 ? 249 HOH A O   1 
HETATM 1487 O O   . HOH B 2 .   ? -10.942 14.883  15.299  1.00 54.58 ? 250 HOH A O   1 
HETATM 1488 O O   . HOH B 2 .   ? 0.660   13.975  16.691  1.00 52.16 ? 251 HOH A O   1 
HETATM 1489 O O   . HOH B 2 .   ? -3.151  -12.725 -4.309  1.00 52.09 ? 252 HOH A O   1 
HETATM 1490 O O   . HOH B 2 .   ? -19.043 1.540   12.243  1.00 43.65 ? 253 HOH A O   1 
HETATM 1491 O O   . HOH B 2 .   ? -15.731 8.814   0.585   1.00 46.22 ? 254 HOH A O   1 
HETATM 1492 O O   . HOH B 2 .   ? 7.518   10.454  -3.138  1.00 29.38 ? 255 HOH A O   1 
HETATM 1493 O O   . HOH B 2 .   ? 0.022   -13.420 13.446  1.00 52.22 ? 256 HOH A O   1 
HETATM 1494 O O   . HOH B 2 .   ? 5.460   5.881   19.350  1.00 51.57 ? 257 HOH A O   1 
HETATM 1495 O O   . HOH B 2 .   ? 12.557  -3.743  -4.077  1.00 45.13 ? 258 HOH A O   1 
HETATM 1496 O O   . HOH B 2 .   ? -16.433 5.246   1.694   1.00 51.26 ? 259 HOH A O   1 
HETATM 1497 O O   . HOH B 2 .   ? -7.800  -9.739  -13.324 1.00 63.96 ? 260 HOH A O   1 
HETATM 1498 O O   . HOH B 2 .   ? 3.645   -15.753 11.829  1.00 44.74 ? 261 HOH A O   1 
HETATM 1499 O O   . HOH B 2 .   ? 1.779   14.052  2.051   1.00 53.23 ? 262 HOH A O   1 
HETATM 1500 O O   . HOH B 2 .   ? 4.700   13.135  0.962   1.00 60.55 ? 263 HOH A O   1 
HETATM 1501 O O   . HOH B 2 .   ? -12.523 -3.214  -13.004 1.00 60.14 ? 264 HOH A O   1 
HETATM 1502 O O   . HOH B 2 .   ? 7.738   -7.609  -19.914 1.00 78.37 ? 265 HOH A O   1 
HETATM 1503 O O   . HOH B 2 .   ? -18.024 -1.812  6.855   1.00 39.38 ? 266 HOH A O   1 
HETATM 1504 O O   . HOH B 2 .   ? -6.161  15.015  0.962   1.00 33.70 ? 267 HOH A O   1 
HETATM 1505 O O   . HOH B 2 .   ? -7.579  -7.160  -11.334 1.00 66.48 ? 268 HOH A O   1 
HETATM 1506 O O   . HOH B 2 .   ? -6.594  13.372  10.032  1.00 54.23 ? 269 HOH A O   1 
HETATM 1507 O O   . HOH B 2 .   ? 4.992   12.183  -2.648  1.00 46.07 ? 270 HOH A O   1 
HETATM 1508 O O   . HOH B 2 .   ? -4.065  14.383  9.193   1.00 40.11 ? 271 HOH A O   1 
HETATM 1509 O O   . HOH B 2 .   ? -9.166  -14.825 5.313   1.00 40.06 ? 272 HOH A O   1 
HETATM 1510 O O   . HOH B 2 .   ? -18.907 -2.945  -0.396  1.00 45.56 ? 273 HOH A O   1 
HETATM 1511 O O   . HOH B 2 .   ? 2.327   -14.761 -6.690  1.00 49.11 ? 274 HOH A O   1 
HETATM 1512 O O   . HOH B 2 .   ? -2.539  13.419  16.589  1.00 66.73 ? 275 HOH A O   1 
HETATM 1513 O O   . HOH B 2 .   ? -14.286 -18.523 -2.302  1.00 49.97 ? 276 HOH A O   1 
HETATM 1514 O O   . HOH B 2 .   ? 6.664   -16.592 3.967   1.00 42.35 ? 277 HOH A O   1 
HETATM 1515 O O   . HOH B 2 .   ? -10.710 -3.015  -10.094 1.00 64.08 ? 278 HOH A O   1 
HETATM 1516 O O   . HOH B 2 .   ? -18.342 -10.733 -4.074  1.00 48.30 ? 279 HOH A O   1 
HETATM 1517 O O   . HOH B 2 .   ? -9.296  12.137  15.559  1.00 59.22 ? 280 HOH A O   1 
HETATM 1518 O O   . HOH B 2 .   ? -2.371  10.633  16.664  1.00 58.71 ? 281 HOH A O   1 
HETATM 1519 O O   . HOH B 2 .   ? -14.797 9.376   14.557  1.00 60.35 ? 282 HOH A O   1 
HETATM 1520 O O   . HOH B 2 .   ? 15.197  9.681   4.060   1.00 67.80 ? 283 HOH A O   1 
HETATM 1521 O O   . HOH B 2 .   ? 3.573   -10.593 16.614  1.00 41.16 ? 284 HOH A O   1 
HETATM 1522 O O   . HOH B 2 .   ? 10.533  -11.473 -18.229 1.00 58.50 ? 285 HOH A O   1 
HETATM 1523 O O   . HOH B 2 .   ? 11.798  15.134  -9.404  1.00 45.60 ? 286 HOH A O   1 
HETATM 1524 O O   . HOH B 2 .   ? -16.652 11.342  2.175   1.00 51.07 ? 287 HOH A O   1 
HETATM 1525 O O   . HOH B 2 .   ? 15.621  3.386   -1.969  1.00 49.89 ? 288 HOH A O   1 
HETATM 1526 O O   . HOH B 2 .   ? -10.545 12.616  12.368  1.00 52.14 ? 289 HOH A O   1 
HETATM 1527 O O   . HOH B 2 .   ? -4.582  13.267  -0.904  1.00 46.51 ? 290 HOH A O   1 
HETATM 1528 O O   . HOH B 2 .   ? -19.240 11.180  7.910   1.00 66.01 ? 291 HOH A O   1 
HETATM 1529 O O   . HOH B 2 .   ? -17.237 13.468  8.752   1.00 47.49 ? 292 HOH A O   1 
HETATM 1530 O O   . HOH B 2 .   ? -7.398  9.242   -17.139 1.00 50.24 ? 293 HOH A O   1 
HETATM 1531 O O   . HOH B 2 .   ? -9.548  7.713   -14.943 1.00 56.37 ? 294 HOH A O   1 
HETATM 1532 O O   . HOH B 2 .   ? -14.767 14.810  -1.086  1.00 66.46 ? 295 HOH A O   1 
HETATM 1533 O O   . HOH B 2 .   ? -13.442 16.520  -3.131  1.00 45.84 ? 296 HOH A O   1 
HETATM 1534 O O   . HOH B 2 .   ? 0.051   -17.641 2.515   1.00 43.51 ? 297 HOH A O   1 
HETATM 1535 O O   . HOH B 2 .   ? 1.114   -20.483 3.161   1.00 52.24 ? 298 HOH A O   1 
HETATM 1536 O O   . HOH B 2 .   ? 3.931   -19.285 2.676   1.00 55.08 ? 299 HOH A O   1 
HETATM 1537 O O   . HOH B 2 .   ? 7.023   -2.514  -18.802 1.00 48.20 ? 300 HOH A O   1 
HETATM 1538 O O   . HOH B 2 .   ? -3.237  -17.028 4.920   1.00 52.24 ? 301 HOH A O   1 
HETATM 1539 O O   . HOH B 2 .   ? -1.671  -17.157 7.061   1.00 62.37 ? 302 HOH A O   1 
HETATM 1540 O O   . HOH B 2 .   ? -12.657 -2.698  19.935  1.00 51.94 ? 303 HOH A O   1 
HETATM 1541 O O   . HOH B 2 .   ? -8.529  -12.074 9.413   1.00 47.73 ? 304 HOH A O   1 
HETATM 1542 O O   . HOH B 2 .   ? -9.108  -6.074  -14.647 1.00 57.80 ? 305 HOH A O   1 
HETATM 1543 O O   . HOH B 2 .   ? -7.215  -4.512  -15.712 1.00 64.17 ? 306 HOH A O   1 
HETATM 1544 O O   . HOH B 2 .   ? -15.865 -2.451  13.720  1.00 72.59 ? 307 HOH A O   1 
HETATM 1545 O O   . HOH B 2 .   ? -11.577 5.658   -14.103 1.00 47.98 ? 308 HOH A O   1 
HETATM 1546 O O   . HOH B 2 .   ? -17.803 16.792  7.886   1.00 57.80 ? 309 HOH A O   1 
HETATM 1547 O O   . HOH B 2 .   ? -15.343 11.733  17.088  1.00 75.80 ? 310 HOH A O   1 
HETATM 1548 O O   . HOH B 2 .   ? -18.767 2.643   15.201  1.00 40.57 ? 311 HOH A O   1 
HETATM 1549 O O   . HOH B 2 .   ? -10.404 7.097   16.288  1.00 64.36 ? 312 HOH A O   1 
HETATM 1550 O O   . HOH B 2 .   ? -13.183 10.488  16.160  1.00 76.01 ? 313 HOH A O   1 
HETATM 1551 O O   . HOH B 2 .   ? 2.841   7.107   -26.081 1.00 40.57 ? 314 HOH A O   1 
HETATM 1552 O O   . HOH B 2 .   ? 7.319   18.142  8.612   1.00 54.91 ? 315 HOH A O   1 
HETATM 1553 O O   . HOH B 2 .   ? -12.305 -19.034 0.157   1.00 54.89 ? 316 HOH A O   1 
HETATM 1554 O O   . HOH B 2 .   ? 19.675  -11.629 -19.505 1.00 64.42 ? 317 HOH A O   1 
HETATM 1555 O O   . HOH B 2 .   ? -8.196  10.953  -7.247  1.00 45.23 ? 318 HOH A O   1 
HETATM 1556 O O   . HOH B 2 .   ? 8.553   -4.773  -5.743  1.00 36.64 ? 319 HOH A O   1 
HETATM 1557 O O   . HOH B 2 .   ? 11.010  8.708   12.320  1.00 59.55 ? 320 HOH A O   1 
HETATM 1558 O O   . HOH B 2 .   ? 24.434  -11.453 -23.513 1.00 59.01 ? 321 HOH A O   1 
HETATM 1559 O O   . HOH B 2 .   ? 14.093  8.394   0.109   1.00 55.88 ? 322 HOH A O   1 
HETATM 1560 O O   . HOH B 2 .   ? -9.550  -6.608  7.099   1.00 53.59 ? 323 HOH A O   1 
HETATM 1561 O O   . HOH B 2 .   ? 24.254  -14.146 -23.737 1.00 51.35 ? 324 HOH A O   1 
HETATM 1562 O O   . HOH B 2 .   ? -20.268 -5.714  -4.486  1.00 60.31 ? 325 HOH A O   1 
HETATM 1563 O O   . HOH B 2 .   ? 5.760   -13.478 -17.144 1.00 58.88 ? 326 HOH A O   1 
HETATM 1564 O O   . HOH B 2 .   ? 0.286   12.264  19.623  1.00 58.10 ? 327 HOH A O   1 
HETATM 1565 O O   . HOH B 2 .   ? 9.670   10.137  -10.106 1.00 48.98 ? 328 HOH A O   1 
HETATM 1566 O O   . HOH B 2 .   ? 2.626   -6.875  -17.278 1.00 63.99 ? 329 HOH A O   1 
HETATM 1567 O O   . HOH B 2 .   ? -11.413 8.706   -6.220  1.00 49.35 ? 330 HOH A O   1 
HETATM 1568 O O   . HOH B 2 .   ? -14.340 0.569   13.694  1.00 43.16 ? 331 HOH A O   1 
HETATM 1569 O O   . HOH B 2 .   ? 8.084   14.843  0.615   1.00 57.20 ? 332 HOH A O   1 
HETATM 1570 O O   . HOH B 2 .   ? 15.318  5.602   -0.588  1.00 59.02 ? 333 HOH A O   1 
HETATM 1571 O O   . HOH B 2 .   ? -3.367  -4.981  19.690  1.00 49.82 ? 334 HOH A O   1 
HETATM 1572 O O   . HOH B 2 .   ? 17.078  8.189   -1.465  1.00 34.60 ? 335 HOH A O   1 
HETATM 1573 O O   . HOH B 2 .   ? -8.240  18.754  5.310   1.00 54.79 ? 336 HOH A O   1 
HETATM 1574 O O   . HOH B 2 .   ? -13.019 13.323  -3.954  1.00 55.33 ? 337 HOH A O   1 
HETATM 1575 O O   . HOH B 2 .   ? 8.567   13.058  10.332  1.00 59.41 ? 338 HOH A O   1 
HETATM 1576 O O   . HOH B 2 .   ? 15.744  -1.798  -0.513  1.00 30.23 ? 339 HOH A O   1 
HETATM 1577 O O   . HOH B 2 .   ? 16.153  -1.140  -21.299 1.00 30.23 ? 340 HOH A O   1 
HETATM 1578 O O   . HOH B 2 .   ? 14.573  0.534   -23.105 1.00 30.23 ? 341 HOH A O   1 
HETATM 1579 O O   . HOH B 2 .   ? 17.805  -5.274  -20.020 1.00 30.23 ? 342 HOH A O   1 
HETATM 1580 O O   . HOH B 2 .   ? -10.359 7.145   12.889  1.00 30.23 ? 343 HOH A O   1 
HETATM 1581 O O   . HOH B 2 .   ? -11.612 -5.389  8.603   1.00 30.23 ? 344 HOH A O   1 
HETATM 1582 O O   . HOH B 2 .   ? -6.578  0.971   -17.820 1.00 30.23 ? 345 HOH A O   1 
HETATM 1583 O O   . HOH B 2 .   ? -15.458 -10.120 -11.137 1.00 30.23 ? 346 HOH A O   1 
# 
loop_
_pdbx_poly_seq_scheme.asym_id 
_pdbx_poly_seq_scheme.entity_id 
_pdbx_poly_seq_scheme.seq_id 
_pdbx_poly_seq_scheme.mon_id 
_pdbx_poly_seq_scheme.ndb_seq_num 
_pdbx_poly_seq_scheme.pdb_seq_num 
_pdbx_poly_seq_scheme.auth_seq_num 
_pdbx_poly_seq_scheme.pdb_mon_id 
_pdbx_poly_seq_scheme.auth_mon_id 
_pdbx_poly_seq_scheme.pdb_strand_id 
_pdbx_poly_seq_scheme.pdb_ins_code 
_pdbx_poly_seq_scheme.hetero 
A 1 1   MET 1   1   1   MET MET A . n 
A 1 2   ALA 2   2   2   ALA ALA A . n 
A 1 3   GLU 3   3   3   GLU GLU A . n 
A 1 4   PRO 4   4   4   PRO PRO A . n 
A 1 5   LEU 5   5   5   LEU LEU A . n 
A 1 6   LEU 6   6   6   LEU LEU A . n 
A 1 7   VAL 7   7   7   VAL VAL A . n 
A 1 8   VAL 8   8   8   VAL VAL A . n 
A 1 9   GLY 9   9   9   GLY GLY A . n 
A 1 10  LEU 10  10  10  LEU LEU A . n 
A 1 11  GLY 11  11  11  GLY GLY A . n 
A 1 12  ASN 12  12  12  ASN ASN A . n 
A 1 13  PRO 13  13  13  PRO PRO A . n 
A 1 14  GLY 14  14  14  GLY GLY A . n 
A 1 15  PRO 15  15  15  PRO PRO A . n 
A 1 16  THR 16  16  16  THR THR A . n 
A 1 17  TYR 17  17  17  TYR TYR A . n 
A 1 18  ALA 18  18  18  ALA ALA A . n 
A 1 19  LYS 19  19  19  LYS LYS A . n 
A 1 20  THR 20  20  20  THR THR A . n 
A 1 21  ARG 21  21  21  ARG ARG A . n 
A 1 22  HIS 22  22  22  HIS HIS A . n 
A 1 23  ASN 23  23  23  ASN ASN A . n 
A 1 24  LEU 24  24  24  LEU LEU A . n 
A 1 25  GLY 25  25  25  GLY GLY A . n 
A 1 26  PHE 26  26  26  PHE PHE A . n 
A 1 27  MET 27  27  27  MET MET A . n 
A 1 28  VAL 28  28  28  VAL VAL A . n 
A 1 29  ALA 29  29  29  ALA ALA A . n 
A 1 30  ASP 30  30  30  ASP ASP A . n 
A 1 31  VAL 31  31  31  VAL VAL A . n 
A 1 32  LEU 32  32  32  LEU LEU A . n 
A 1 33  ALA 33  33  33  ALA ALA A . n 
A 1 34  GLY 34  34  34  GLY GLY A . n 
A 1 35  ARG 35  35  35  ARG ARG A . n 
A 1 36  ILE 36  36  36  ILE ILE A . n 
A 1 37  GLY 37  37  37  GLY GLY A . n 
A 1 38  SER 38  38  38  SER SER A . n 
A 1 39  ALA 39  39  39  ALA ALA A . n 
A 1 40  PHE 40  40  40  PHE PHE A . n 
A 1 41  LYS 41  41  41  LYS LYS A . n 
A 1 42  VAL 42  42  42  VAL VAL A . n 
A 1 43  HIS 43  43  43  HIS HIS A . n 
A 1 44  LYS 44  44  44  LYS LYS A . n 
A 1 45  LYS 45  45  45  LYS LYS A . n 
A 1 46  SER 46  46  46  SER SER A . n 
A 1 47  GLY 47  47  47  GLY GLY A . n 
A 1 48  ALA 48  48  48  ALA ALA A . n 
A 1 49  GLU 49  49  49  GLU GLU A . n 
A 1 50  VAL 50  50  50  VAL VAL A . n 
A 1 51  VAL 51  51  51  VAL VAL A . n 
A 1 52  THR 52  52  52  THR THR A . n 
A 1 53  GLY 53  53  53  GLY GLY A . n 
A 1 54  ARG 54  54  54  ARG ARG A . n 
A 1 55  LEU 55  55  55  LEU LEU A . n 
A 1 56  ALA 56  56  56  ALA ALA A . n 
A 1 57  GLY 57  57  57  GLY GLY A . n 
A 1 58  THR 58  58  58  THR THR A . n 
A 1 59  THR 59  59  59  THR THR A . n 
A 1 60  VAL 60  60  60  VAL VAL A . n 
A 1 61  VAL 61  61  61  VAL VAL A . n 
A 1 62  LEU 62  62  62  LEU LEU A . n 
A 1 63  ALA 63  63  63  ALA ALA A . n 
A 1 64  LYS 64  64  64  LYS LYS A . n 
A 1 65  PRO 65  65  65  PRO PRO A . n 
A 1 66  ARG 66  66  66  ARG ARG A . n 
A 1 67  ILE 67  67  67  ILE ILE A . n 
A 1 68  SER 68  68  68  SER SER A . n 
A 1 69  MET 69  69  69  MET MET A . n 
A 1 70  ASN 70  70  70  ASN ASN A . n 
A 1 71  GLU 71  71  71  GLU GLU A . n 
A 1 72  SER 72  72  72  SER SER A . n 
A 1 73  GLY 73  73  73  GLY GLY A . n 
A 1 74  ARG 74  74  74  ARG ARG A . n 
A 1 75  GLN 75  75  75  GLN GLN A . n 
A 1 76  VAL 76  76  76  VAL VAL A . n 
A 1 77  GLY 77  77  77  GLY GLY A . n 
A 1 78  PRO 78  78  78  PRO PRO A . n 
A 1 79  LEU 79  79  79  LEU LEU A . n 
A 1 80  ALA 80  80  80  ALA ALA A . n 
A 1 81  LYS 81  81  81  LYS LYS A . n 
A 1 82  PHE 82  82  82  PHE PHE A . n 
A 1 83  TYR 83  83  83  TYR TYR A . n 
A 1 84  SER 84  84  84  SER SER A . n 
A 1 85  VAL 85  85  85  VAL VAL A . n 
A 1 86  PRO 86  86  86  PRO PRO A . n 
A 1 87  PRO 87  87  87  PRO PRO A . n 
A 1 88  GLN 88  88  88  GLN GLN A . n 
A 1 89  GLN 89  89  89  GLN GLN A . n 
A 1 90  ILE 90  90  90  ILE ILE A . n 
A 1 91  VAL 91  91  91  VAL VAL A . n 
A 1 92  VAL 92  92  92  VAL VAL A . n 
A 1 93  ILE 93  93  93  ILE ILE A . n 
A 1 94  HIS 94  94  94  HIS HIS A . n 
A 1 95  ASP 95  95  95  ASP ASP A . n 
A 1 96  GLU 96  96  96  GLU GLU A . n 
A 1 97  LEU 97  97  97  LEU LEU A . n 
A 1 98  ASP 98  98  98  ASP ASP A . n 
A 1 99  ILE 99  99  99  ILE ILE A . n 
A 1 100 ASP 100 100 100 ASP ASP A . n 
A 1 101 PHE 101 101 101 PHE PHE A . n 
A 1 102 GLY 102 102 102 GLY GLY A . n 
A 1 103 ARG 103 103 103 ARG ARG A . n 
A 1 104 ILE 104 104 104 ILE ILE A . n 
A 1 105 ARG 105 105 105 ARG ARG A . n 
A 1 106 LEU 106 106 106 LEU LEU A . n 
A 1 107 LYS 107 107 107 LYS LYS A . n 
A 1 108 LEU 108 108 108 LEU LEU A . n 
A 1 109 GLY 109 109 109 GLY GLY A . n 
A 1 110 GLY 110 110 110 GLY GLY A . n 
A 1 111 GLY 111 111 111 GLY GLY A . n 
A 1 112 GLU 112 112 112 GLU GLU A . n 
A 1 113 GLY 113 113 113 GLY GLY A . n 
A 1 114 GLY 114 114 114 GLY GLY A . n 
A 1 115 HIS 115 115 115 HIS HIS A . n 
A 1 116 ASN 116 116 116 ASN ASN A . n 
A 1 117 GLY 117 117 117 GLY GLY A . n 
A 1 118 LEU 118 118 118 LEU LEU A . n 
A 1 119 ARG 119 119 119 ARG ARG A . n 
A 1 120 SER 120 120 120 SER SER A . n 
A 1 121 VAL 121 121 121 VAL VAL A . n 
A 1 122 ALA 122 122 122 ALA ALA A . n 
A 1 123 SER 123 123 123 SER SER A . n 
A 1 124 ALA 124 124 124 ALA ALA A . n 
A 1 125 LEU 125 125 125 LEU LEU A . n 
A 1 126 GLY 126 126 126 GLY GLY A . n 
A 1 127 THR 127 127 127 THR THR A . n 
A 1 128 LYS 128 128 128 LYS LYS A . n 
A 1 129 ASN 129 129 129 ASN ASN A . n 
A 1 130 PHE 130 130 130 PHE PHE A . n 
A 1 131 HIS 131 131 131 HIS HIS A . n 
A 1 132 ARG 132 132 132 ARG ARG A . n 
A 1 133 VAL 133 133 133 VAL VAL A . n 
A 1 134 ARG 134 134 134 ARG ARG A . n 
A 1 135 ILE 135 135 135 ILE ILE A . n 
A 1 136 GLY 136 136 136 GLY GLY A . n 
A 1 137 VAL 137 137 137 VAL VAL A . n 
A 1 138 GLY 138 138 138 GLY GLY A . n 
A 1 139 ARG 139 139 139 ARG ARG A . n 
A 1 140 PRO 140 140 140 PRO PRO A . n 
A 1 141 PRO 141 141 141 PRO PRO A . n 
A 1 142 GLY 142 142 142 GLY GLY A . n 
A 1 143 ARG 143 143 143 ARG ARG A . n 
A 1 144 LYS 144 144 144 LYS LYS A . n 
A 1 145 ASP 145 145 145 ASP ASP A . n 
A 1 146 PRO 146 146 146 PRO PRO A . n 
A 1 147 ALA 147 147 147 ALA ALA A . n 
A 1 148 ALA 148 148 148 ALA ALA A . n 
A 1 149 PHE 149 149 149 PHE PHE A . n 
A 1 150 VAL 150 150 150 VAL VAL A . n 
A 1 151 LEU 151 151 151 LEU LEU A . n 
A 1 152 GLU 152 152 152 GLU GLU A . n 
A 1 153 ASN 153 153 153 ASN ASN A . n 
A 1 154 PHE 154 154 154 PHE PHE A . n 
A 1 155 THR 155 155 155 THR THR A . n 
A 1 156 SER 156 156 156 SER SER A . n 
A 1 157 ALA 157 157 157 ALA ALA A . n 
A 1 158 GLU 158 158 158 GLU GLU A . n 
A 1 159 ARG 159 159 159 ARG ARG A . n 
A 1 160 ALA 160 160 160 ALA ALA A . n 
A 1 161 GLU 161 161 161 GLU GLU A . n 
A 1 162 VAL 162 162 162 VAL VAL A . n 
A 1 163 PRO 163 163 163 PRO PRO A . n 
A 1 164 THR 164 164 164 THR THR A . n 
A 1 165 ILE 165 165 165 ILE ILE A . n 
A 1 166 VAL 166 166 166 VAL VAL A . n 
A 1 167 GLU 167 167 167 GLU GLU A . n 
A 1 168 GLN 168 168 168 GLN GLN A . n 
A 1 169 ALA 169 169 169 ALA ALA A . n 
A 1 170 ALA 170 170 170 ALA ALA A . n 
A 1 171 ASP 171 171 171 ASP ASP A . n 
A 1 172 ALA 172 172 172 ALA ALA A . n 
A 1 173 THR 173 173 173 THR THR A . n 
A 1 174 GLU 174 174 174 GLU GLU A . n 
A 1 175 LEU 175 175 175 LEU LEU A . n 
A 1 176 LEU 176 176 176 LEU LEU A . n 
A 1 177 ILE 177 177 177 ILE ILE A . n 
A 1 178 ALA 178 178 178 ALA ALA A . n 
A 1 179 GLN 179 179 179 GLN GLN A . n 
A 1 180 GLY 180 180 180 GLY GLY A . n 
A 1 181 LEU 181 181 181 LEU LEU A . n 
A 1 182 GLU 182 182 182 GLU GLU A . n 
A 1 183 PRO 183 183 183 PRO PRO A . n 
A 1 184 ALA 184 184 184 ALA ALA A . n 
A 1 185 GLN 185 185 185 GLN GLN A . n 
A 1 186 ASN 186 186 186 ASN ASN A . n 
A 1 187 THR 187 187 187 THR THR A . n 
A 1 188 VAL 188 188 188 VAL VAL A . n 
A 1 189 HIS 189 189 189 HIS HIS A . n 
A 1 190 ALA 190 190 190 ALA ALA A . n 
A 1 191 TRP 191 191 191 TRP TRP A . n 
# 
loop_
_pdbx_nonpoly_scheme.asym_id 
_pdbx_nonpoly_scheme.entity_id 
_pdbx_nonpoly_scheme.mon_id 
_pdbx_nonpoly_scheme.ndb_seq_num 
_pdbx_nonpoly_scheme.pdb_seq_num 
_pdbx_nonpoly_scheme.auth_seq_num 
_pdbx_nonpoly_scheme.pdb_mon_id 
_pdbx_nonpoly_scheme.auth_mon_id 
_pdbx_nonpoly_scheme.pdb_strand_id 
_pdbx_nonpoly_scheme.pdb_ins_code 
B 2 HOH 1   192 1   HOH HOH A . 
B 2 HOH 2   193 2   HOH HOH A . 
B 2 HOH 3   194 3   HOH HOH A . 
B 2 HOH 4   195 4   HOH HOH A . 
B 2 HOH 5   196 5   HOH HOH A . 
B 2 HOH 6   197 6   HOH HOH A . 
B 2 HOH 7   198 7   HOH HOH A . 
B 2 HOH 8   199 8   HOH HOH A . 
B 2 HOH 9   200 9   HOH HOH A . 
B 2 HOH 10  201 10  HOH HOH A . 
B 2 HOH 11  202 11  HOH HOH A . 
B 2 HOH 12  203 12  HOH HOH A . 
B 2 HOH 13  204 13  HOH HOH A . 
B 2 HOH 14  205 14  HOH HOH A . 
B 2 HOH 15  206 15  HOH HOH A . 
B 2 HOH 16  207 16  HOH HOH A . 
B 2 HOH 17  208 17  HOH HOH A . 
B 2 HOH 18  209 18  HOH HOH A . 
B 2 HOH 19  210 19  HOH HOH A . 
B 2 HOH 20  211 20  HOH HOH A . 
B 2 HOH 21  212 21  HOH HOH A . 
B 2 HOH 22  213 22  HOH HOH A . 
B 2 HOH 23  214 23  HOH HOH A . 
B 2 HOH 24  215 24  HOH HOH A . 
B 2 HOH 25  216 25  HOH HOH A . 
B 2 HOH 26  217 26  HOH HOH A . 
B 2 HOH 27  218 27  HOH HOH A . 
B 2 HOH 28  219 28  HOH HOH A . 
B 2 HOH 29  220 29  HOH HOH A . 
B 2 HOH 30  221 30  HOH HOH A . 
B 2 HOH 31  222 31  HOH HOH A . 
B 2 HOH 32  223 32  HOH HOH A . 
B 2 HOH 33  224 33  HOH HOH A . 
B 2 HOH 34  225 35  HOH HOH A . 
B 2 HOH 35  226 36  HOH HOH A . 
B 2 HOH 36  227 37  HOH HOH A . 
B 2 HOH 37  228 38  HOH HOH A . 
B 2 HOH 38  229 39  HOH HOH A . 
B 2 HOH 39  230 40  HOH HOH A . 
B 2 HOH 40  231 41  HOH HOH A . 
B 2 HOH 41  232 42  HOH HOH A . 
B 2 HOH 42  233 43  HOH HOH A . 
B 2 HOH 43  234 44  HOH HOH A . 
B 2 HOH 44  235 45  HOH HOH A . 
B 2 HOH 45  236 46  HOH HOH A . 
B 2 HOH 46  237 47  HOH HOH A . 
B 2 HOH 47  238 48  HOH HOH A . 
B 2 HOH 48  239 49  HOH HOH A . 
B 2 HOH 49  240 50  HOH HOH A . 
B 2 HOH 50  241 51  HOH HOH A . 
B 2 HOH 51  242 52  HOH HOH A . 
B 2 HOH 52  243 53  HOH HOH A . 
B 2 HOH 53  244 54  HOH HOH A . 
B 2 HOH 54  245 55  HOH HOH A . 
B 2 HOH 55  246 56  HOH HOH A . 
B 2 HOH 56  247 57  HOH HOH A . 
B 2 HOH 57  248 58  HOH HOH A . 
B 2 HOH 58  249 59  HOH HOH A . 
B 2 HOH 59  250 60  HOH HOH A . 
B 2 HOH 60  251 61  HOH HOH A . 
B 2 HOH 61  252 62  HOH HOH A . 
B 2 HOH 62  253 63  HOH HOH A . 
B 2 HOH 63  254 64  HOH HOH A . 
B 2 HOH 64  255 65  HOH HOH A . 
B 2 HOH 65  256 66  HOH HOH A . 
B 2 HOH 66  257 67  HOH HOH A . 
B 2 HOH 67  258 68  HOH HOH A . 
B 2 HOH 68  259 69  HOH HOH A . 
B 2 HOH 69  260 70  HOH HOH A . 
B 2 HOH 70  261 71  HOH HOH A . 
B 2 HOH 71  262 72  HOH HOH A . 
B 2 HOH 72  263 73  HOH HOH A . 
B 2 HOH 73  264 74  HOH HOH A . 
B 2 HOH 74  265 75  HOH HOH A . 
B 2 HOH 75  266 76  HOH HOH A . 
B 2 HOH 76  267 77  HOH HOH A . 
B 2 HOH 77  268 78  HOH HOH A . 
B 2 HOH 78  269 79  HOH HOH A . 
B 2 HOH 79  270 80  HOH HOH A . 
B 2 HOH 80  271 81  HOH HOH A . 
B 2 HOH 81  272 82  HOH HOH A . 
B 2 HOH 82  273 83  HOH HOH A . 
B 2 HOH 83  274 84  HOH HOH A . 
B 2 HOH 84  275 85  HOH HOH A . 
B 2 HOH 85  276 86  HOH HOH A . 
B 2 HOH 86  277 87  HOH HOH A . 
B 2 HOH 87  278 88  HOH HOH A . 
B 2 HOH 88  279 89  HOH HOH A . 
B 2 HOH 89  280 90  HOH HOH A . 
B 2 HOH 90  281 91  HOH HOH A . 
B 2 HOH 91  282 92  HOH HOH A . 
B 2 HOH 92  283 93  HOH HOH A . 
B 2 HOH 93  284 94  HOH HOH A . 
B 2 HOH 94  285 95  HOH HOH A . 
B 2 HOH 95  286 96  HOH HOH A . 
B 2 HOH 96  287 97  HOH HOH A . 
B 2 HOH 97  288 98  HOH HOH A . 
B 2 HOH 98  289 99  HOH HOH A . 
B 2 HOH 99  290 100 HOH HOH A . 
B 2 HOH 100 291 101 HOH HOH A . 
B 2 HOH 101 292 102 HOH HOH A . 
B 2 HOH 102 293 103 HOH HOH A . 
B 2 HOH 103 294 104 HOH HOH A . 
B 2 HOH 104 295 105 HOH HOH A . 
B 2 HOH 105 296 106 HOH HOH A . 
B 2 HOH 106 297 107 HOH HOH A . 
B 2 HOH 107 298 108 HOH HOH A . 
B 2 HOH 108 299 109 HOH HOH A . 
B 2 HOH 109 300 110 HOH HOH A . 
B 2 HOH 110 301 111 HOH HOH A . 
B 2 HOH 111 302 112 HOH HOH A . 
B 2 HOH 112 303 113 HOH HOH A . 
B 2 HOH 113 304 114 HOH HOH A . 
B 2 HOH 114 305 115 HOH HOH A . 
B 2 HOH 115 306 116 HOH HOH A . 
B 2 HOH 116 307 117 HOH HOH A . 
B 2 HOH 117 308 118 HOH HOH A . 
B 2 HOH 118 309 119 HOH HOH A . 
B 2 HOH 119 310 120 HOH HOH A . 
B 2 HOH 120 311 121 HOH HOH A . 
B 2 HOH 121 312 122 HOH HOH A . 
B 2 HOH 122 313 123 HOH HOH A . 
B 2 HOH 123 314 125 HOH HOH A . 
B 2 HOH 124 315 126 HOH HOH A . 
B 2 HOH 125 316 127 HOH HOH A . 
B 2 HOH 126 317 128 HOH HOH A . 
B 2 HOH 127 318 129 HOH HOH A . 
B 2 HOH 128 319 130 HOH HOH A . 
B 2 HOH 129 320 131 HOH HOH A . 
B 2 HOH 130 321 132 HOH HOH A . 
B 2 HOH 131 322 133 HOH HOH A . 
B 2 HOH 132 323 134 HOH HOH A . 
B 2 HOH 133 324 135 HOH HOH A . 
B 2 HOH 134 325 136 HOH HOH A . 
B 2 HOH 135 326 137 HOH HOH A . 
B 2 HOH 136 327 138 HOH HOH A . 
B 2 HOH 137 328 139 HOH HOH A . 
B 2 HOH 138 329 140 HOH HOH A . 
B 2 HOH 139 330 141 HOH HOH A . 
B 2 HOH 140 331 142 HOH HOH A . 
B 2 HOH 141 332 143 HOH HOH A . 
B 2 HOH 142 333 144 HOH HOH A . 
B 2 HOH 143 334 145 HOH HOH A . 
B 2 HOH 144 335 146 HOH HOH A . 
B 2 HOH 145 336 147 HOH HOH A . 
B 2 HOH 146 337 148 HOH HOH A . 
B 2 HOH 147 338 149 HOH HOH A . 
B 2 HOH 148 339 150 HOH HOH A . 
B 2 HOH 149 340 151 HOH HOH A . 
B 2 HOH 150 341 152 HOH HOH A . 
B 2 HOH 151 342 153 HOH HOH A . 
B 2 HOH 152 343 154 HOH HOH A . 
B 2 HOH 153 344 155 HOH HOH A . 
B 2 HOH 154 345 157 HOH HOH A . 
B 2 HOH 155 346 158 HOH HOH A . 
# 
_pdbx_struct_assembly.id                   1 
_pdbx_struct_assembly.details              author_and_software_defined_assembly 
_pdbx_struct_assembly.method_details       PISA 
_pdbx_struct_assembly.oligomeric_details   monomeric 
_pdbx_struct_assembly.oligomeric_count     1 
# 
_pdbx_struct_assembly_gen.assembly_id       1 
_pdbx_struct_assembly_gen.oper_expression   1 
_pdbx_struct_assembly_gen.asym_id_list      A,B 
# 
_pdbx_struct_oper_list.id                   1 
_pdbx_struct_oper_list.type                 'identity operation' 
_pdbx_struct_oper_list.name                 1_555 
_pdbx_struct_oper_list.symmetry_operation   x,y,z 
_pdbx_struct_oper_list.matrix[1][1]         1.0000000000 
_pdbx_struct_oper_list.matrix[1][2]         0.0000000000 
_pdbx_struct_oper_list.matrix[1][3]         0.0000000000 
_pdbx_struct_oper_list.vector[1]            0.0000000000 
_pdbx_struct_oper_list.matrix[2][1]         0.0000000000 
_pdbx_struct_oper_list.matrix[2][2]         1.0000000000 
_pdbx_struct_oper_list.matrix[2][3]         0.0000000000 
_pdbx_struct_oper_list.vector[2]            0.0000000000 
_pdbx_struct_oper_list.matrix[3][1]         0.0000000000 
_pdbx_struct_oper_list.matrix[3][2]         0.0000000000 
_pdbx_struct_oper_list.matrix[3][3]         1.0000000000 
_pdbx_struct_oper_list.vector[3]            0.0000000000 
# 
loop_
_pdbx_audit_revision_history.ordinal 
_pdbx_audit_revision_history.data_content_type 
_pdbx_audit_revision_history.major_revision 
_pdbx_audit_revision_history.minor_revision 
_pdbx_audit_revision_history.revision_date 
1 'Structure model' 1 0 2010-11-17 
2 'Structure model' 1 1 2011-07-13 
3 'Structure model' 1 2 2023-11-01 
# 
_pdbx_audit_revision_details.ordinal             1 
_pdbx_audit_revision_details.revision_ordinal    1 
_pdbx_audit_revision_details.data_content_type   'Structure model' 
_pdbx_audit_revision_details.provider            repository 
_pdbx_audit_revision_details.type                'Initial release' 
_pdbx_audit_revision_details.description         ? 
_pdbx_audit_revision_details.details             ? 
# 
loop_
_pdbx_audit_revision_group.ordinal 
_pdbx_audit_revision_group.revision_ordinal 
_pdbx_audit_revision_group.data_content_type 
_pdbx_audit_revision_group.group 
1 2 'Structure model' 'Version format compliance' 
2 3 'Structure model' 'Data collection'           
3 3 'Structure model' 'Database references'       
4 3 'Structure model' 'Refinement description'    
# 
loop_
_pdbx_audit_revision_category.ordinal 
_pdbx_audit_revision_category.revision_ordinal 
_pdbx_audit_revision_category.data_content_type 
_pdbx_audit_revision_category.category 
1 3 'Structure model' chem_comp_atom                
2 3 'Structure model' chem_comp_bond                
3 3 'Structure model' database_2                    
4 3 'Structure model' pdbx_initial_refinement_model 
# 
loop_
_pdbx_audit_revision_item.ordinal 
_pdbx_audit_revision_item.revision_ordinal 
_pdbx_audit_revision_item.data_content_type 
_pdbx_audit_revision_item.item 
1 3 'Structure model' '_database_2.pdbx_DOI'                
2 3 'Structure model' '_database_2.pdbx_database_accession' 
# 
loop_
_software.name 
_software.classification 
_software.version 
_software.citation_id 
_software.pdbx_ordinal 
DENZO     'data reduction' .        ? 1 
AMoRE     phasing          .        ? 2 
REFMAC    refinement       5.5.0109 ? 3 
SCALEPACK 'data scaling'   .        ? 4 
# 
_pdbx_entry_details.entry_id                 3P2J 
_pdbx_entry_details.nonpolymer_details       ? 
_pdbx_entry_details.sequence_details         
'AUTHOR STATED THAT THERE WERE ERRORS IN THE SEQUENCE DATABASE, THE SEQUENCE IN THIS ENTRY REPRESENTED THE CORRECT SEQUENCE.' 
_pdbx_entry_details.compound_details         ? 
_pdbx_entry_details.source_details           ? 
_pdbx_entry_details.has_ligand_of_interest   ? 
# 
_pdbx_validate_rmsd_bond.id                        1 
_pdbx_validate_rmsd_bond.PDB_model_num             1 
_pdbx_validate_rmsd_bond.auth_atom_id_1            C 
_pdbx_validate_rmsd_bond.auth_asym_id_1            A 
_pdbx_validate_rmsd_bond.auth_comp_id_1            TRP 
_pdbx_validate_rmsd_bond.auth_seq_id_1             191 
_pdbx_validate_rmsd_bond.PDB_ins_code_1            ? 
_pdbx_validate_rmsd_bond.label_alt_id_1            ? 
_pdbx_validate_rmsd_bond.auth_atom_id_2            OXT 
_pdbx_validate_rmsd_bond.auth_asym_id_2            A 
_pdbx_validate_rmsd_bond.auth_comp_id_2            TRP 
_pdbx_validate_rmsd_bond.auth_seq_id_2             191 
_pdbx_validate_rmsd_bond.PDB_ins_code_2            ? 
_pdbx_validate_rmsd_bond.label_alt_id_2            ? 
_pdbx_validate_rmsd_bond.bond_value                1.427 
_pdbx_validate_rmsd_bond.bond_target_value         1.229 
_pdbx_validate_rmsd_bond.bond_deviation            0.198 
_pdbx_validate_rmsd_bond.bond_standard_deviation   0.019 
_pdbx_validate_rmsd_bond.linker_flag               N 
# 
loop_
_pdbx_validate_torsion.id 
_pdbx_validate_torsion.PDB_model_num 
_pdbx_validate_torsion.auth_comp_id 
_pdbx_validate_torsion.auth_asym_id 
_pdbx_validate_torsion.auth_seq_id 
_pdbx_validate_torsion.PDB_ins_code 
_pdbx_validate_torsion.label_alt_id 
_pdbx_validate_torsion.phi 
_pdbx_validate_torsion.psi 
1 1 ALA A 2   ? ? -141.78 -92.26 
2 1 GLU A 3   ? ? 73.43   75.25  
3 1 ALA A 18  ? ? -34.05  -39.12 
4 1 MET A 69  ? ? -28.26  -49.07 
5 1 ALA A 190 ? ? -171.98 123.36 
# 
loop_
_chem_comp_atom.comp_id 
_chem_comp_atom.atom_id 
_chem_comp_atom.type_symbol 
_chem_comp_atom.pdbx_aromatic_flag 
_chem_comp_atom.pdbx_stereo_config 
_chem_comp_atom.pdbx_ordinal 
ALA N    N N N 1   
ALA CA   C N S 2   
ALA C    C N N 3   
ALA O    O N N 4   
ALA CB   C N N 5   
ALA OXT  O N N 6   
ALA H    H N N 7   
ALA H2   H N N 8   
ALA HA   H N N 9   
ALA HB1  H N N 10  
ALA HB2  H N N 11  
ALA HB3  H N N 12  
ALA HXT  H N N 13  
ARG N    N N N 14  
ARG CA   C N S 15  
ARG C    C N N 16  
ARG O    O N N 17  
ARG CB   C N N 18  
ARG CG   C N N 19  
ARG CD   C N N 20  
ARG NE   N N N 21  
ARG CZ   C N N 22  
ARG NH1  N N N 23  
ARG NH2  N N N 24  
ARG OXT  O N N 25  
ARG H    H N N 26  
ARG H2   H N N 27  
ARG HA   H N N 28  
ARG HB2  H N N 29  
ARG HB3  H N N 30  
ARG HG2  H N N 31  
ARG HG3  H N N 32  
ARG HD2  H N N 33  
ARG HD3  H N N 34  
ARG HE   H N N 35  
ARG HH11 H N N 36  
ARG HH12 H N N 37  
ARG HH21 H N N 38  
ARG HH22 H N N 39  
ARG HXT  H N N 40  
ASN N    N N N 41  
ASN CA   C N S 42  
ASN C    C N N 43  
ASN O    O N N 44  
ASN CB   C N N 45  
ASN CG   C N N 46  
ASN OD1  O N N 47  
ASN ND2  N N N 48  
ASN OXT  O N N 49  
ASN H    H N N 50  
ASN H2   H N N 51  
ASN HA   H N N 52  
ASN HB2  H N N 53  
ASN HB3  H N N 54  
ASN HD21 H N N 55  
ASN HD22 H N N 56  
ASN HXT  H N N 57  
ASP N    N N N 58  
ASP CA   C N S 59  
ASP C    C N N 60  
ASP O    O N N 61  
ASP CB   C N N 62  
ASP CG   C N N 63  
ASP OD1  O N N 64  
ASP OD2  O N N 65  
ASP OXT  O N N 66  
ASP H    H N N 67  
ASP H2   H N N 68  
ASP HA   H N N 69  
ASP HB2  H N N 70  
ASP HB3  H N N 71  
ASP HD2  H N N 72  
ASP HXT  H N N 73  
CYS N    N N N 74  
CYS CA   C N R 75  
CYS C    C N N 76  
CYS O    O N N 77  
CYS CB   C N N 78  
CYS SG   S N N 79  
CYS OXT  O N N 80  
CYS H    H N N 81  
CYS H2   H N N 82  
CYS HA   H N N 83  
CYS HB2  H N N 84  
CYS HB3  H N N 85  
CYS HG   H N N 86  
CYS HXT  H N N 87  
GLN N    N N N 88  
GLN CA   C N S 89  
GLN C    C N N 90  
GLN O    O N N 91  
GLN CB   C N N 92  
GLN CG   C N N 93  
GLN CD   C N N 94  
GLN OE1  O N N 95  
GLN NE2  N N N 96  
GLN OXT  O N N 97  
GLN H    H N N 98  
GLN H2   H N N 99  
GLN HA   H N N 100 
GLN HB2  H N N 101 
GLN HB3  H N N 102 
GLN HG2  H N N 103 
GLN HG3  H N N 104 
GLN HE21 H N N 105 
GLN HE22 H N N 106 
GLN HXT  H N N 107 
GLU N    N N N 108 
GLU CA   C N S 109 
GLU C    C N N 110 
GLU O    O N N 111 
GLU CB   C N N 112 
GLU CG   C N N 113 
GLU CD   C N N 114 
GLU OE1  O N N 115 
GLU OE2  O N N 116 
GLU OXT  O N N 117 
GLU H    H N N 118 
GLU H2   H N N 119 
GLU HA   H N N 120 
GLU HB2  H N N 121 
GLU HB3  H N N 122 
GLU HG2  H N N 123 
GLU HG3  H N N 124 
GLU HE2  H N N 125 
GLU HXT  H N N 126 
GLY N    N N N 127 
GLY CA   C N N 128 
GLY C    C N N 129 
GLY O    O N N 130 
GLY OXT  O N N 131 
GLY H    H N N 132 
GLY H2   H N N 133 
GLY HA2  H N N 134 
GLY HA3  H N N 135 
GLY HXT  H N N 136 
HIS N    N N N 137 
HIS CA   C N S 138 
HIS C    C N N 139 
HIS O    O N N 140 
HIS CB   C N N 141 
HIS CG   C Y N 142 
HIS ND1  N Y N 143 
HIS CD2  C Y N 144 
HIS CE1  C Y N 145 
HIS NE2  N Y N 146 
HIS OXT  O N N 147 
HIS H    H N N 148 
HIS H2   H N N 149 
HIS HA   H N N 150 
HIS HB2  H N N 151 
HIS HB3  H N N 152 
HIS HD1  H N N 153 
HIS HD2  H N N 154 
HIS HE1  H N N 155 
HIS HE2  H N N 156 
HIS HXT  H N N 157 
HOH O    O N N 158 
HOH H1   H N N 159 
HOH H2   H N N 160 
ILE N    N N N 161 
ILE CA   C N S 162 
ILE C    C N N 163 
ILE O    O N N 164 
ILE CB   C N S 165 
ILE CG1  C N N 166 
ILE CG2  C N N 167 
ILE CD1  C N N 168 
ILE OXT  O N N 169 
ILE H    H N N 170 
ILE H2   H N N 171 
ILE HA   H N N 172 
ILE HB   H N N 173 
ILE HG12 H N N 174 
ILE HG13 H N N 175 
ILE HG21 H N N 176 
ILE HG22 H N N 177 
ILE HG23 H N N 178 
ILE HD11 H N N 179 
ILE HD12 H N N 180 
ILE HD13 H N N 181 
ILE HXT  H N N 182 
LEU N    N N N 183 
LEU CA   C N S 184 
LEU C    C N N 185 
LEU O    O N N 186 
LEU CB   C N N 187 
LEU CG   C N N 188 
LEU CD1  C N N 189 
LEU CD2  C N N 190 
LEU OXT  O N N 191 
LEU H    H N N 192 
LEU H2   H N N 193 
LEU HA   H N N 194 
LEU HB2  H N N 195 
LEU HB3  H N N 196 
LEU HG   H N N 197 
LEU HD11 H N N 198 
LEU HD12 H N N 199 
LEU HD13 H N N 200 
LEU HD21 H N N 201 
LEU HD22 H N N 202 
LEU HD23 H N N 203 
LEU HXT  H N N 204 
LYS N    N N N 205 
LYS CA   C N S 206 
LYS C    C N N 207 
LYS O    O N N 208 
LYS CB   C N N 209 
LYS CG   C N N 210 
LYS CD   C N N 211 
LYS CE   C N N 212 
LYS NZ   N N N 213 
LYS OXT  O N N 214 
LYS H    H N N 215 
LYS H2   H N N 216 
LYS HA   H N N 217 
LYS HB2  H N N 218 
LYS HB3  H N N 219 
LYS HG2  H N N 220 
LYS HG3  H N N 221 
LYS HD2  H N N 222 
LYS HD3  H N N 223 
LYS HE2  H N N 224 
LYS HE3  H N N 225 
LYS HZ1  H N N 226 
LYS HZ2  H N N 227 
LYS HZ3  H N N 228 
LYS HXT  H N N 229 
MET N    N N N 230 
MET CA   C N S 231 
MET C    C N N 232 
MET O    O N N 233 
MET CB   C N N 234 
MET CG   C N N 235 
MET SD   S N N 236 
MET CE   C N N 237 
MET OXT  O N N 238 
MET H    H N N 239 
MET H2   H N N 240 
MET HA   H N N 241 
MET HB2  H N N 242 
MET HB3  H N N 243 
MET HG2  H N N 244 
MET HG3  H N N 245 
MET HE1  H N N 246 
MET HE2  H N N 247 
MET HE3  H N N 248 
MET HXT  H N N 249 
PHE N    N N N 250 
PHE CA   C N S 251 
PHE C    C N N 252 
PHE O    O N N 253 
PHE CB   C N N 254 
PHE CG   C Y N 255 
PHE CD1  C Y N 256 
PHE CD2  C Y N 257 
PHE CE1  C Y N 258 
PHE CE2  C Y N 259 
PHE CZ   C Y N 260 
PHE OXT  O N N 261 
PHE H    H N N 262 
PHE H2   H N N 263 
PHE HA   H N N 264 
PHE HB2  H N N 265 
PHE HB3  H N N 266 
PHE HD1  H N N 267 
PHE HD2  H N N 268 
PHE HE1  H N N 269 
PHE HE2  H N N 270 
PHE HZ   H N N 271 
PHE HXT  H N N 272 
PRO N    N N N 273 
PRO CA   C N S 274 
PRO C    C N N 275 
PRO O    O N N 276 
PRO CB   C N N 277 
PRO CG   C N N 278 
PRO CD   C N N 279 
PRO OXT  O N N 280 
PRO H    H N N 281 
PRO HA   H N N 282 
PRO HB2  H N N 283 
PRO HB3  H N N 284 
PRO HG2  H N N 285 
PRO HG3  H N N 286 
PRO HD2  H N N 287 
PRO HD3  H N N 288 
PRO HXT  H N N 289 
SER N    N N N 290 
SER CA   C N S 291 
SER C    C N N 292 
SER O    O N N 293 
SER CB   C N N 294 
SER OG   O N N 295 
SER OXT  O N N 296 
SER H    H N N 297 
SER H2   H N N 298 
SER HA   H N N 299 
SER HB2  H N N 300 
SER HB3  H N N 301 
SER HG   H N N 302 
SER HXT  H N N 303 
THR N    N N N 304 
THR CA   C N S 305 
THR C    C N N 306 
THR O    O N N 307 
THR CB   C N R 308 
THR OG1  O N N 309 
THR CG2  C N N 310 
THR OXT  O N N 311 
THR H    H N N 312 
THR H2   H N N 313 
THR HA   H N N 314 
THR HB   H N N 315 
THR HG1  H N N 316 
THR HG21 H N N 317 
THR HG22 H N N 318 
THR HG23 H N N 319 
THR HXT  H N N 320 
TRP N    N N N 321 
TRP CA   C N S 322 
TRP C    C N N 323 
TRP O    O N N 324 
TRP CB   C N N 325 
TRP CG   C Y N 326 
TRP CD1  C Y N 327 
TRP CD2  C Y N 328 
TRP NE1  N Y N 329 
TRP CE2  C Y N 330 
TRP CE3  C Y N 331 
TRP CZ2  C Y N 332 
TRP CZ3  C Y N 333 
TRP CH2  C Y N 334 
TRP OXT  O N N 335 
TRP H    H N N 336 
TRP H2   H N N 337 
TRP HA   H N N 338 
TRP HB2  H N N 339 
TRP HB3  H N N 340 
TRP HD1  H N N 341 
TRP HE1  H N N 342 
TRP HE3  H N N 343 
TRP HZ2  H N N 344 
TRP HZ3  H N N 345 
TRP HH2  H N N 346 
TRP HXT  H N N 347 
TYR N    N N N 348 
TYR CA   C N S 349 
TYR C    C N N 350 
TYR O    O N N 351 
TYR CB   C N N 352 
TYR CG   C Y N 353 
TYR CD1  C Y N 354 
TYR CD2  C Y N 355 
TYR CE1  C Y N 356 
TYR CE2  C Y N 357 
TYR CZ   C Y N 358 
TYR OH   O N N 359 
TYR OXT  O N N 360 
TYR H    H N N 361 
TYR H2   H N N 362 
TYR HA   H N N 363 
TYR HB2  H N N 364 
TYR HB3  H N N 365 
TYR HD1  H N N 366 
TYR HD2  H N N 367 
TYR HE1  H N N 368 
TYR HE2  H N N 369 
TYR HH   H N N 370 
TYR HXT  H N N 371 
VAL N    N N N 372 
VAL CA   C N S 373 
VAL C    C N N 374 
VAL O    O N N 375 
VAL CB   C N N 376 
VAL CG1  C N N 377 
VAL CG2  C N N 378 
VAL OXT  O N N 379 
VAL H    H N N 380 
VAL H2   H N N 381 
VAL HA   H N N 382 
VAL HB   H N N 383 
VAL HG11 H N N 384 
VAL HG12 H N N 385 
VAL HG13 H N N 386 
VAL HG21 H N N 387 
VAL HG22 H N N 388 
VAL HG23 H N N 389 
VAL HXT  H N N 390 
# 
loop_
_chem_comp_bond.comp_id 
_chem_comp_bond.atom_id_1 
_chem_comp_bond.atom_id_2 
_chem_comp_bond.value_order 
_chem_comp_bond.pdbx_aromatic_flag 
_chem_comp_bond.pdbx_stereo_config 
_chem_comp_bond.pdbx_ordinal 
ALA N   CA   sing N N 1   
ALA N   H    sing N N 2   
ALA N   H2   sing N N 3   
ALA CA  C    sing N N 4   
ALA CA  CB   sing N N 5   
ALA CA  HA   sing N N 6   
ALA C   O    doub N N 7   
ALA C   OXT  sing N N 8   
ALA CB  HB1  sing N N 9   
ALA CB  HB2  sing N N 10  
ALA CB  HB3  sing N N 11  
ALA OXT HXT  sing N N 12  
ARG N   CA   sing N N 13  
ARG N   H    sing N N 14  
ARG N   H2   sing N N 15  
ARG CA  C    sing N N 16  
ARG CA  CB   sing N N 17  
ARG CA  HA   sing N N 18  
ARG C   O    doub N N 19  
ARG C   OXT  sing N N 20  
ARG CB  CG   sing N N 21  
ARG CB  HB2  sing N N 22  
ARG CB  HB3  sing N N 23  
ARG CG  CD   sing N N 24  
ARG CG  HG2  sing N N 25  
ARG CG  HG3  sing N N 26  
ARG CD  NE   sing N N 27  
ARG CD  HD2  sing N N 28  
ARG CD  HD3  sing N N 29  
ARG NE  CZ   sing N N 30  
ARG NE  HE   sing N N 31  
ARG CZ  NH1  sing N N 32  
ARG CZ  NH2  doub N N 33  
ARG NH1 HH11 sing N N 34  
ARG NH1 HH12 sing N N 35  
ARG NH2 HH21 sing N N 36  
ARG NH2 HH22 sing N N 37  
ARG OXT HXT  sing N N 38  
ASN N   CA   sing N N 39  
ASN N   H    sing N N 40  
ASN N   H2   sing N N 41  
ASN CA  C    sing N N 42  
ASN CA  CB   sing N N 43  
ASN CA  HA   sing N N 44  
ASN C   O    doub N N 45  
ASN C   OXT  sing N N 46  
ASN CB  CG   sing N N 47  
ASN CB  HB2  sing N N 48  
ASN CB  HB3  sing N N 49  
ASN CG  OD1  doub N N 50  
ASN CG  ND2  sing N N 51  
ASN ND2 HD21 sing N N 52  
ASN ND2 HD22 sing N N 53  
ASN OXT HXT  sing N N 54  
ASP N   CA   sing N N 55  
ASP N   H    sing N N 56  
ASP N   H2   sing N N 57  
ASP CA  C    sing N N 58  
ASP CA  CB   sing N N 59  
ASP CA  HA   sing N N 60  
ASP C   O    doub N N 61  
ASP C   OXT  sing N N 62  
ASP CB  CG   sing N N 63  
ASP CB  HB2  sing N N 64  
ASP CB  HB3  sing N N 65  
ASP CG  OD1  doub N N 66  
ASP CG  OD2  sing N N 67  
ASP OD2 HD2  sing N N 68  
ASP OXT HXT  sing N N 69  
CYS N   CA   sing N N 70  
CYS N   H    sing N N 71  
CYS N   H2   sing N N 72  
CYS CA  C    sing N N 73  
CYS CA  CB   sing N N 74  
CYS CA  HA   sing N N 75  
CYS C   O    doub N N 76  
CYS C   OXT  sing N N 77  
CYS CB  SG   sing N N 78  
CYS CB  HB2  sing N N 79  
CYS CB  HB3  sing N N 80  
CYS SG  HG   sing N N 81  
CYS OXT HXT  sing N N 82  
GLN N   CA   sing N N 83  
GLN N   H    sing N N 84  
GLN N   H2   sing N N 85  
GLN CA  C    sing N N 86  
GLN CA  CB   sing N N 87  
GLN CA  HA   sing N N 88  
GLN C   O    doub N N 89  
GLN C   OXT  sing N N 90  
GLN CB  CG   sing N N 91  
GLN CB  HB2  sing N N 92  
GLN CB  HB3  sing N N 93  
GLN CG  CD   sing N N 94  
GLN CG  HG2  sing N N 95  
GLN CG  HG3  sing N N 96  
GLN CD  OE1  doub N N 97  
GLN CD  NE2  sing N N 98  
GLN NE2 HE21 sing N N 99  
GLN NE2 HE22 sing N N 100 
GLN OXT HXT  sing N N 101 
GLU N   CA   sing N N 102 
GLU N   H    sing N N 103 
GLU N   H2   sing N N 104 
GLU CA  C    sing N N 105 
GLU CA  CB   sing N N 106 
GLU CA  HA   sing N N 107 
GLU C   O    doub N N 108 
GLU C   OXT  sing N N 109 
GLU CB  CG   sing N N 110 
GLU CB  HB2  sing N N 111 
GLU CB  HB3  sing N N 112 
GLU CG  CD   sing N N 113 
GLU CG  HG2  sing N N 114 
GLU CG  HG3  sing N N 115 
GLU CD  OE1  doub N N 116 
GLU CD  OE2  sing N N 117 
GLU OE2 HE2  sing N N 118 
GLU OXT HXT  sing N N 119 
GLY N   CA   sing N N 120 
GLY N   H    sing N N 121 
GLY N   H2   sing N N 122 
GLY CA  C    sing N N 123 
GLY CA  HA2  sing N N 124 
GLY CA  HA3  sing N N 125 
GLY C   O    doub N N 126 
GLY C   OXT  sing N N 127 
GLY OXT HXT  sing N N 128 
HIS N   CA   sing N N 129 
HIS N   H    sing N N 130 
HIS N   H2   sing N N 131 
HIS CA  C    sing N N 132 
HIS CA  CB   sing N N 133 
HIS CA  HA   sing N N 134 
HIS C   O    doub N N 135 
HIS C   OXT  sing N N 136 
HIS CB  CG   sing N N 137 
HIS CB  HB2  sing N N 138 
HIS CB  HB3  sing N N 139 
HIS CG  ND1  sing Y N 140 
HIS CG  CD2  doub Y N 141 
HIS ND1 CE1  doub Y N 142 
HIS ND1 HD1  sing N N 143 
HIS CD2 NE2  sing Y N 144 
HIS CD2 HD2  sing N N 145 
HIS CE1 NE2  sing Y N 146 
HIS CE1 HE1  sing N N 147 
HIS NE2 HE2  sing N N 148 
HIS OXT HXT  sing N N 149 
HOH O   H1   sing N N 150 
HOH O   H2   sing N N 151 
ILE N   CA   sing N N 152 
ILE N   H    sing N N 153 
ILE N   H2   sing N N 154 
ILE CA  C    sing N N 155 
ILE CA  CB   sing N N 156 
ILE CA  HA   sing N N 157 
ILE C   O    doub N N 158 
ILE C   OXT  sing N N 159 
ILE CB  CG1  sing N N 160 
ILE CB  CG2  sing N N 161 
ILE CB  HB   sing N N 162 
ILE CG1 CD1  sing N N 163 
ILE CG1 HG12 sing N N 164 
ILE CG1 HG13 sing N N 165 
ILE CG2 HG21 sing N N 166 
ILE CG2 HG22 sing N N 167 
ILE CG2 HG23 sing N N 168 
ILE CD1 HD11 sing N N 169 
ILE CD1 HD12 sing N N 170 
ILE CD1 HD13 sing N N 171 
ILE OXT HXT  sing N N 172 
LEU N   CA   sing N N 173 
LEU N   H    sing N N 174 
LEU N   H2   sing N N 175 
LEU CA  C    sing N N 176 
LEU CA  CB   sing N N 177 
LEU CA  HA   sing N N 178 
LEU C   O    doub N N 179 
LEU C   OXT  sing N N 180 
LEU CB  CG   sing N N 181 
LEU CB  HB2  sing N N 182 
LEU CB  HB3  sing N N 183 
LEU CG  CD1  sing N N 184 
LEU CG  CD2  sing N N 185 
LEU CG  HG   sing N N 186 
LEU CD1 HD11 sing N N 187 
LEU CD1 HD12 sing N N 188 
LEU CD1 HD13 sing N N 189 
LEU CD2 HD21 sing N N 190 
LEU CD2 HD22 sing N N 191 
LEU CD2 HD23 sing N N 192 
LEU OXT HXT  sing N N 193 
LYS N   CA   sing N N 194 
LYS N   H    sing N N 195 
LYS N   H2   sing N N 196 
LYS CA  C    sing N N 197 
LYS CA  CB   sing N N 198 
LYS CA  HA   sing N N 199 
LYS C   O    doub N N 200 
LYS C   OXT  sing N N 201 
LYS CB  CG   sing N N 202 
LYS CB  HB2  sing N N 203 
LYS CB  HB3  sing N N 204 
LYS CG  CD   sing N N 205 
LYS CG  HG2  sing N N 206 
LYS CG  HG3  sing N N 207 
LYS CD  CE   sing N N 208 
LYS CD  HD2  sing N N 209 
LYS CD  HD3  sing N N 210 
LYS CE  NZ   sing N N 211 
LYS CE  HE2  sing N N 212 
LYS CE  HE3  sing N N 213 
LYS NZ  HZ1  sing N N 214 
LYS NZ  HZ2  sing N N 215 
LYS NZ  HZ3  sing N N 216 
LYS OXT HXT  sing N N 217 
MET N   CA   sing N N 218 
MET N   H    sing N N 219 
MET N   H2   sing N N 220 
MET CA  C    sing N N 221 
MET CA  CB   sing N N 222 
MET CA  HA   sing N N 223 
MET C   O    doub N N 224 
MET C   OXT  sing N N 225 
MET CB  CG   sing N N 226 
MET CB  HB2  sing N N 227 
MET CB  HB3  sing N N 228 
MET CG  SD   sing N N 229 
MET CG  HG2  sing N N 230 
MET CG  HG3  sing N N 231 
MET SD  CE   sing N N 232 
MET CE  HE1  sing N N 233 
MET CE  HE2  sing N N 234 
MET CE  HE3  sing N N 235 
MET OXT HXT  sing N N 236 
PHE N   CA   sing N N 237 
PHE N   H    sing N N 238 
PHE N   H2   sing N N 239 
PHE CA  C    sing N N 240 
PHE CA  CB   sing N N 241 
PHE CA  HA   sing N N 242 
PHE C   O    doub N N 243 
PHE C   OXT  sing N N 244 
PHE CB  CG   sing N N 245 
PHE CB  HB2  sing N N 246 
PHE CB  HB3  sing N N 247 
PHE CG  CD1  doub Y N 248 
PHE CG  CD2  sing Y N 249 
PHE CD1 CE1  sing Y N 250 
PHE CD1 HD1  sing N N 251 
PHE CD2 CE2  doub Y N 252 
PHE CD2 HD2  sing N N 253 
PHE CE1 CZ   doub Y N 254 
PHE CE1 HE1  sing N N 255 
PHE CE2 CZ   sing Y N 256 
PHE CE2 HE2  sing N N 257 
PHE CZ  HZ   sing N N 258 
PHE OXT HXT  sing N N 259 
PRO N   CA   sing N N 260 
PRO N   CD   sing N N 261 
PRO N   H    sing N N 262 
PRO CA  C    sing N N 263 
PRO CA  CB   sing N N 264 
PRO CA  HA   sing N N 265 
PRO C   O    doub N N 266 
PRO C   OXT  sing N N 267 
PRO CB  CG   sing N N 268 
PRO CB  HB2  sing N N 269 
PRO CB  HB3  sing N N 270 
PRO CG  CD   sing N N 271 
PRO CG  HG2  sing N N 272 
PRO CG  HG3  sing N N 273 
PRO CD  HD2  sing N N 274 
PRO CD  HD3  sing N N 275 
PRO OXT HXT  sing N N 276 
SER N   CA   sing N N 277 
SER N   H    sing N N 278 
SER N   H2   sing N N 279 
SER CA  C    sing N N 280 
SER CA  CB   sing N N 281 
SER CA  HA   sing N N 282 
SER C   O    doub N N 283 
SER C   OXT  sing N N 284 
SER CB  OG   sing N N 285 
SER CB  HB2  sing N N 286 
SER CB  HB3  sing N N 287 
SER OG  HG   sing N N 288 
SER OXT HXT  sing N N 289 
THR N   CA   sing N N 290 
THR N   H    sing N N 291 
THR N   H2   sing N N 292 
THR CA  C    sing N N 293 
THR CA  CB   sing N N 294 
THR CA  HA   sing N N 295 
THR C   O    doub N N 296 
THR C   OXT  sing N N 297 
THR CB  OG1  sing N N 298 
THR CB  CG2  sing N N 299 
THR CB  HB   sing N N 300 
THR OG1 HG1  sing N N 301 
THR CG2 HG21 sing N N 302 
THR CG2 HG22 sing N N 303 
THR CG2 HG23 sing N N 304 
THR OXT HXT  sing N N 305 
TRP N   CA   sing N N 306 
TRP N   H    sing N N 307 
TRP N   H2   sing N N 308 
TRP CA  C    sing N N 309 
TRP CA  CB   sing N N 310 
TRP CA  HA   sing N N 311 
TRP C   O    doub N N 312 
TRP C   OXT  sing N N 313 
TRP CB  CG   sing N N 314 
TRP CB  HB2  sing N N 315 
TRP CB  HB3  sing N N 316 
TRP CG  CD1  doub Y N 317 
TRP CG  CD2  sing Y N 318 
TRP CD1 NE1  sing Y N 319 
TRP CD1 HD1  sing N N 320 
TRP CD2 CE2  doub Y N 321 
TRP CD2 CE3  sing Y N 322 
TRP NE1 CE2  sing Y N 323 
TRP NE1 HE1  sing N N 324 
TRP CE2 CZ2  sing Y N 325 
TRP CE3 CZ3  doub Y N 326 
TRP CE3 HE3  sing N N 327 
TRP CZ2 CH2  doub Y N 328 
TRP CZ2 HZ2  sing N N 329 
TRP CZ3 CH2  sing Y N 330 
TRP CZ3 HZ3  sing N N 331 
TRP CH2 HH2  sing N N 332 
TRP OXT HXT  sing N N 333 
TYR N   CA   sing N N 334 
TYR N   H    sing N N 335 
TYR N   H2   sing N N 336 
TYR CA  C    sing N N 337 
TYR CA  CB   sing N N 338 
TYR CA  HA   sing N N 339 
TYR C   O    doub N N 340 
TYR C   OXT  sing N N 341 
TYR CB  CG   sing N N 342 
TYR CB  HB2  sing N N 343 
TYR CB  HB3  sing N N 344 
TYR CG  CD1  doub Y N 345 
TYR CG  CD2  sing Y N 346 
TYR CD1 CE1  sing Y N 347 
TYR CD1 HD1  sing N N 348 
TYR CD2 CE2  doub Y N 349 
TYR CD2 HD2  sing N N 350 
TYR CE1 CZ   doub Y N 351 
TYR CE1 HE1  sing N N 352 
TYR CE2 CZ   sing Y N 353 
TYR CE2 HE2  sing N N 354 
TYR CZ  OH   sing N N 355 
TYR OH  HH   sing N N 356 
TYR OXT HXT  sing N N 357 
VAL N   CA   sing N N 358 
VAL N   H    sing N N 359 
VAL N   H2   sing N N 360 
VAL CA  C    sing N N 361 
VAL CA  CB   sing N N 362 
VAL CA  HA   sing N N 363 
VAL C   O    doub N N 364 
VAL C   OXT  sing N N 365 
VAL CB  CG1  sing N N 366 
VAL CB  CG2  sing N N 367 
VAL CB  HB   sing N N 368 
VAL CG1 HG11 sing N N 369 
VAL CG1 HG12 sing N N 370 
VAL CG1 HG13 sing N N 371 
VAL CG2 HG21 sing N N 372 
VAL CG2 HG22 sing N N 373 
VAL CG2 HG23 sing N N 374 
VAL OXT HXT  sing N N 375 
# 
_pdbx_entity_nonpoly.entity_id   2 
_pdbx_entity_nonpoly.name        water 
_pdbx_entity_nonpoly.comp_id     HOH 
# 
_pdbx_initial_refinement_model.id               1 
_pdbx_initial_refinement_model.entity_id_list   ? 
_pdbx_initial_refinement_model.type             'experimental model' 
_pdbx_initial_refinement_model.source_name      PDB 
_pdbx_initial_refinement_model.accession_code   3KJZ 
_pdbx_initial_refinement_model.details          'PDB ENTRY 3KJZ' 
# 
